data_8BDJ
#
_entry.id   8BDJ
#
_cell.length_a   93.334
_cell.length_b   93.334
_cell.length_c   365.296
_cell.angle_alpha   90.000
_cell.angle_beta   90.000
_cell.angle_gamma   90.000
#
_symmetry.space_group_name_H-M   'P 41 2 2'
#
loop_
_entity.id
_entity.type
_entity.pdbx_description
1 polymer Elongin-B
2 polymer Elongin-C
3 polymer 'von Hippel-Lindau disease tumor suppressor'
4 polymer Elongin-B
5 non-polymer (2~{S},4~{R})-~{N}-[(1~{S})-1-[4-chloranyl-2-(2-methoxyethoxy)phenyl]ethyl]-1-[(2~{R})-3-methyl-2-(3-methyl-1,2-oxazol-5-yl)butanoyl]-4-oxidanyl-pyrrolidine-2-carboxamide
6 water water
#
loop_
_entity_poly.entity_id
_entity_poly.type
_entity_poly.pdbx_seq_one_letter_code
_entity_poly.pdbx_strand_id
1 'polypeptide(L)'
;MDVFLMIRRHKTTIFTDAKESSTVFELKRIVEGILKRPPDEQRLYKDDQLLDDGKTLGECGFTSQTARPQAPATVGLAFR
ADDTFEALCIEPFSSPPELPDVMK
;
A,D,G
2 'polypeptide(L)'
;MMYVKLISSDGHEFIVKREHALTSGTIKAMLSGPGQFAENETNEVNFREIPSHVLSKVCMYFTYKVRYTNSSTEIPEFPI
APEIALELLMAANFLDC
;
B,E,H,K
3 'polypeptide(L)'
;GSMEAGRPRPVLRSVNSREPSQVIF(CAS)NRSPRVVLPVWLNFDGEPQPYPTLPPGTGRRIHSYRGHLWLFRDAGTHDG
LLVNQTELFVPSLNVDGQPIFANITLPVYTLKERCLQVVRSLVKPENYRRLDIVRSLYEDLEDHPNVQKDLERLTQERIA
HQRMGD
;
C,F,I,L
4 'polypeptide(L)'
;MDVFLMIRRHKTTIFTDAKESSTVFELKRIVEGILKRPPDEQRLYKDDQLLDDGKTLGECGFTSQTARPQAPATVGLAFR
ADDTFEAL(CAS)IEPFSSPPELPDVMK
;
J
#
# COMPACT_ATOMS: atom_id res chain seq x y z
N MET A 1 15.24 9.02 -9.41
CA MET A 1 16.22 8.96 -10.46
C MET A 1 17.34 8.00 -10.01
N ASP A 2 17.64 7.01 -10.85
CA ASP A 2 18.84 6.16 -10.75
C ASP A 2 20.08 6.99 -11.06
N VAL A 3 21.12 6.80 -10.27
CA VAL A 3 22.47 7.33 -10.54
C VAL A 3 23.39 6.12 -10.69
N PHE A 4 24.33 6.22 -11.60
CA PHE A 4 25.21 5.09 -12.01
C PHE A 4 26.64 5.42 -11.53
N LEU A 5 27.17 4.51 -10.74
CA LEU A 5 28.42 4.71 -9.95
C LEU A 5 29.45 3.63 -10.27
N MET A 6 30.71 4.01 -10.09
CA MET A 6 31.92 3.18 -9.86
C MET A 6 32.38 3.50 -8.43
N ILE A 7 32.33 2.53 -7.55
CA ILE A 7 32.87 2.67 -6.18
C ILE A 7 34.26 2.03 -6.21
N ARG A 8 35.30 2.82 -5.91
CA ARG A 8 36.70 2.46 -6.24
C ARG A 8 37.56 2.49 -4.97
N ARG A 9 38.32 1.45 -4.76
CA ARG A 9 39.39 1.36 -3.72
C ARG A 9 40.51 0.51 -4.25
N HIS A 10 41.73 1.01 -4.21
CA HIS A 10 42.96 0.30 -4.63
C HIS A 10 42.69 -0.21 -6.06
N LYS A 11 42.60 -1.53 -6.22
CA LYS A 11 42.41 -2.19 -7.53
C LYS A 11 41.02 -2.79 -7.63
N THR A 12 40.09 -2.33 -6.80
CA THR A 12 38.67 -2.79 -6.78
C THR A 12 37.81 -1.68 -7.37
N THR A 13 36.91 -2.04 -8.28
CA THR A 13 35.90 -1.10 -8.85
C THR A 13 34.55 -1.82 -8.85
N ILE A 14 33.56 -1.30 -8.12
CA ILE A 14 32.18 -1.82 -8.14
C ILE A 14 31.33 -0.95 -9.08
N PHE A 15 30.68 -1.56 -10.07
CA PHE A 15 29.61 -0.92 -10.87
C PHE A 15 28.28 -1.21 -10.20
N THR A 16 27.57 -0.17 -9.76
CA THR A 16 26.20 -0.34 -9.23
C THR A 16 25.45 0.97 -9.52
N ASP A 17 24.14 0.94 -9.30
CA ASP A 17 23.28 2.13 -9.39
C ASP A 17 22.59 2.27 -8.03
N ALA A 18 22.07 3.45 -7.76
CA ALA A 18 21.33 3.79 -6.52
C ALA A 18 20.37 4.92 -6.82
N LYS A 19 19.44 5.20 -5.93
CA LYS A 19 18.54 6.38 -6.12
C LYS A 19 19.28 7.66 -5.73
N GLU A 20 19.03 8.75 -6.41
CA GLU A 20 19.51 10.10 -6.04
C GLU A 20 19.11 10.41 -4.57
N SER A 21 17.95 9.94 -4.15
CA SER A 21 17.38 10.20 -2.81
C SER A 21 17.95 9.21 -1.78
N SER A 22 18.72 8.21 -2.18
CA SER A 22 19.28 7.24 -1.22
C SER A 22 20.49 7.90 -0.53
N THR A 23 20.89 7.42 0.63
CA THR A 23 21.89 8.05 1.51
C THR A 23 23.23 7.38 1.34
N VAL A 24 24.27 8.11 1.72
CA VAL A 24 25.66 7.63 1.83
C VAL A 24 25.70 6.35 2.66
N PHE A 25 24.98 6.31 3.78
CA PHE A 25 24.94 5.13 4.68
C PHE A 25 24.36 3.94 3.91
N GLU A 26 23.29 4.17 3.15
CA GLU A 26 22.61 3.08 2.38
C GLU A 26 23.56 2.54 1.31
N LEU A 27 24.41 3.40 0.76
CA LEU A 27 25.46 2.97 -0.19
C LEU A 27 26.52 2.14 0.55
N LYS A 28 26.86 2.46 1.81
CA LYS A 28 27.78 1.62 2.60
C LYS A 28 27.15 0.24 2.82
N ARG A 29 25.83 0.15 3.03
CA ARG A 29 25.15 -1.16 3.15
C ARG A 29 25.29 -1.94 1.82
N ILE A 30 25.15 -1.27 0.68
CA ILE A 30 25.41 -1.93 -0.63
C ILE A 30 26.83 -2.50 -0.62
N VAL A 31 27.82 -1.71 -0.26
CA VAL A 31 29.25 -2.13 -0.31
C VAL A 31 29.45 -3.28 0.67
N GLU A 32 28.76 -3.27 1.81
CA GLU A 32 28.87 -4.35 2.80
C GLU A 32 28.44 -5.69 2.21
N GLY A 33 27.30 -5.72 1.53
CA GLY A 33 26.75 -6.91 0.86
C GLY A 33 27.77 -7.48 -0.08
N ILE A 34 28.63 -6.66 -0.70
CA ILE A 34 29.58 -7.09 -1.76
C ILE A 34 30.93 -7.38 -1.13
N LEU A 35 31.51 -6.49 -0.35
CA LEU A 35 32.93 -6.62 0.08
C LEU A 35 33.00 -7.11 1.54
N LYS A 36 31.84 -7.31 2.21
CA LYS A 36 31.71 -7.91 3.57
C LYS A 36 32.47 -7.06 4.61
N ARG A 37 32.34 -5.75 4.55
CA ARG A 37 32.91 -4.82 5.56
C ARG A 37 31.79 -3.91 6.02
N PRO A 38 31.52 -3.79 7.35
CA PRO A 38 30.36 -3.04 7.81
C PRO A 38 30.55 -1.55 7.54
N PRO A 39 29.42 -0.79 7.50
CA PRO A 39 29.47 0.65 7.30
C PRO A 39 30.50 1.39 8.17
N ASP A 40 30.64 1.04 9.43
CA ASP A 40 31.52 1.78 10.38
C ASP A 40 32.99 1.54 10.03
N GLU A 41 33.33 0.58 9.14
CA GLU A 41 34.73 0.36 8.68
C GLU A 41 34.93 0.97 7.28
N GLN A 42 34.01 1.82 6.84
CA GLN A 42 34.01 2.42 5.47
C GLN A 42 33.99 3.93 5.55
N ARG A 43 34.80 4.58 4.72
CA ARG A 43 34.62 5.99 4.36
C ARG A 43 34.37 6.08 2.85
N LEU A 44 33.42 6.93 2.46
CA LEU A 44 33.11 7.19 1.02
C LEU A 44 33.45 8.66 0.74
N TYR A 45 34.01 8.92 -0.45
CA TYR A 45 34.54 10.22 -0.89
C TYR A 45 33.93 10.59 -2.24
N LYS A 46 33.69 11.87 -2.46
CA LYS A 46 33.58 12.45 -3.81
C LYS A 46 34.85 13.26 -4.04
N ASP A 47 35.67 12.83 -5.00
CA ASP A 47 37.04 13.34 -5.19
C ASP A 47 37.71 13.21 -3.81
N ASP A 48 38.25 14.30 -3.24
CA ASP A 48 39.03 14.22 -1.98
C ASP A 48 38.14 14.47 -0.75
N GLN A 49 36.84 14.66 -0.96
CA GLN A 49 35.92 15.18 0.08
C GLN A 49 35.18 14.02 0.76
N LEU A 50 35.31 13.88 2.08
CA LEU A 50 34.59 12.84 2.87
C LEU A 50 33.08 13.13 2.81
N LEU A 51 32.26 12.13 2.56
CA LEU A 51 30.79 12.28 2.51
C LEU A 51 30.19 11.84 3.84
N ASP A 52 29.16 12.57 4.29
CA ASP A 52 28.41 12.36 5.55
C ASP A 52 27.30 11.32 5.32
N ASP A 53 27.23 10.34 6.22
CA ASP A 53 26.28 9.21 6.19
C ASP A 53 24.87 9.67 5.87
N GLY A 54 24.38 10.75 6.43
CA GLY A 54 22.95 11.10 6.41
C GLY A 54 22.62 11.84 5.14
N LYS A 55 23.62 12.19 4.32
CA LYS A 55 23.37 12.96 3.10
C LYS A 55 22.86 12.03 2.00
N THR A 56 22.00 12.56 1.14
CA THR A 56 21.57 11.88 -0.09
C THR A 56 22.69 11.97 -1.13
N LEU A 57 22.69 11.05 -2.07
CA LEU A 57 23.69 10.99 -3.15
C LEU A 57 23.49 12.27 -3.97
N GLY A 58 22.26 12.71 -4.17
CA GLY A 58 21.93 13.99 -4.85
C GLY A 58 22.60 15.15 -4.17
N GLU A 59 22.48 15.26 -2.85
CA GLU A 59 23.12 16.33 -2.04
C GLU A 59 24.63 16.22 -2.11
N CYS A 60 25.18 15.03 -2.31
CA CYS A 60 26.65 14.81 -2.49
C CYS A 60 27.08 15.03 -3.94
N GLY A 61 26.15 15.36 -4.85
CA GLY A 61 26.45 15.76 -6.23
C GLY A 61 26.41 14.63 -7.24
N PHE A 62 25.84 13.49 -6.88
CA PHE A 62 25.55 12.37 -7.81
C PHE A 62 24.14 12.56 -8.28
N THR A 63 24.00 13.04 -9.50
CA THR A 63 22.72 13.34 -10.17
C THR A 63 22.68 12.57 -11.48
N SER A 64 21.48 12.40 -12.02
CA SER A 64 21.28 11.81 -13.35
C SER A 64 22.16 12.53 -14.39
N GLN A 65 22.41 13.83 -14.26
CA GLN A 65 23.22 14.56 -15.26
C GLN A 65 24.67 14.07 -15.19
N THR A 66 25.18 13.77 -13.99
CA THR A 66 26.63 13.57 -13.78
C THR A 66 26.93 12.10 -13.58
N ALA A 67 25.94 11.23 -13.47
CA ALA A 67 26.19 9.82 -13.05
C ALA A 67 25.40 8.91 -13.97
N ARG A 68 25.88 8.80 -15.22
CA ARG A 68 25.14 8.18 -16.34
C ARG A 68 25.63 6.74 -16.52
N PRO A 69 24.78 5.86 -17.07
CA PRO A 69 25.13 4.47 -17.28
C PRO A 69 26.45 4.30 -18.03
N GLN A 70 26.65 5.07 -19.09
CA GLN A 70 27.79 4.97 -20.01
C GLN A 70 28.94 5.86 -19.57
N ALA A 71 28.77 6.62 -18.48
CA ALA A 71 29.83 7.50 -17.92
C ALA A 71 29.55 7.67 -16.43
N PRO A 72 29.71 6.59 -15.63
CA PRO A 72 29.29 6.61 -14.22
C PRO A 72 30.20 7.50 -13.41
N ALA A 73 29.67 8.01 -12.30
CA ALA A 73 30.47 8.88 -11.39
C ALA A 73 31.26 7.96 -10.44
N THR A 74 32.41 8.38 -10.02
CA THR A 74 33.34 7.64 -9.15
C THR A 74 33.09 8.07 -7.68
N VAL A 75 32.84 7.07 -6.84
CA VAL A 75 32.88 7.19 -5.38
C VAL A 75 34.16 6.54 -4.87
N GLY A 76 34.99 7.29 -4.12
CA GLY A 76 36.16 6.75 -3.42
C GLY A 76 35.75 5.98 -2.19
N LEU A 77 36.44 4.88 -1.90
CA LEU A 77 36.22 4.04 -0.71
C LEU A 77 37.53 3.80 0.02
N ALA A 78 37.52 4.01 1.34
CA ALA A 78 38.63 3.68 2.28
C ALA A 78 38.10 2.80 3.41
N PHE A 79 38.87 1.79 3.77
CA PHE A 79 38.61 0.83 4.87
C PHE A 79 39.37 1.24 6.15
N ARG A 80 38.75 0.99 7.29
CA ARG A 80 39.41 1.01 8.62
C ARG A 80 40.11 -0.34 8.78
N ALA A 81 41.44 -0.35 8.86
CA ALA A 81 42.20 -1.51 9.37
C ALA A 81 42.35 -1.36 10.90
N ASP A 82 41.60 -2.14 11.68
CA ASP A 82 41.71 -2.20 13.16
C ASP A 82 41.40 -0.81 13.74
N ASP A 83 42.39 -0.09 14.31
CA ASP A 83 42.18 1.20 15.01
C ASP A 83 41.70 2.25 13.99
N THR A 84 42.47 2.52 12.92
CA THR A 84 42.39 3.78 12.13
C THR A 84 42.20 3.49 10.62
N PHE A 85 41.77 4.50 9.89
CA PHE A 85 41.41 4.43 8.44
C PHE A 85 42.68 4.61 7.62
N GLU A 86 42.88 3.77 6.61
CA GLU A 86 43.88 3.99 5.53
C GLU A 86 43.50 5.28 4.81
N ALA A 87 44.49 5.93 4.20
CA ALA A 87 44.31 7.05 3.25
C ALA A 87 43.53 6.52 2.01
N LEU A 88 42.65 7.35 1.46
CA LEU A 88 41.98 7.09 0.16
C LEU A 88 43.05 6.79 -0.90
N CYS A 89 43.08 5.58 -1.45
CA CYS A 89 44.04 5.27 -2.54
C CYS A 89 43.26 4.55 -3.65
N ILE A 90 43.28 5.13 -4.85
CA ILE A 90 42.64 4.57 -6.06
C ILE A 90 43.72 4.35 -7.12
N GLU A 91 43.98 3.10 -7.46
CA GLU A 91 44.95 2.78 -8.53
C GLU A 91 44.35 3.23 -9.85
N PRO A 92 45.08 4.00 -10.66
CA PRO A 92 44.60 4.35 -11.99
C PRO A 92 44.51 3.09 -12.86
N PHE A 93 43.63 3.12 -13.86
CA PHE A 93 43.58 2.11 -14.94
C PHE A 93 44.88 2.24 -15.77
N SER A 94 45.24 1.20 -16.51
CA SER A 94 46.32 1.22 -17.51
C SER A 94 46.12 2.37 -18.52
N SER A 95 47.19 2.77 -19.15
CA SER A 95 47.30 3.82 -20.20
C SER A 95 47.09 3.16 -21.57
N PRO A 96 46.24 3.75 -22.42
CA PRO A 96 46.16 3.30 -23.79
C PRO A 96 47.50 3.52 -24.49
N PRO A 97 47.83 2.72 -25.50
CA PRO A 97 48.96 3.04 -26.38
C PRO A 97 48.71 4.33 -27.20
N GLU A 98 49.79 4.80 -27.81
CA GLU A 98 49.81 5.88 -28.81
C GLU A 98 48.78 5.59 -29.90
N LEU A 99 47.99 6.56 -30.36
CA LEU A 99 47.21 6.39 -31.61
C LEU A 99 48.15 5.95 -32.71
N PRO A 100 47.82 4.89 -33.49
CA PRO A 100 48.56 4.60 -34.71
C PRO A 100 48.49 5.79 -35.67
N ASP A 101 49.47 5.92 -36.58
CA ASP A 101 49.58 7.04 -37.56
C ASP A 101 48.26 7.15 -38.33
N VAL A 102 47.76 6.02 -38.82
CA VAL A 102 46.58 5.92 -39.74
C VAL A 102 45.29 6.30 -39.03
N MET A 103 45.29 6.53 -37.71
CA MET A 103 44.09 7.00 -36.95
C MET A 103 44.24 8.48 -36.61
N LYS A 104 45.47 9.02 -36.70
CA LYS A 104 45.76 10.48 -36.59
C LYS A 104 45.25 11.11 -37.89
N MET B 1 21.11 -8.58 -5.80
CA MET B 1 21.76 -9.00 -7.07
C MET B 1 22.98 -9.88 -6.75
N MET B 2 23.11 -11.02 -7.41
CA MET B 2 24.40 -11.70 -7.59
C MET B 2 25.29 -10.75 -8.40
N TYR B 3 26.50 -10.59 -7.91
CA TYR B 3 27.62 -9.92 -8.56
C TYR B 3 28.66 -11.00 -8.96
N VAL B 4 29.45 -10.67 -9.95
CA VAL B 4 30.63 -11.45 -10.41
C VAL B 4 31.82 -10.49 -10.50
N LYS B 5 32.99 -11.07 -10.40
CA LYS B 5 34.23 -10.30 -10.52
C LYS B 5 34.89 -10.59 -11.87
N LEU B 6 35.19 -9.54 -12.61
CA LEU B 6 35.92 -9.65 -13.89
C LEU B 6 37.28 -9.01 -13.63
N ILE B 7 38.36 -9.75 -13.86
CA ILE B 7 39.73 -9.27 -13.51
C ILE B 7 40.51 -8.99 -14.80
N SER B 8 41.01 -7.79 -14.95
CA SER B 8 41.78 -7.37 -16.17
C SER B 8 43.17 -8.01 -16.15
N SER B 9 43.91 -7.83 -17.26
CA SER B 9 45.27 -8.40 -17.45
C SER B 9 46.24 -7.78 -16.44
N ASP B 10 46.03 -6.51 -16.05
CA ASP B 10 46.85 -5.78 -15.04
C ASP B 10 46.30 -5.93 -13.60
N GLY B 11 45.44 -6.90 -13.29
CA GLY B 11 44.98 -7.19 -11.90
C GLY B 11 43.86 -6.24 -11.35
N HIS B 12 43.23 -5.37 -12.13
CA HIS B 12 42.08 -4.58 -11.61
C HIS B 12 40.87 -5.51 -11.53
N GLU B 13 40.14 -5.44 -10.43
CA GLU B 13 38.93 -6.26 -10.19
C GLU B 13 37.69 -5.37 -10.39
N PHE B 14 36.86 -5.75 -11.34
CA PHE B 14 35.57 -5.09 -11.64
C PHE B 14 34.46 -5.98 -11.11
N ILE B 15 33.66 -5.46 -10.19
CA ILE B 15 32.52 -6.20 -9.64
C ILE B 15 31.24 -5.63 -10.25
N VAL B 16 30.52 -6.46 -11.02
CA VAL B 16 29.33 -6.03 -11.80
C VAL B 16 28.22 -7.01 -11.49
N LYS B 17 26.97 -6.60 -11.64
CA LYS B 17 25.85 -7.55 -11.58
C LYS B 17 26.10 -8.70 -12.58
N ARG B 18 25.84 -9.92 -12.12
CA ARG B 18 25.86 -11.16 -12.95
C ARG B 18 24.98 -10.97 -14.21
N GLU B 19 23.75 -10.51 -14.02
CA GLU B 19 22.81 -10.25 -15.16
C GLU B 19 23.50 -9.33 -16.19
N HIS B 20 24.26 -8.33 -15.76
CA HIS B 20 24.95 -7.39 -16.67
C HIS B 20 26.07 -8.16 -17.41
N ALA B 21 26.85 -8.97 -16.69
CA ALA B 21 28.00 -9.69 -17.28
C ALA B 21 27.50 -10.68 -18.33
N LEU B 22 26.30 -11.24 -18.13
CA LEU B 22 25.71 -12.23 -19.06
C LEU B 22 25.31 -11.57 -20.38
N THR B 23 25.32 -10.25 -20.51
CA THR B 23 25.30 -9.60 -21.86
C THR B 23 26.32 -10.29 -22.79
N SER B 24 27.46 -10.73 -22.25
CA SER B 24 28.50 -11.41 -23.05
C SER B 24 28.25 -12.92 -23.03
N GLY B 25 27.99 -13.51 -24.20
CA GLY B 25 27.87 -14.98 -24.30
C GLY B 25 29.19 -15.63 -23.92
N THR B 26 30.32 -15.01 -24.22
CA THR B 26 31.65 -15.53 -23.87
C THR B 26 31.77 -15.62 -22.35
N ILE B 27 31.40 -14.57 -21.63
CA ILE B 27 31.49 -14.52 -20.15
C ILE B 27 30.52 -15.55 -19.59
N LYS B 28 29.33 -15.68 -20.13
CA LYS B 28 28.35 -16.68 -19.65
C LYS B 28 28.99 -18.07 -19.68
N ALA B 29 29.71 -18.43 -20.77
CA ALA B 29 30.39 -19.74 -20.91
C ALA B 29 31.51 -19.86 -19.87
N MET B 30 32.25 -18.80 -19.63
CA MET B 30 33.38 -18.87 -18.67
C MET B 30 32.87 -19.03 -17.24
N LEU B 31 31.68 -18.55 -16.93
CA LEU B 31 31.11 -18.62 -15.54
C LEU B 31 30.39 -19.94 -15.36
N SER B 32 29.63 -20.41 -16.36
CA SER B 32 28.77 -21.62 -16.26
C SER B 32 29.65 -22.86 -16.50
N GLY B 33 30.62 -22.80 -17.41
CA GLY B 33 31.38 -23.98 -17.88
C GLY B 33 30.48 -24.77 -18.84
N PRO B 34 30.92 -25.92 -19.40
CA PRO B 34 30.02 -26.79 -20.17
C PRO B 34 29.11 -27.65 -19.28
N THR B 42 31.81 -20.84 -10.75
CA THR B 42 32.67 -19.74 -10.22
C THR B 42 32.00 -18.37 -10.45
N ASN B 43 32.38 -17.41 -9.59
CA ASN B 43 31.93 -16.01 -9.70
C ASN B 43 33.11 -15.09 -10.01
N GLU B 44 34.23 -15.62 -10.55
CA GLU B 44 35.39 -14.79 -11.00
C GLU B 44 35.76 -15.22 -12.41
N VAL B 45 36.15 -14.26 -13.24
CA VAL B 45 36.74 -14.53 -14.57
C VAL B 45 37.96 -13.63 -14.72
N ASN B 46 39.06 -14.19 -15.19
CA ASN B 46 40.33 -13.47 -15.46
C ASN B 46 40.45 -13.27 -16.96
N PHE B 47 40.85 -12.09 -17.40
CA PHE B 47 41.05 -11.82 -18.84
C PHE B 47 42.53 -11.50 -19.02
N ARG B 48 43.30 -12.51 -19.39
CA ARG B 48 44.75 -12.34 -19.64
C ARG B 48 45.02 -11.30 -20.72
N GLU B 49 44.06 -11.04 -21.58
CA GLU B 49 44.30 -10.18 -22.78
C GLU B 49 43.57 -8.84 -22.69
N ILE B 50 42.80 -8.55 -21.65
CA ILE B 50 42.01 -7.29 -21.63
C ILE B 50 42.51 -6.42 -20.48
N PRO B 51 43.20 -5.31 -20.78
CA PRO B 51 43.65 -4.38 -19.75
C PRO B 51 42.48 -3.54 -19.15
N SER B 52 42.75 -2.92 -18.03
CA SER B 52 41.75 -2.25 -17.17
C SER B 52 41.11 -1.06 -17.89
N HIS B 53 41.86 -0.31 -18.70
CA HIS B 53 41.30 0.81 -19.47
C HIS B 53 40.30 0.31 -20.52
N VAL B 54 40.37 -0.95 -20.93
CA VAL B 54 39.40 -1.57 -21.87
C VAL B 54 38.26 -2.24 -21.06
N LEU B 55 38.59 -2.99 -20.03
CA LEU B 55 37.54 -3.76 -19.29
C LEU B 55 36.59 -2.80 -18.55
N SER B 56 37.09 -1.67 -18.05
CA SER B 56 36.23 -0.64 -17.41
C SER B 56 35.18 -0.19 -18.43
N LYS B 57 35.58 0.08 -19.66
CA LYS B 57 34.64 0.49 -20.75
C LYS B 57 33.64 -0.62 -21.08
N VAL B 58 34.10 -1.86 -21.16
CA VAL B 58 33.18 -3.00 -21.37
C VAL B 58 32.11 -2.97 -20.28
N CYS B 59 32.49 -2.76 -19.02
CA CYS B 59 31.49 -2.75 -17.91
C CYS B 59 30.53 -1.57 -18.09
N MET B 60 30.99 -0.43 -18.55
CA MET B 60 30.09 0.72 -18.78
C MET B 60 29.11 0.32 -19.88
N TYR B 61 29.58 -0.43 -20.90
CA TYR B 61 28.73 -0.87 -22.02
C TYR B 61 27.64 -1.76 -21.46
N PHE B 62 27.96 -2.73 -20.61
CA PHE B 62 26.94 -3.60 -19.98
C PHE B 62 25.89 -2.74 -19.30
N THR B 63 26.30 -1.75 -18.52
CA THR B 63 25.35 -0.91 -17.76
C THR B 63 24.42 -0.19 -18.78
N TYR B 64 25.01 0.41 -19.82
CA TYR B 64 24.33 1.14 -20.90
C TYR B 64 23.32 0.24 -21.59
N LYS B 65 23.76 -0.94 -21.96
CA LYS B 65 22.90 -1.89 -22.70
C LYS B 65 21.70 -2.32 -21.86
N VAL B 66 21.92 -2.70 -20.60
CA VAL B 66 20.78 -3.15 -19.74
C VAL B 66 19.85 -1.94 -19.48
N ARG B 67 20.38 -0.74 -19.34
CA ARG B 67 19.54 0.44 -19.03
C ARG B 67 18.67 0.76 -20.24
N TYR B 68 19.22 0.72 -21.45
CA TYR B 68 18.56 1.30 -22.63
C TYR B 68 17.91 0.26 -23.54
N THR B 69 18.08 -1.04 -23.33
CA THR B 69 17.43 -2.07 -24.17
C THR B 69 15.92 -2.03 -23.91
N ASN B 70 15.09 -1.99 -24.96
CA ASN B 70 13.62 -1.90 -24.85
C ASN B 70 13.22 -0.68 -24.01
N SER B 71 13.64 0.50 -24.46
CA SER B 71 13.39 1.80 -23.80
C SER B 71 12.87 2.79 -24.85
N SER B 72 11.74 3.47 -24.56
CA SER B 72 11.14 4.55 -25.39
C SER B 72 11.92 5.85 -25.15
N THR B 73 12.44 6.04 -23.92
CA THR B 73 13.34 7.18 -23.54
C THR B 73 14.47 7.26 -24.56
N GLU B 74 14.67 8.41 -25.21
CA GLU B 74 15.67 8.64 -26.26
C GLU B 74 17.03 8.11 -25.78
N ILE B 75 17.72 7.38 -26.65
CA ILE B 75 18.99 6.69 -26.33
C ILE B 75 20.14 7.61 -26.69
N PRO B 76 21.08 7.88 -25.78
CA PRO B 76 22.31 8.60 -26.11
C PRO B 76 23.37 7.63 -26.67
N GLU B 77 24.32 8.24 -27.37
CA GLU B 77 25.46 7.60 -28.05
C GLU B 77 26.35 6.96 -26.97
N PHE B 78 26.76 5.69 -27.14
CA PHE B 78 27.86 5.11 -26.34
C PHE B 78 29.19 5.72 -26.81
N PRO B 79 29.89 6.50 -25.98
CA PRO B 79 31.08 7.22 -26.41
C PRO B 79 32.30 6.28 -26.32
N ILE B 80 33.19 6.35 -27.32
CA ILE B 80 34.48 5.63 -27.35
C ILE B 80 35.58 6.62 -27.79
N ALA B 81 36.58 6.85 -26.93
CA ALA B 81 37.79 7.62 -27.27
C ALA B 81 38.54 6.91 -28.40
N PRO B 82 39.03 7.68 -29.40
CA PRO B 82 39.87 7.14 -30.45
C PRO B 82 40.96 6.22 -29.90
N GLU B 83 41.57 6.60 -28.79
CA GLU B 83 42.78 5.94 -28.23
C GLU B 83 42.47 4.50 -27.84
N ILE B 84 41.22 4.18 -27.49
CA ILE B 84 40.92 2.82 -26.99
C ILE B 84 40.13 2.02 -28.04
N ALA B 85 39.77 2.61 -29.17
CA ALA B 85 38.79 2.00 -30.11
C ALA B 85 39.30 0.63 -30.58
N LEU B 86 40.56 0.56 -30.95
CA LEU B 86 41.13 -0.67 -31.55
C LEU B 86 41.11 -1.80 -30.52
N GLU B 87 41.55 -1.55 -29.30
CA GLU B 87 41.59 -2.60 -28.25
C GLU B 87 40.15 -2.95 -27.82
N LEU B 88 39.26 -1.98 -27.75
CA LEU B 88 37.84 -2.22 -27.37
C LEU B 88 37.18 -3.07 -28.46
N LEU B 89 37.52 -2.83 -29.73
CA LEU B 89 36.99 -3.65 -30.86
C LEU B 89 37.44 -5.09 -30.66
N MET B 90 38.71 -5.33 -30.34
CA MET B 90 39.21 -6.73 -30.18
C MET B 90 38.50 -7.35 -28.96
N ALA B 91 38.28 -6.60 -27.88
CA ALA B 91 37.62 -7.17 -26.70
C ALA B 91 36.17 -7.50 -27.04
N ALA B 92 35.48 -6.61 -27.77
CA ALA B 92 34.05 -6.77 -28.09
C ALA B 92 33.90 -8.02 -28.95
N ASN B 93 34.84 -8.20 -29.87
CA ASN B 93 34.86 -9.36 -30.79
C ASN B 93 35.01 -10.67 -30.01
N PHE B 94 35.92 -10.74 -29.03
CA PHE B 94 36.14 -11.95 -28.18
C PHE B 94 34.89 -12.20 -27.30
N LEU B 95 34.32 -11.14 -26.72
CA LEU B 95 33.22 -11.22 -25.72
C LEU B 95 31.86 -11.39 -26.39
N ASP B 96 31.78 -11.17 -27.70
CA ASP B 96 30.51 -11.27 -28.46
C ASP B 96 29.46 -10.36 -27.80
N CYS B 97 29.76 -9.09 -27.65
CA CYS B 97 28.75 -8.11 -27.17
C CYS B 97 28.76 -6.85 -28.05
N VAL C 11 9.36 -7.36 -53.20
CA VAL C 11 8.44 -7.74 -52.06
C VAL C 11 8.34 -6.54 -51.10
N LEU C 12 9.45 -5.89 -50.70
CA LEU C 12 9.42 -4.65 -49.87
C LEU C 12 9.27 -3.43 -50.78
N ARG C 13 8.07 -2.91 -50.88
CA ARG C 13 7.80 -1.75 -51.76
C ARG C 13 6.61 -0.99 -51.17
N SER C 14 6.48 0.28 -51.51
CA SER C 14 5.32 1.07 -51.09
C SER C 14 4.14 0.55 -51.89
N VAL C 15 2.99 0.55 -51.26
CA VAL C 15 1.67 0.37 -51.93
C VAL C 15 1.24 1.73 -52.49
N ASN C 16 0.79 1.76 -53.74
CA ASN C 16 0.34 2.99 -54.42
C ASN C 16 -1.12 3.31 -54.03
N SER C 17 -1.34 3.71 -52.77
CA SER C 17 -2.71 3.98 -52.21
C SER C 17 -3.28 5.30 -52.81
N ARG C 18 -2.41 6.28 -53.05
CA ARG C 18 -2.84 7.66 -53.37
C ARG C 18 -3.71 8.23 -52.24
N GLU C 19 -3.58 7.74 -51.01
CA GLU C 19 -4.32 8.28 -49.85
C GLU C 19 -3.34 9.07 -48.99
N PRO C 20 -3.35 10.42 -49.06
CA PRO C 20 -2.42 11.23 -48.29
C PRO C 20 -2.38 10.85 -46.82
N SER C 21 -1.17 10.86 -46.25
CA SER C 21 -0.89 10.64 -44.81
C SER C 21 0.19 11.64 -44.41
N GLN C 22 -0.16 12.53 -43.48
CA GLN C 22 0.74 13.57 -42.96
C GLN C 22 1.63 12.94 -41.88
N VAL C 23 2.92 13.24 -41.88
CA VAL C 23 3.87 12.56 -40.97
C VAL C 23 4.82 13.62 -40.41
N ILE C 24 5.19 13.49 -39.14
CA ILE C 24 6.35 14.25 -38.58
C ILE C 24 7.55 13.30 -38.45
N PHE C 25 8.62 13.56 -39.17
CA PHE C 25 9.93 12.92 -38.98
C PHE C 25 10.57 13.67 -37.83
N ASN C 27 13.78 13.57 -35.46
CA ASN C 27 15.10 13.01 -35.30
C ASN C 27 15.55 13.16 -33.83
N ARG C 28 15.29 12.15 -33.00
CA ARG C 28 15.75 12.12 -31.59
C ARG C 28 17.07 11.34 -31.47
N SER C 29 18.00 11.56 -32.39
CA SER C 29 19.31 10.92 -32.44
C SER C 29 20.32 12.04 -32.56
N PRO C 30 21.59 11.78 -32.24
CA PRO C 30 22.65 12.76 -32.47
C PRO C 30 23.21 12.69 -33.89
N ARG C 31 22.62 11.87 -34.76
CA ARG C 31 23.12 11.70 -36.14
C ARG C 31 22.35 12.61 -37.10
N VAL C 32 23.01 12.97 -38.20
CA VAL C 32 22.34 13.49 -39.41
C VAL C 32 21.58 12.32 -40.01
N VAL C 33 20.28 12.48 -40.18
CA VAL C 33 19.40 11.37 -40.63
C VAL C 33 19.08 11.51 -42.13
N LEU C 34 19.22 10.42 -42.85
CA LEU C 34 18.77 10.22 -44.25
C LEU C 34 17.48 9.42 -44.21
N PRO C 35 16.33 10.05 -44.56
CA PRO C 35 15.10 9.29 -44.74
C PRO C 35 15.18 8.62 -46.13
N VAL C 36 14.70 7.38 -46.20
CA VAL C 36 14.70 6.59 -47.44
C VAL C 36 13.30 6.05 -47.69
N TRP C 37 12.72 6.39 -48.84
CA TRP C 37 11.41 5.93 -49.29
C TRP C 37 11.62 4.72 -50.20
N LEU C 38 10.97 3.60 -49.91
CA LEU C 38 10.94 2.46 -50.85
C LEU C 38 9.87 2.71 -51.93
N ASN C 39 10.29 2.91 -53.18
CA ASN C 39 9.34 3.33 -54.23
C ASN C 39 8.52 2.10 -54.64
N PHE C 40 7.69 2.24 -55.66
CA PHE C 40 6.70 1.21 -56.03
C PHE C 40 7.39 0.01 -56.69
N ASP C 41 8.65 0.16 -57.13
CA ASP C 41 9.50 -0.95 -57.59
C ASP C 41 10.38 -1.51 -56.47
N GLY C 42 10.37 -0.98 -55.25
CA GLY C 42 11.25 -1.45 -54.17
C GLY C 42 12.61 -0.78 -54.22
N GLU C 43 12.80 0.23 -55.06
CA GLU C 43 14.09 0.97 -55.13
C GLU C 43 14.11 2.00 -54.02
N PRO C 44 15.22 2.10 -53.28
CA PRO C 44 15.35 3.09 -52.23
C PRO C 44 15.52 4.48 -52.83
N GLN C 45 14.70 5.44 -52.40
CA GLN C 45 14.83 6.85 -52.83
C GLN C 45 15.22 7.67 -51.60
N PRO C 46 16.39 8.30 -51.62
CA PRO C 46 16.78 9.21 -50.57
C PRO C 46 16.05 10.55 -50.61
N TYR C 47 15.75 11.08 -49.42
CA TYR C 47 15.06 12.38 -49.23
C TYR C 47 16.05 13.28 -48.52
N PRO C 48 15.85 14.61 -48.50
CA PRO C 48 16.73 15.52 -47.79
C PRO C 48 16.93 15.16 -46.32
N THR C 49 18.12 15.42 -45.83
CA THR C 49 18.59 14.92 -44.51
C THR C 49 17.97 15.80 -43.41
N LEU C 50 17.93 15.30 -42.20
CA LEU C 50 17.46 16.01 -40.99
C LEU C 50 18.61 16.15 -40.01
N PRO C 51 18.99 17.38 -39.62
CA PRO C 51 20.00 17.57 -38.58
C PRO C 51 19.56 16.93 -37.27
N PRO C 52 20.54 16.63 -36.38
CA PRO C 52 20.25 16.09 -35.05
C PRO C 52 19.23 16.90 -34.23
N GLY C 53 18.27 16.23 -33.60
CA GLY C 53 17.28 16.87 -32.70
C GLY C 53 16.28 17.76 -33.40
N THR C 54 16.13 17.66 -34.74
CA THR C 54 15.15 18.44 -35.53
C THR C 54 14.02 17.54 -36.04
N GLY C 55 12.92 18.19 -36.42
CA GLY C 55 11.71 17.60 -36.97
C GLY C 55 11.41 18.16 -38.36
N ARG C 56 10.58 17.48 -39.11
CA ARG C 56 10.14 17.93 -40.45
C ARG C 56 8.76 17.35 -40.68
N ARG C 57 7.83 18.22 -41.06
CA ARG C 57 6.50 17.83 -41.53
C ARG C 57 6.64 17.32 -42.97
N ILE C 58 6.16 16.13 -43.28
CA ILE C 58 6.27 15.66 -44.67
C ILE C 58 4.93 15.06 -45.08
N HIS C 59 4.63 15.13 -46.37
CA HIS C 59 3.40 14.60 -46.98
C HIS C 59 3.77 13.26 -47.61
N SER C 60 3.19 12.19 -47.10
CA SER C 60 3.43 10.82 -47.58
C SER C 60 2.05 10.23 -47.86
N TYR C 61 1.93 8.91 -47.81
CA TYR C 61 0.69 8.20 -48.23
C TYR C 61 0.58 6.93 -47.40
N ARG C 62 -0.67 6.52 -47.16
CA ARG C 62 -0.95 5.24 -46.48
C ARG C 62 -0.25 4.11 -47.24
N GLY C 63 0.41 3.21 -46.54
CA GLY C 63 0.97 2.01 -47.16
C GLY C 63 2.34 2.30 -47.73
N HIS C 64 2.88 3.51 -47.56
CA HIS C 64 4.25 3.81 -48.07
C HIS C 64 5.27 3.29 -47.05
N LEU C 65 6.44 2.86 -47.49
CA LEU C 65 7.48 2.28 -46.60
C LEU C 65 8.66 3.26 -46.54
N TRP C 66 9.13 3.53 -45.33
CA TRP C 66 10.27 4.40 -45.03
C TRP C 66 11.25 3.66 -44.12
N LEU C 67 12.52 3.98 -44.26
CA LEU C 67 13.53 3.57 -43.29
C LEU C 67 14.52 4.74 -43.15
N PHE C 68 15.34 4.72 -42.11
CA PHE C 68 16.15 5.88 -41.73
C PHE C 68 17.55 5.39 -41.43
N ARG C 69 18.53 6.13 -41.94
CA ARG C 69 19.95 5.83 -41.75
C ARG C 69 20.68 7.08 -41.33
N ASP C 70 21.88 6.92 -40.78
CA ASP C 70 22.88 8.01 -40.66
C ASP C 70 23.28 8.41 -42.07
N ALA C 71 23.16 9.68 -42.41
CA ALA C 71 23.41 10.18 -43.78
C ALA C 71 24.86 9.97 -44.17
N GLY C 72 25.78 10.04 -43.23
CA GLY C 72 27.23 9.99 -43.49
C GLY C 72 27.74 8.55 -43.62
N THR C 73 27.25 7.63 -42.83
CA THR C 73 27.86 6.28 -42.68
C THR C 73 26.87 5.19 -43.10
N HIS C 74 25.59 5.51 -43.19
CA HIS C 74 24.49 4.54 -43.45
C HIS C 74 24.29 3.55 -42.29
N ASP C 75 24.85 3.82 -41.11
CA ASP C 75 24.48 3.12 -39.86
C ASP C 75 22.95 3.05 -39.77
N GLY C 76 22.40 1.91 -39.34
CA GLY C 76 20.94 1.70 -39.18
C GLY C 76 20.38 2.53 -37.99
N LEU C 77 19.21 3.12 -38.17
CA LEU C 77 18.45 3.80 -37.09
C LEU C 77 17.10 3.12 -36.92
N LEU C 78 16.48 3.30 -35.77
CA LEU C 78 15.10 2.79 -35.52
C LEU C 78 14.11 3.93 -35.75
N VAL C 79 12.89 3.56 -36.08
CA VAL C 79 11.77 4.50 -36.18
C VAL C 79 10.59 3.88 -35.44
N ASN C 80 10.08 4.58 -34.42
CA ASN C 80 9.06 4.00 -33.50
C ASN C 80 9.56 2.59 -33.07
N GLN C 81 10.84 2.50 -32.72
CA GLN C 81 11.47 1.28 -32.12
C GLN C 81 11.49 0.10 -33.10
N THR C 82 11.34 0.32 -34.40
CA THR C 82 11.44 -0.78 -35.39
C THR C 82 12.14 -0.26 -36.66
N GLU C 83 12.30 -1.11 -37.67
CA GLU C 83 13.18 -0.81 -38.83
C GLU C 83 12.43 -0.01 -39.89
N LEU C 84 11.18 -0.39 -40.13
CA LEU C 84 10.29 0.19 -41.20
C LEU C 84 9.20 1.03 -40.56
N PHE C 85 8.86 2.15 -41.22
CA PHE C 85 7.74 3.03 -40.83
C PHE C 85 6.78 3.11 -42.01
N VAL C 86 5.52 2.80 -41.73
CA VAL C 86 4.41 2.83 -42.69
C VAL C 86 3.42 3.89 -42.21
N PRO C 87 3.28 5.04 -42.91
CA PRO C 87 2.23 6.00 -42.58
C PRO C 87 0.86 5.29 -42.62
N SER C 88 0.02 5.60 -41.64
CA SER C 88 -1.38 5.08 -41.54
C SER C 88 -2.39 6.24 -41.63
N LEU C 89 -3.68 5.95 -41.44
CA LEU C 89 -4.80 6.94 -41.45
C LEU C 89 -4.54 8.07 -40.45
N ASN C 90 -4.63 9.35 -40.84
CA ASN C 90 -4.61 10.49 -39.87
C ASN C 90 -5.98 10.64 -39.20
N VAL C 91 -6.01 10.55 -37.89
CA VAL C 91 -7.26 10.74 -37.10
C VAL C 91 -7.39 12.20 -36.66
N ASP C 92 -8.50 12.85 -36.98
CA ASP C 92 -8.79 14.28 -36.67
C ASP C 92 -7.65 15.17 -37.19
N GLY C 93 -7.16 14.92 -38.40
CA GLY C 93 -6.08 15.69 -39.04
C GLY C 93 -4.77 15.66 -38.26
N GLN C 94 -4.61 14.77 -37.28
CA GLN C 94 -3.37 14.70 -36.48
C GLN C 94 -2.29 13.97 -37.27
N PRO C 95 -1.11 14.58 -37.48
CA PRO C 95 0.01 13.91 -38.13
C PRO C 95 0.52 12.72 -37.30
N ILE C 96 1.08 11.72 -38.00
CA ILE C 96 1.68 10.51 -37.40
C ILE C 96 3.13 10.86 -37.07
N PHE C 97 3.55 10.59 -35.85
CA PHE C 97 4.94 10.77 -35.38
C PHE C 97 5.78 9.60 -35.83
N ALA C 98 6.86 9.88 -36.54
CA ALA C 98 7.99 8.96 -36.78
C ALA C 98 9.18 9.37 -35.90
N ASN C 99 9.32 8.77 -34.72
CA ASN C 99 10.45 9.03 -33.79
C ASN C 99 11.63 8.15 -34.19
N ILE C 100 12.66 8.83 -34.67
CA ILE C 100 13.89 8.22 -35.18
C ILE C 100 14.91 8.29 -34.03
N THR C 101 15.44 7.13 -33.64
CA THR C 101 16.34 6.98 -32.46
C THR C 101 17.52 6.11 -32.84
N LEU C 102 18.61 6.30 -32.11
CA LEU C 102 19.73 5.33 -32.14
C LEU C 102 19.18 4.01 -31.64
N PRO C 103 19.56 2.89 -32.26
CA PRO C 103 19.43 1.61 -31.58
C PRO C 103 20.51 1.48 -30.49
N VAL C 104 20.37 0.47 -29.65
CA VAL C 104 21.53 -0.01 -28.83
C VAL C 104 22.42 -0.85 -29.76
N TYR C 105 23.42 -0.26 -30.39
CA TYR C 105 24.39 -1.04 -31.19
C TYR C 105 25.10 -2.04 -30.28
N THR C 106 25.51 -3.21 -30.79
CA THR C 106 26.48 -4.10 -30.11
C THR C 106 27.72 -3.25 -29.87
N LEU C 107 28.48 -3.57 -28.85
CA LEU C 107 29.79 -2.91 -28.60
C LEU C 107 30.69 -3.08 -29.82
N LYS C 108 30.67 -4.25 -30.44
CA LYS C 108 31.50 -4.50 -31.64
C LYS C 108 31.06 -3.53 -32.76
N GLU C 109 29.77 -3.43 -33.05
CA GLU C 109 29.36 -2.58 -34.18
C GLU C 109 29.73 -1.14 -33.83
N ARG C 110 29.54 -0.74 -32.58
CA ARG C 110 29.89 0.64 -32.18
C ARG C 110 31.39 0.91 -32.36
N CYS C 111 32.27 -0.01 -31.97
CA CYS C 111 33.72 0.11 -32.23
C CYS C 111 34.01 0.19 -33.73
N LEU C 112 33.42 -0.65 -34.57
CA LEU C 112 33.61 -0.58 -36.04
C LEU C 112 33.24 0.81 -36.52
N GLN C 113 32.13 1.39 -36.01
CA GLN C 113 31.71 2.76 -36.44
C GLN C 113 32.82 3.73 -36.12
N VAL C 114 33.39 3.68 -34.92
CA VAL C 114 34.40 4.69 -34.52
C VAL C 114 35.68 4.49 -35.33
N VAL C 115 36.08 3.24 -35.58
CA VAL C 115 37.32 2.98 -36.36
C VAL C 115 37.09 3.43 -37.82
N ARG C 116 35.95 3.13 -38.42
CA ARG C 116 35.62 3.62 -39.81
C ARG C 116 35.64 5.15 -39.81
N SER C 117 35.23 5.81 -38.74
CA SER C 117 35.19 7.31 -38.70
C SER C 117 36.62 7.88 -38.68
N LEU C 118 37.61 7.11 -38.26
CA LEU C 118 39.00 7.60 -38.03
C LEU C 118 39.95 7.17 -39.15
N VAL C 119 39.63 6.11 -39.89
CA VAL C 119 40.58 5.45 -40.83
C VAL C 119 39.95 5.43 -42.22
N LYS C 120 40.65 6.02 -43.20
CA LYS C 120 40.31 5.99 -44.64
C LYS C 120 40.30 4.52 -45.03
N PRO C 121 39.29 4.06 -45.79
CA PRO C 121 39.18 2.64 -46.14
C PRO C 121 40.40 2.02 -46.85
N GLU C 122 41.24 2.84 -47.53
CA GLU C 122 42.53 2.40 -48.13
C GLU C 122 43.49 1.91 -47.04
N ASN C 123 43.29 2.34 -45.78
CA ASN C 123 44.23 2.14 -44.65
C ASN C 123 43.77 1.03 -43.70
N TYR C 124 42.58 0.48 -43.89
CA TYR C 124 42.05 -0.60 -43.01
C TYR C 124 43.10 -1.70 -42.91
N ARG C 125 43.64 -2.09 -44.06
CA ARG C 125 44.66 -3.15 -44.24
C ARG C 125 45.93 -2.82 -43.45
N ARG C 126 46.19 -1.56 -43.08
CA ARG C 126 47.40 -1.12 -42.32
C ARG C 126 47.18 -1.20 -40.78
N LEU C 127 45.95 -1.44 -40.30
CA LEU C 127 45.68 -1.50 -38.84
C LEU C 127 46.22 -2.81 -38.28
N ASP C 128 46.69 -2.79 -37.03
CA ASP C 128 47.25 -4.02 -36.41
C ASP C 128 46.12 -4.81 -35.72
N ILE C 129 45.35 -5.55 -36.52
CA ILE C 129 44.22 -6.39 -36.05
C ILE C 129 44.18 -7.66 -36.93
N VAL C 130 43.51 -8.69 -36.44
CA VAL C 130 43.23 -9.94 -37.22
C VAL C 130 42.50 -9.60 -38.53
N ARG C 131 42.76 -10.37 -39.57
CA ARG C 131 42.20 -10.19 -40.94
C ARG C 131 40.68 -10.24 -40.94
N SER C 132 40.03 -11.08 -40.15
CA SER C 132 38.55 -11.14 -40.05
C SER C 132 38.00 -9.75 -39.69
N LEU C 133 38.71 -8.96 -38.86
CA LEU C 133 38.24 -7.62 -38.46
C LEU C 133 38.38 -6.61 -39.62
N TYR C 134 39.35 -6.76 -40.52
CA TYR C 134 39.46 -5.93 -41.74
C TYR C 134 38.18 -6.12 -42.56
N GLU C 135 37.73 -7.37 -42.68
CA GLU C 135 36.56 -7.71 -43.51
C GLU C 135 35.31 -7.11 -42.83
N ASP C 136 35.27 -7.08 -41.50
CA ASP C 136 34.14 -6.47 -40.74
C ASP C 136 34.15 -4.96 -40.96
N LEU C 137 35.32 -4.31 -40.96
CA LEU C 137 35.40 -2.86 -41.24
C LEU C 137 34.93 -2.60 -42.67
N GLU C 138 35.38 -3.40 -43.64
CA GLU C 138 35.10 -3.21 -45.07
C GLU C 138 33.62 -3.45 -45.33
N ASP C 139 32.95 -4.33 -44.60
CA ASP C 139 31.51 -4.62 -44.83
C ASP C 139 30.62 -3.51 -44.19
N HIS C 140 30.71 -2.28 -44.72
N HIS C 140 30.71 -2.28 -44.71
CA HIS C 140 29.99 -1.05 -44.29
CA HIS C 140 30.01 -1.09 -44.12
C HIS C 140 28.48 -1.31 -44.26
C HIS C 140 28.50 -1.30 -44.25
N PRO C 141 27.70 -0.72 -43.32
CA PRO C 141 26.25 -0.76 -43.42
C PRO C 141 25.82 -0.20 -44.77
N ASN C 142 24.75 -0.75 -45.32
CA ASN C 142 24.30 -0.47 -46.71
C ASN C 142 22.81 -0.84 -46.73
N VAL C 143 21.98 0.07 -47.23
CA VAL C 143 20.52 -0.16 -47.35
C VAL C 143 20.26 -1.41 -48.23
N GLN C 144 20.96 -1.56 -49.34
CA GLN C 144 20.69 -2.68 -50.28
C GLN C 144 20.88 -4.02 -49.54
N LYS C 145 21.96 -4.17 -48.74
CA LYS C 145 22.21 -5.36 -47.87
C LYS C 145 21.00 -5.56 -46.93
N ASP C 146 20.55 -4.50 -46.27
CA ASP C 146 19.45 -4.62 -45.28
C ASP C 146 18.13 -4.99 -45.94
N LEU C 147 17.85 -4.43 -47.11
CA LEU C 147 16.63 -4.82 -47.88
C LEU C 147 16.71 -6.30 -48.22
N GLU C 148 17.89 -6.83 -48.58
CA GLU C 148 18.07 -8.29 -48.84
C GLU C 148 17.74 -9.06 -47.56
N ARG C 149 18.31 -8.66 -46.43
CA ARG C 149 18.06 -9.34 -45.13
C ARG C 149 16.57 -9.31 -44.79
N LEU C 150 15.95 -8.13 -44.87
CA LEU C 150 14.54 -7.89 -44.46
C LEU C 150 13.61 -8.72 -45.36
N THR C 151 13.90 -8.88 -46.66
CA THR C 151 13.03 -9.66 -47.60
C THR C 151 13.05 -11.13 -47.17
N GLN C 152 14.20 -11.66 -46.74
CA GLN C 152 14.32 -13.08 -46.27
C GLN C 152 13.57 -13.28 -44.94
N GLU C 153 13.68 -12.33 -44.03
CA GLU C 153 12.97 -12.35 -42.71
C GLU C 153 11.45 -12.27 -42.96
N ARG C 154 10.97 -11.56 -44.02
CA ARG C 154 9.52 -11.46 -44.39
C ARG C 154 8.99 -12.85 -44.78
N ILE C 155 9.79 -13.66 -45.47
CA ILE C 155 9.53 -15.09 -45.84
C ILE C 155 10.31 -15.43 -47.12
N MET D 1 -14.30 -14.32 16.70
CA MET D 1 -13.27 -14.20 15.67
C MET D 1 -12.13 -15.14 16.02
N ASP D 2 -11.79 -16.08 15.12
CA ASP D 2 -10.64 -16.98 15.33
C ASP D 2 -9.35 -16.20 15.10
N VAL D 3 -8.34 -16.43 15.92
CA VAL D 3 -6.95 -15.99 15.67
C VAL D 3 -6.09 -17.23 15.56
N PHE D 4 -5.08 -17.19 14.69
CA PHE D 4 -4.25 -18.35 14.30
C PHE D 4 -2.83 -18.07 14.80
N LEU D 5 -2.35 -18.96 15.68
CA LEU D 5 -1.13 -18.80 16.48
C LEU D 5 -0.11 -19.91 16.22
N MET D 6 1.16 -19.55 16.40
CA MET D 6 2.35 -20.42 16.64
C MET D 6 2.80 -20.11 18.07
N ILE D 7 2.70 -21.06 18.96
CA ILE D 7 3.26 -20.97 20.33
C ILE D 7 4.63 -21.62 20.31
N ARG D 8 5.67 -20.87 20.59
CA ARG D 8 7.06 -21.23 20.27
C ARG D 8 7.94 -21.16 21.53
N ARG D 9 8.72 -22.21 21.74
CA ARG D 9 9.76 -22.33 22.80
C ARG D 9 10.88 -23.20 22.24
N HIS D 10 12.10 -22.68 22.23
CA HIS D 10 13.33 -23.39 21.80
C HIS D 10 13.05 -23.92 20.38
N LYS D 11 12.96 -25.24 20.21
CA LYS D 11 12.73 -25.89 18.90
C LYS D 11 11.35 -26.53 18.86
N THR D 12 10.43 -26.09 19.73
CA THR D 12 9.01 -26.50 19.73
C THR D 12 8.14 -25.37 19.15
N THR D 13 7.22 -25.71 18.24
CA THR D 13 6.23 -24.77 17.71
C THR D 13 4.87 -25.47 17.70
N ILE D 14 3.89 -24.95 18.41
CA ILE D 14 2.48 -25.43 18.35
C ILE D 14 1.66 -24.53 17.40
N PHE D 15 1.02 -25.14 16.39
CA PHE D 15 -0.02 -24.48 15.56
C PHE D 15 -1.40 -24.73 16.20
N THR D 16 -2.09 -23.68 16.58
CA THR D 16 -3.48 -23.77 17.10
C THR D 16 -4.20 -22.46 16.77
N ASP D 17 -5.51 -22.45 16.95
CA ASP D 17 -6.32 -21.20 16.89
C ASP D 17 -7.00 -21.00 18.25
N ALA D 18 -7.52 -19.81 18.51
CA ALA D 18 -8.37 -19.47 19.68
C ALA D 18 -9.28 -18.31 19.31
N LYS D 19 -10.23 -17.98 20.14
CA LYS D 19 -11.08 -16.78 19.94
C LYS D 19 -10.30 -15.53 20.37
N GLU D 20 -10.53 -14.43 19.67
CA GLU D 20 -9.97 -13.10 20.03
C GLU D 20 -10.35 -12.77 21.48
N SER D 21 -11.55 -13.19 21.87
CA SER D 21 -12.14 -12.89 23.21
C SER D 21 -11.66 -13.89 24.25
N SER D 22 -10.93 -14.95 23.89
CA SER D 22 -10.45 -15.94 24.88
C SER D 22 -9.26 -15.34 25.62
N THR D 23 -8.89 -15.86 26.78
CA THR D 23 -7.91 -15.20 27.69
C THR D 23 -6.56 -15.91 27.58
N VAL D 24 -5.52 -15.20 28.00
CA VAL D 24 -4.14 -15.74 28.12
C VAL D 24 -4.16 -17.01 28.98
N PHE D 25 -4.92 -17.04 30.07
CA PHE D 25 -5.01 -18.20 30.98
C PHE D 25 -5.57 -19.39 30.20
N GLU D 26 -6.62 -19.18 29.41
CA GLU D 26 -7.29 -20.27 28.64
C GLU D 26 -6.31 -20.81 27.60
N LEU D 27 -5.43 -19.96 27.07
CA LEU D 27 -4.35 -20.38 26.14
C LEU D 27 -3.32 -21.22 26.91
N LYS D 28 -3.00 -20.90 28.16
CA LYS D 28 -2.10 -21.76 29.00
C LYS D 28 -2.75 -23.13 29.20
N ARG D 29 -4.08 -23.20 29.36
CA ARG D 29 -4.80 -24.49 29.50
C ARG D 29 -4.64 -25.29 28.19
N ILE D 30 -4.75 -24.63 27.04
CA ILE D 30 -4.50 -25.32 25.75
C ILE D 30 -3.07 -25.90 25.78
N VAL D 31 -2.08 -25.10 26.16
CA VAL D 31 -0.65 -25.55 26.13
C VAL D 31 -0.49 -26.73 27.11
N GLU D 32 -1.19 -26.71 28.23
CA GLU D 32 -1.11 -27.81 29.23
C GLU D 32 -1.54 -29.15 28.62
N GLY D 33 -2.68 -29.15 27.92
CA GLY D 33 -3.21 -30.33 27.21
C GLY D 33 -2.15 -30.92 26.30
N ILE D 34 -1.30 -30.09 25.70
CA ILE D 34 -0.32 -30.54 24.67
C ILE D 34 1.02 -30.84 25.33
N LEU D 35 1.60 -29.95 26.12
CA LEU D 35 2.98 -30.14 26.63
C LEU D 35 3.02 -30.63 28.08
N LYS D 36 1.85 -30.80 28.72
CA LYS D 36 1.67 -31.41 30.07
C LYS D 36 2.39 -30.57 31.13
N ARG D 37 2.27 -29.25 31.06
CA ARG D 37 2.85 -28.31 32.05
C ARG D 37 1.73 -27.39 32.50
N PRO D 38 1.46 -27.25 33.82
CA PRO D 38 0.33 -26.46 34.29
C PRO D 38 0.56 -24.97 34.01
N PRO D 39 -0.53 -24.18 33.97
CA PRO D 39 -0.43 -22.72 33.78
C PRO D 39 0.65 -22.05 34.65
N ASP D 40 0.78 -22.43 35.93
CA ASP D 40 1.68 -21.72 36.88
C ASP D 40 3.15 -22.01 36.51
N GLU D 41 3.44 -22.97 35.63
CA GLU D 41 4.84 -23.25 35.17
C GLU D 41 5.06 -22.68 33.77
N GLN D 42 4.16 -21.81 33.32
CA GLN D 42 4.19 -21.21 31.97
C GLN D 42 4.20 -19.69 32.03
N ARG D 43 5.05 -19.06 31.21
CA ARG D 43 4.89 -17.64 30.84
C ARG D 43 4.68 -17.54 29.33
N LEU D 44 3.74 -16.70 28.94
CA LEU D 44 3.43 -16.42 27.51
C LEU D 44 3.80 -14.96 27.24
N TYR D 45 4.41 -14.72 26.08
CA TYR D 45 4.97 -13.44 25.64
C TYR D 45 4.41 -13.05 24.27
N LYS D 46 4.21 -11.75 24.06
CA LYS D 46 4.19 -11.16 22.72
C LYS D 46 5.48 -10.36 22.58
N ASP D 47 6.34 -10.75 21.65
CA ASP D 47 7.72 -10.23 21.57
C ASP D 47 8.34 -10.38 22.97
N ASP D 48 8.82 -9.30 23.57
CA ASP D 48 9.55 -9.34 24.87
C ASP D 48 8.59 -9.10 26.03
N GLN D 49 7.30 -8.92 25.76
CA GLN D 49 6.32 -8.47 26.76
C GLN D 49 5.58 -9.68 27.38
N LEU D 50 5.67 -9.82 28.69
CA LEU D 50 4.94 -10.86 29.47
C LEU D 50 3.45 -10.55 29.39
N LEU D 51 2.62 -11.53 29.12
CA LEU D 51 1.15 -11.33 28.99
C LEU D 51 0.49 -11.75 30.29
N ASP D 52 -0.51 -10.98 30.72
CA ASP D 52 -1.33 -11.20 31.94
C ASP D 52 -2.44 -12.18 31.66
N ASP D 53 -2.58 -13.15 32.56
CA ASP D 53 -3.57 -14.25 32.52
C ASP D 53 -4.96 -13.71 32.19
N GLY D 54 -5.39 -12.60 32.76
CA GLY D 54 -6.80 -12.16 32.68
C GLY D 54 -7.10 -11.44 31.37
N LYS D 55 -6.06 -11.13 30.58
CA LYS D 55 -6.27 -10.34 29.34
C LYS D 55 -6.78 -11.24 28.23
N THR D 56 -7.61 -10.69 27.34
CA THR D 56 -8.00 -11.37 26.09
C THR D 56 -6.83 -11.31 25.11
N LEU D 57 -6.85 -12.25 24.16
CA LEU D 57 -5.81 -12.34 23.10
C LEU D 57 -5.90 -11.04 22.30
N GLY D 58 -7.12 -10.55 22.03
CA GLY D 58 -7.40 -9.29 21.33
C GLY D 58 -6.67 -8.13 21.99
N GLU D 59 -6.84 -8.01 23.31
CA GLU D 59 -6.23 -6.94 24.13
C GLU D 59 -4.71 -7.04 24.10
N CYS D 60 -4.19 -8.26 23.98
CA CYS D 60 -2.74 -8.51 23.90
C CYS D 60 -2.21 -8.34 22.47
N GLY D 61 -3.07 -8.03 21.50
CA GLY D 61 -2.61 -7.65 20.15
C GLY D 61 -2.71 -8.79 19.13
N PHE D 62 -3.34 -9.90 19.50
CA PHE D 62 -3.66 -11.01 18.58
C PHE D 62 -5.04 -10.77 18.06
N THR D 63 -5.13 -10.23 16.85
CA THR D 63 -6.44 -9.96 16.20
C THR D 63 -6.50 -10.80 14.96
N SER D 64 -7.70 -11.04 14.49
CA SER D 64 -7.93 -11.79 13.24
C SER D 64 -7.18 -11.10 12.10
N GLN D 65 -6.97 -9.79 12.15
CA GLN D 65 -6.27 -9.05 11.08
C GLN D 65 -4.79 -9.48 11.07
N THR D 66 -4.18 -9.75 12.23
CA THR D 66 -2.72 -9.93 12.38
C THR D 66 -2.37 -11.38 12.71
N ALA D 67 -3.34 -12.25 12.83
CA ALA D 67 -3.11 -13.65 13.25
C ALA D 67 -3.90 -14.57 12.32
N ARG D 68 -3.42 -14.73 11.10
CA ARG D 68 -4.15 -15.37 9.97
C ARG D 68 -3.69 -16.82 9.78
N PRO D 69 -4.55 -17.68 9.24
CA PRO D 69 -4.21 -19.08 9.06
C PRO D 69 -2.89 -19.31 8.30
N GLN D 70 -2.67 -18.53 7.24
CA GLN D 70 -1.53 -18.64 6.32
C GLN D 70 -0.35 -17.79 6.80
N ALA D 71 -0.51 -17.05 7.90
CA ALA D 71 0.52 -16.13 8.46
C ALA D 71 0.24 -15.94 9.95
N PRO D 72 0.38 -17.01 10.76
CA PRO D 72 -0.08 -16.97 12.15
C PRO D 72 0.83 -16.08 12.99
N ALA D 73 0.29 -15.56 14.09
CA ALA D 73 1.07 -14.70 15.02
C ALA D 73 1.79 -15.61 16.00
N THR D 74 2.99 -15.20 16.41
CA THR D 74 3.87 -15.97 17.35
C THR D 74 3.57 -15.53 18.79
N VAL D 75 3.29 -16.51 19.63
CA VAL D 75 3.29 -16.39 21.11
C VAL D 75 4.55 -17.08 21.63
N GLY D 76 5.38 -16.36 22.38
CA GLY D 76 6.54 -16.93 23.10
C GLY D 76 6.08 -17.68 24.34
N LEU D 77 6.76 -18.77 24.64
CA LEU D 77 6.50 -19.63 25.81
C LEU D 77 7.82 -19.89 26.56
N ALA D 78 7.80 -19.70 27.88
CA ALA D 78 8.90 -20.02 28.82
C ALA D 78 8.32 -20.89 29.95
N PHE D 79 9.10 -21.90 30.34
CA PHE D 79 8.79 -22.88 31.42
C PHE D 79 9.54 -22.50 32.71
N ARG D 80 8.94 -22.83 33.86
CA ARG D 80 9.58 -22.61 35.19
C ARG D 80 10.86 -23.45 35.36
N ASP D 82 12.66 -25.05 38.04
CA ASP D 82 12.76 -25.38 39.49
C ASP D 82 12.10 -24.24 40.28
N ASP D 83 12.88 -23.50 41.09
CA ASP D 83 12.51 -22.16 41.64
C ASP D 83 12.06 -21.22 40.50
N THR D 84 12.86 -21.09 39.43
CA THR D 84 12.97 -19.89 38.54
C THR D 84 12.48 -20.20 37.10
N PHE D 85 12.02 -19.18 36.40
CA PHE D 85 11.65 -19.25 34.96
C PHE D 85 12.92 -19.10 34.12
N GLU D 86 13.06 -19.94 33.10
CA GLU D 86 14.11 -19.78 32.05
C GLU D 86 13.83 -18.45 31.32
N ALA D 87 14.86 -17.89 30.70
CA ALA D 87 14.75 -16.79 29.71
C ALA D 87 13.97 -17.30 28.49
N LEU D 88 13.10 -16.45 27.93
CA LEU D 88 12.38 -16.74 26.66
C LEU D 88 13.44 -16.96 25.59
N CYS D 89 13.50 -18.16 25.00
CA CYS D 89 14.44 -18.45 23.90
C CYS D 89 13.66 -19.16 22.77
N ILE D 90 13.75 -18.63 21.56
CA ILE D 90 13.06 -19.19 20.35
C ILE D 90 14.14 -19.42 19.29
N GLU D 91 14.37 -20.67 18.92
CA GLU D 91 15.36 -21.00 17.87
C GLU D 91 14.78 -20.53 16.53
N PRO D 92 15.54 -19.77 15.73
CA PRO D 92 15.12 -19.42 14.38
C PRO D 92 14.97 -20.68 13.51
N PHE D 93 14.10 -20.63 12.51
CA PHE D 93 14.03 -21.66 11.43
C PHE D 93 15.32 -21.56 10.60
N SER D 94 15.67 -22.61 9.87
CA SER D 94 16.78 -22.64 8.87
C SER D 94 16.63 -21.50 7.86
N SER D 95 17.74 -21.16 7.23
CA SER D 95 17.88 -20.17 6.12
C SER D 95 17.58 -20.83 4.79
N PRO D 96 16.76 -20.18 3.95
CA PRO D 96 16.65 -20.59 2.55
C PRO D 96 17.99 -20.40 1.86
N PRO D 97 18.31 -21.20 0.82
CA PRO D 97 19.47 -20.93 -0.01
C PRO D 97 19.31 -19.65 -0.85
N GLU D 98 20.39 -19.24 -1.48
CA GLU D 98 20.41 -18.19 -2.52
C GLU D 98 19.44 -18.57 -3.64
N LEU D 99 18.68 -17.62 -4.17
CA LEU D 99 17.90 -17.84 -5.41
C LEU D 99 18.84 -18.37 -6.50
N PRO D 100 18.48 -19.45 -7.22
CA PRO D 100 19.17 -19.81 -8.46
C PRO D 100 19.13 -18.64 -9.45
N ASP D 101 20.07 -18.62 -10.40
CA ASP D 101 20.21 -17.52 -11.41
C ASP D 101 18.89 -17.36 -12.16
N VAL D 102 18.29 -18.47 -12.60
CA VAL D 102 17.11 -18.47 -13.50
C VAL D 102 15.84 -18.01 -12.75
N MET D 103 15.90 -17.73 -11.44
CA MET D 103 14.79 -17.13 -10.65
C MET D 103 15.11 -15.68 -10.33
N MET E 1 -8.55 -32.27 20.97
CA MET E 1 -8.04 -32.84 19.71
C MET E 1 -6.82 -33.71 19.97
N MET E 2 -6.72 -34.77 19.18
CA MET E 2 -5.45 -35.43 18.87
C MET E 2 -4.54 -34.43 18.16
N TYR E 3 -3.30 -34.33 18.62
CA TYR E 3 -2.19 -33.63 17.97
C TYR E 3 -1.17 -34.69 17.53
N VAL E 4 -0.34 -34.33 16.55
CA VAL E 4 0.82 -35.12 16.08
C VAL E 4 2.04 -34.20 15.96
N LYS E 5 3.20 -34.79 15.98
CA LYS E 5 4.45 -34.03 15.99
C LYS E 5 5.16 -34.29 14.68
N LEU E 6 5.50 -33.25 13.95
CA LEU E 6 6.23 -33.37 12.68
C LEU E 6 7.59 -32.74 12.94
N ILE E 7 8.67 -33.47 12.72
CA ILE E 7 10.04 -33.01 13.07
C ILE E 7 10.83 -32.77 11.79
N SER E 8 11.37 -31.57 11.62
CA SER E 8 12.17 -31.17 10.42
C SER E 8 13.55 -31.84 10.45
N SER E 9 14.30 -31.68 9.36
CA SER E 9 15.65 -32.26 9.17
C SER E 9 16.61 -31.65 10.21
N ASP E 10 16.44 -30.37 10.57
CA ASP E 10 17.26 -29.64 11.58
C ASP E 10 16.67 -29.78 13.01
N GLY E 11 15.79 -30.73 13.32
CA GLY E 11 15.30 -30.98 14.69
C GLY E 11 14.18 -30.06 15.22
N HIS E 12 13.60 -29.13 14.44
CA HIS E 12 12.43 -28.35 14.95
C HIS E 12 11.20 -29.26 15.02
N GLU E 13 10.47 -29.19 16.11
CA GLU E 13 9.25 -30.00 16.36
C GLU E 13 8.00 -29.13 16.20
N PHE E 14 7.18 -29.48 15.22
CA PHE E 14 5.89 -28.81 14.90
C PHE E 14 4.76 -29.70 15.39
N ILE E 15 3.92 -29.18 16.27
CA ILE E 15 2.76 -29.91 16.81
C ILE E 15 1.52 -29.30 16.17
N VAL E 16 0.79 -30.12 15.42
CA VAL E 16 -0.42 -29.70 14.68
C VAL E 16 -1.54 -30.68 15.03
N LYS E 17 -2.78 -30.23 14.88
CA LYS E 17 -3.94 -31.14 14.96
C LYS E 17 -3.75 -32.30 13.98
N ARG E 18 -4.04 -33.52 14.45
CA ARG E 18 -4.01 -34.75 13.64
C ARG E 18 -4.82 -34.55 12.34
N GLU E 19 -6.07 -34.08 12.47
CA GLU E 19 -6.96 -33.83 11.30
C GLU E 19 -6.21 -32.94 10.28
N HIS E 20 -5.45 -31.95 10.70
CA HIS E 20 -4.69 -31.02 9.81
C HIS E 20 -3.58 -31.82 9.11
N ALA E 21 -2.84 -32.63 9.87
CA ALA E 21 -1.70 -33.38 9.31
C ALA E 21 -2.20 -34.38 8.26
N LEU E 22 -3.41 -34.90 8.45
CA LEU E 22 -4.01 -35.92 7.57
C LEU E 22 -4.38 -35.32 6.23
N THR E 23 -4.35 -34.01 6.04
CA THR E 23 -4.34 -33.40 4.67
C THR E 23 -3.33 -34.14 3.79
N SER E 24 -2.21 -34.60 4.34
CA SER E 24 -1.17 -35.33 3.56
C SER E 24 -1.44 -36.83 3.63
N GLY E 25 -1.69 -37.44 2.48
CA GLY E 25 -1.80 -38.92 2.37
C GLY E 25 -0.49 -39.56 2.79
N THR E 26 0.66 -38.95 2.46
CA THR E 26 1.98 -39.49 2.82
C THR E 26 2.11 -39.50 4.36
N ILE E 27 1.75 -38.42 5.04
CA ILE E 27 1.82 -38.35 6.53
C ILE E 27 0.85 -39.38 7.11
N LYS E 28 -0.36 -39.52 6.55
CA LYS E 28 -1.33 -40.52 7.04
C LYS E 28 -0.69 -41.92 7.05
N ALA E 29 0.06 -42.27 6.00
CA ALA E 29 0.73 -43.59 5.87
C ALA E 29 1.84 -43.71 6.93
N MET E 30 2.58 -42.64 7.17
CA MET E 30 3.68 -42.65 8.16
C MET E 30 3.12 -42.82 9.57
N LEU E 31 1.90 -42.36 9.85
CA LEU E 31 1.28 -42.47 11.20
C LEU E 31 0.57 -43.81 11.37
N SER E 32 -0.13 -44.30 10.35
CA SER E 32 -0.93 -45.55 10.39
C SER E 32 -0.01 -46.78 10.23
N GLY E 33 1.01 -46.69 9.38
CA GLY E 33 1.93 -47.81 9.06
C GLY E 33 1.25 -48.84 8.19
N GLU E 41 7.90 -41.25 19.34
CA GLU E 41 8.06 -41.87 18.01
C GLU E 41 6.80 -42.73 17.79
N THR E 42 5.61 -42.19 18.12
CA THR E 42 4.31 -42.93 18.26
C THR E 42 3.12 -42.14 17.67
N ASN E 43 3.09 -40.84 17.88
CA ASN E 43 2.31 -39.86 17.06
C ASN E 43 3.30 -38.83 16.52
N GLU E 44 4.41 -39.30 15.99
CA GLU E 44 5.60 -38.48 15.61
C GLU E 44 6.06 -38.89 14.22
N VAL E 45 6.49 -37.95 13.40
CA VAL E 45 7.05 -38.24 12.06
C VAL E 45 8.29 -37.38 11.89
N ASN E 46 9.38 -37.98 11.42
CA ASN E 46 10.63 -37.28 11.09
C ASN E 46 10.74 -37.05 9.59
N PHE E 47 11.21 -35.90 9.18
CA PHE E 47 11.44 -35.59 7.75
C PHE E 47 12.90 -35.29 7.60
N ARG E 48 13.70 -36.27 7.27
CA ARG E 48 15.16 -36.08 7.11
C ARG E 48 15.45 -35.09 5.97
N GLU E 49 14.50 -34.82 5.09
CA GLU E 49 14.76 -34.04 3.87
C GLU E 49 14.02 -32.71 3.90
N ILE E 50 13.23 -32.42 4.94
CA ILE E 50 12.46 -31.14 4.94
C ILE E 50 12.96 -30.29 6.09
N PRO E 51 13.67 -29.17 5.79
CA PRO E 51 14.13 -28.26 6.84
C PRO E 51 12.98 -27.39 7.41
N SER E 52 13.25 -26.75 8.54
CA SER E 52 12.23 -26.06 9.37
C SER E 52 11.64 -24.88 8.60
N HIS E 53 12.41 -24.18 7.76
CA HIS E 53 11.88 -23.05 6.97
C HIS E 53 10.86 -23.53 5.94
N VAL E 54 10.88 -24.81 5.57
CA VAL E 54 9.89 -25.41 4.64
C VAL E 54 8.77 -26.04 5.45
N LEU E 55 9.09 -26.81 6.48
CA LEU E 55 8.03 -27.57 7.22
C LEU E 55 7.10 -26.61 7.96
N SER E 56 7.61 -25.47 8.46
CA SER E 56 6.75 -24.45 9.11
C SER E 56 5.69 -23.99 8.09
N LYS E 57 6.10 -23.74 6.85
CA LYS E 57 5.18 -23.31 5.77
C LYS E 57 4.16 -24.41 5.44
N VAL E 58 4.59 -25.66 5.39
CA VAL E 58 3.66 -26.79 5.18
C VAL E 58 2.57 -26.74 6.26
N CYS E 59 2.94 -26.54 7.51
CA CYS E 59 1.94 -26.52 8.62
C CYS E 59 1.01 -25.32 8.43
N MET E 60 1.51 -24.19 7.98
CA MET E 60 0.61 -23.03 7.74
C MET E 60 -0.35 -23.41 6.62
N TYR E 61 0.10 -24.14 5.60
CA TYR E 61 -0.75 -24.57 4.47
C TYR E 61 -1.87 -25.45 5.03
N PHE E 62 -1.56 -26.42 5.90
CA PHE E 62 -2.61 -27.27 6.50
C PHE E 62 -3.66 -26.38 7.17
N THR E 63 -3.24 -25.40 7.95
CA THR E 63 -4.16 -24.52 8.69
C THR E 63 -5.05 -23.81 7.66
N TYR E 64 -4.44 -23.22 6.62
CA TYR E 64 -5.10 -22.43 5.56
C TYR E 64 -6.13 -23.31 4.85
N LYS E 65 -5.71 -24.50 4.48
CA LYS E 65 -6.56 -25.44 3.75
C LYS E 65 -7.78 -25.84 4.59
N VAL E 66 -7.58 -26.24 5.84
CA VAL E 66 -8.75 -26.67 6.67
C VAL E 66 -9.66 -25.43 6.92
N ARG E 67 -9.10 -24.25 7.12
CA ARG E 67 -9.92 -23.05 7.39
C ARG E 67 -10.75 -22.72 6.16
N TYR E 68 -10.18 -22.74 4.96
CA TYR E 68 -10.84 -22.12 3.78
C TYR E 68 -11.46 -23.15 2.84
N THR E 69 -11.30 -24.46 3.01
CA THR E 69 -11.92 -25.44 2.09
C THR E 69 -13.45 -25.39 2.25
N ASN E 70 -14.20 -25.30 1.15
CA ASN E 70 -15.69 -25.21 1.18
C ASN E 70 -16.12 -24.03 2.04
N SER E 71 -15.67 -22.84 1.65
CA SER E 71 -15.94 -21.56 2.34
C SER E 71 -16.51 -20.56 1.34
N SER E 72 -17.62 -19.89 1.69
CA SER E 72 -18.22 -18.78 0.91
C SER E 72 -17.46 -17.48 1.16
N THR E 73 -16.87 -17.32 2.36
CA THR E 73 -15.95 -16.19 2.72
C THR E 73 -14.82 -16.14 1.67
N GLU E 74 -14.58 -14.99 1.04
CA GLU E 74 -13.44 -14.74 0.13
C GLU E 74 -12.13 -15.33 0.70
N ILE E 75 -11.40 -16.04 -0.13
CA ILE E 75 -10.19 -16.81 0.22
C ILE E 75 -9.01 -15.92 -0.17
N PRO E 76 -8.03 -15.70 0.73
CA PRO E 76 -6.81 -14.99 0.38
C PRO E 76 -5.78 -15.95 -0.23
N GLU E 77 -4.82 -15.36 -0.95
CA GLU E 77 -3.70 -16.05 -1.63
C GLU E 77 -2.84 -16.72 -0.54
N PHE E 78 -2.49 -18.00 -0.70
CA PHE E 78 -1.42 -18.62 0.11
C PHE E 78 -0.10 -18.06 -0.38
N PRO E 79 0.64 -17.30 0.45
CA PRO E 79 1.85 -16.61 -0.01
C PRO E 79 3.04 -17.59 0.07
N ILE E 80 3.91 -17.57 -0.93
CA ILE E 80 5.19 -18.33 -0.96
C ILE E 80 6.32 -17.39 -1.40
N ALA E 81 7.31 -17.18 -0.53
CA ALA E 81 8.53 -16.41 -0.89
C ALA E 81 9.26 -17.12 -2.01
N PRO E 82 9.73 -16.37 -3.03
CA PRO E 82 10.51 -16.94 -4.11
C PRO E 82 11.59 -17.90 -3.57
N GLU E 83 12.25 -17.52 -2.48
CA GLU E 83 13.45 -18.21 -1.95
C GLU E 83 13.11 -19.64 -1.56
N ILE E 84 11.88 -19.92 -1.16
CA ILE E 84 11.55 -21.25 -0.58
C ILE E 84 10.69 -22.05 -1.57
N ALA E 85 10.31 -21.48 -2.71
CA ALA E 85 9.38 -22.09 -3.67
C ALA E 85 9.88 -23.47 -4.11
N LEU E 86 11.16 -23.56 -4.45
CA LEU E 86 11.70 -24.78 -5.04
C LEU E 86 11.63 -25.92 -4.01
N GLU E 87 12.07 -25.65 -2.77
CA GLU E 87 12.09 -26.70 -1.71
C GLU E 87 10.65 -27.03 -1.31
N LEU E 88 9.78 -26.04 -1.26
CA LEU E 88 8.37 -26.25 -0.83
C LEU E 88 7.69 -27.11 -1.89
N LEU E 89 8.00 -26.88 -3.18
CA LEU E 89 7.46 -27.68 -4.30
C LEU E 89 7.86 -29.14 -4.07
N MET E 90 9.14 -29.42 -3.78
CA MET E 90 9.61 -30.81 -3.61
C MET E 90 8.93 -31.40 -2.38
N ALA E 91 8.74 -30.65 -1.30
CA ALA E 91 8.07 -31.19 -0.10
C ALA E 91 6.60 -31.49 -0.41
N ALA E 92 5.93 -30.62 -1.15
CA ALA E 92 4.48 -30.75 -1.46
C ALA E 92 4.32 -32.00 -2.30
N ASN E 93 5.24 -32.20 -3.22
CA ASN E 93 5.24 -33.35 -4.16
C ASN E 93 5.37 -34.66 -3.37
N PHE E 94 6.28 -34.74 -2.38
CA PHE E 94 6.47 -35.94 -1.53
C PHE E 94 5.23 -36.16 -0.66
N LEU E 95 4.66 -35.10 -0.09
CA LEU E 95 3.54 -35.16 0.90
C LEU E 95 2.18 -35.34 0.22
N ASP E 96 2.13 -35.12 -1.09
CA ASP E 96 0.86 -35.20 -1.87
C ASP E 96 -0.21 -34.30 -1.21
N CYS E 97 0.09 -33.04 -1.05
CA CYS E 97 -0.91 -32.06 -0.57
C CYS E 97 -0.82 -30.77 -1.43
N VAL F 11 -20.79 -32.16 -25.28
CA VAL F 11 -21.65 -32.19 -24.08
C VAL F 11 -21.65 -30.77 -23.48
N LEU F 12 -20.50 -30.12 -23.29
CA LEU F 12 -20.41 -28.82 -22.54
C LEU F 12 -20.58 -27.67 -23.54
N ARG F 13 -21.77 -27.12 -23.61
CA ARG F 13 -22.09 -26.01 -24.51
C ARG F 13 -23.27 -25.24 -23.88
N SER F 14 -23.39 -23.98 -24.18
CA SER F 14 -24.55 -23.18 -23.76
C SER F 14 -25.78 -23.71 -24.49
N VAL F 15 -26.90 -23.73 -23.80
CA VAL F 15 -28.26 -23.94 -24.39
C VAL F 15 -28.73 -22.63 -24.99
N ASN F 16 -29.22 -22.64 -26.23
CA ASN F 16 -29.68 -21.43 -26.91
C ASN F 16 -31.13 -21.11 -26.49
N SER F 17 -31.33 -20.66 -25.26
CA SER F 17 -32.66 -20.44 -24.62
C SER F 17 -33.27 -19.16 -25.18
N ARG F 18 -32.45 -18.15 -25.49
CA ARG F 18 -32.90 -16.78 -25.81
C ARG F 18 -33.74 -16.22 -24.66
N GLU F 19 -33.53 -16.66 -23.44
CA GLU F 19 -34.21 -16.13 -22.24
C GLU F 19 -33.21 -15.28 -21.46
N PRO F 20 -33.28 -13.93 -21.54
CA PRO F 20 -32.32 -13.07 -20.86
C PRO F 20 -32.21 -13.39 -19.38
N SER F 21 -30.99 -13.33 -18.85
CA SER F 21 -30.68 -13.52 -17.41
C SER F 21 -29.59 -12.50 -17.06
N GLN F 22 -29.92 -11.58 -16.15
CA GLN F 22 -28.97 -10.52 -15.71
C GLN F 22 -28.05 -11.12 -14.65
N VAL F 23 -26.75 -10.86 -14.75
CA VAL F 23 -25.74 -11.49 -13.86
C VAL F 23 -24.79 -10.41 -13.37
N ILE F 24 -24.34 -10.48 -12.13
CA ILE F 24 -23.20 -9.67 -11.62
C ILE F 24 -21.96 -10.57 -11.49
N PHE F 25 -20.94 -10.30 -12.28
CA PHE F 25 -19.60 -10.93 -12.13
C PHE F 25 -18.91 -10.14 -11.03
N ASN F 27 -15.58 -10.16 -8.79
CA ASN F 27 -14.25 -10.72 -8.66
C ASN F 27 -13.75 -10.55 -7.23
N ARG F 28 -13.98 -11.54 -6.37
CA ARG F 28 -13.48 -11.54 -4.98
C ARG F 28 -12.16 -12.32 -4.88
N SER F 29 -11.26 -12.09 -5.81
CA SER F 29 -9.95 -12.78 -5.88
C SER F 29 -8.94 -11.65 -6.05
N PRO F 30 -7.66 -11.92 -5.75
CA PRO F 30 -6.60 -10.95 -6.03
C PRO F 30 -6.07 -11.06 -7.47
N ARG F 31 -6.68 -11.89 -8.30
CA ARG F 31 -6.24 -12.07 -9.71
C ARG F 31 -7.06 -11.18 -10.66
N VAL F 32 -6.46 -10.81 -11.78
CA VAL F 32 -7.20 -10.33 -12.98
C VAL F 32 -7.96 -11.53 -13.54
N VAL F 33 -9.26 -11.40 -13.65
CA VAL F 33 -10.15 -12.53 -14.06
C VAL F 33 -10.51 -12.40 -15.55
N LEU F 34 -10.39 -13.52 -16.26
CA LEU F 34 -10.90 -13.76 -17.61
C LEU F 34 -12.19 -14.57 -17.51
N PRO F 35 -13.37 -13.97 -17.76
CA PRO F 35 -14.59 -14.74 -17.92
C PRO F 35 -14.56 -15.44 -19.29
N VAL F 36 -15.02 -16.67 -19.33
CA VAL F 36 -15.07 -17.46 -20.59
C VAL F 36 -16.49 -18.03 -20.76
N TRP F 37 -17.13 -17.69 -21.88
CA TRP F 37 -18.46 -18.21 -22.28
C TRP F 37 -18.25 -19.45 -23.16
N LEU F 38 -18.86 -20.59 -22.84
CA LEU F 38 -18.88 -21.74 -23.76
C LEU F 38 -20.01 -21.53 -24.79
N ASN F 39 -19.65 -21.33 -26.06
CA ASN F 39 -20.64 -20.94 -27.07
C ASN F 39 -21.49 -22.18 -27.42
N PHE F 40 -22.35 -22.05 -28.41
CA PHE F 40 -23.36 -23.08 -28.74
C PHE F 40 -22.68 -24.29 -29.37
N ASP F 41 -21.45 -24.14 -29.87
CA ASP F 41 -20.59 -25.26 -30.35
C ASP F 41 -19.68 -25.80 -29.24
N GLY F 42 -19.65 -25.24 -28.04
CA GLY F 42 -18.73 -25.66 -26.98
C GLY F 42 -17.38 -25.00 -27.11
N GLU F 43 -17.19 -24.04 -27.98
CA GLU F 43 -15.90 -23.30 -28.07
C GLU F 43 -15.87 -22.24 -26.98
N PRO F 44 -14.75 -22.15 -26.23
CA PRO F 44 -14.56 -21.10 -25.25
C PRO F 44 -14.46 -19.73 -25.89
N GLN F 45 -15.27 -18.78 -25.44
CA GLN F 45 -15.19 -17.39 -25.92
C GLN F 45 -14.80 -16.49 -24.75
N PRO F 46 -13.62 -15.88 -24.81
CA PRO F 46 -13.21 -14.94 -23.77
C PRO F 46 -13.93 -13.59 -23.84
N TYR F 47 -14.22 -13.04 -22.66
CA TYR F 47 -14.92 -11.74 -22.47
C TYR F 47 -13.92 -10.84 -21.78
N PRO F 48 -14.14 -9.52 -21.79
CA PRO F 48 -13.18 -8.58 -21.20
C PRO F 48 -12.92 -8.88 -19.72
N THR F 49 -11.69 -8.61 -19.29
CA THR F 49 -11.16 -9.05 -17.99
C THR F 49 -11.71 -8.14 -16.89
N LEU F 50 -11.71 -8.63 -15.66
CA LEU F 50 -12.13 -7.88 -14.46
C LEU F 50 -10.93 -7.73 -13.55
N PRO F 51 -10.52 -6.48 -13.20
CA PRO F 51 -9.48 -6.28 -12.19
C PRO F 51 -9.90 -6.88 -10.84
N PRO F 52 -8.92 -7.16 -9.97
CA PRO F 52 -9.20 -7.66 -8.62
C PRO F 52 -10.19 -6.78 -7.82
N GLY F 53 -11.14 -7.41 -7.14
CA GLY F 53 -12.08 -6.71 -6.25
C GLY F 53 -13.10 -5.85 -6.97
N THR F 54 -13.29 -6.00 -8.28
CA THR F 54 -14.28 -5.25 -9.11
C THR F 54 -15.41 -6.18 -9.54
N GLY F 55 -16.50 -5.54 -9.93
CA GLY F 55 -17.72 -6.19 -10.41
C GLY F 55 -18.13 -5.63 -11.75
N ARG F 56 -18.97 -6.37 -12.45
CA ARG F 56 -19.49 -5.95 -13.76
C ARG F 56 -20.86 -6.58 -13.91
N ARG F 57 -21.82 -5.76 -14.30
CA ARG F 57 -23.18 -6.21 -14.61
C ARG F 57 -23.15 -6.74 -16.04
N ILE F 58 -23.61 -7.97 -16.31
CA ILE F 58 -23.55 -8.45 -17.71
C ILE F 58 -24.91 -9.07 -18.07
N HIS F 59 -25.24 -9.00 -19.36
CA HIS F 59 -26.46 -9.59 -19.97
C HIS F 59 -26.11 -10.97 -20.51
N SER F 60 -26.71 -12.01 -19.93
CA SER F 60 -26.49 -13.39 -20.37
C SER F 60 -27.86 -14.01 -20.55
N TYR F 61 -27.94 -15.33 -20.51
CA TYR F 61 -29.18 -16.08 -20.87
C TYR F 61 -29.21 -17.34 -20.02
N ARG F 62 -30.42 -17.79 -19.73
CA ARG F 62 -30.69 -19.02 -18.98
C ARG F 62 -29.98 -20.16 -19.72
N GLY F 63 -29.25 -21.01 -19.00
CA GLY F 63 -28.71 -22.23 -19.61
C GLY F 63 -27.38 -21.96 -20.31
N HIS F 64 -26.88 -20.74 -20.30
CA HIS F 64 -25.51 -20.42 -20.80
C HIS F 64 -24.45 -20.86 -19.78
N LEU F 65 -23.29 -21.32 -20.25
CA LEU F 65 -22.21 -21.86 -19.38
C LEU F 65 -21.04 -20.89 -19.38
N TRP F 66 -20.54 -20.58 -18.19
CA TRP F 66 -19.38 -19.67 -17.96
C TRP F 66 -18.35 -20.38 -17.08
N LEU F 67 -17.09 -20.08 -17.29
CA LEU F 67 -16.03 -20.45 -16.34
C LEU F 67 -15.08 -19.26 -16.26
N PHE F 68 -14.20 -19.25 -15.25
CA PHE F 68 -13.40 -18.06 -14.92
C PHE F 68 -11.98 -18.52 -14.68
N ARG F 69 -11.03 -17.76 -15.23
CA ARG F 69 -9.60 -18.04 -15.13
C ARG F 69 -8.86 -16.79 -14.75
N ASP F 70 -7.65 -16.95 -14.22
CA ASP F 70 -6.63 -15.88 -14.15
C ASP F 70 -6.27 -15.49 -15.58
N ALA F 71 -6.42 -14.20 -15.93
CA ALA F 71 -6.22 -13.72 -17.30
C ALA F 71 -4.77 -13.92 -17.74
N GLY F 72 -3.80 -13.83 -16.83
CA GLY F 72 -2.37 -13.93 -17.15
C GLY F 72 -1.88 -15.37 -17.25
N THR F 73 -2.34 -16.28 -16.39
CA THR F 73 -1.74 -17.63 -16.26
C THR F 73 -2.72 -18.74 -16.63
N HIS F 74 -4.01 -18.43 -16.71
CA HIS F 74 -5.11 -19.40 -16.95
C HIS F 74 -5.30 -20.35 -15.76
N ASP F 75 -4.69 -20.09 -14.60
CA ASP F 75 -5.04 -20.78 -13.32
C ASP F 75 -6.57 -20.80 -13.19
N GLY F 76 -7.14 -21.93 -12.75
CA GLY F 76 -8.58 -22.13 -12.51
C GLY F 76 -9.08 -21.32 -11.32
N LEU F 77 -10.26 -20.71 -11.44
CA LEU F 77 -10.96 -20.01 -10.36
C LEU F 77 -12.30 -20.67 -10.11
N LEU F 78 -12.87 -20.44 -8.93
CA LEU F 78 -14.23 -20.95 -8.60
C LEU F 78 -15.23 -19.82 -8.82
N VAL F 79 -16.47 -20.21 -9.05
CA VAL F 79 -17.59 -19.26 -9.15
C VAL F 79 -18.74 -19.88 -8.36
N ASN F 80 -19.23 -19.15 -7.35
CA ASN F 80 -20.19 -19.72 -6.37
C ASN F 80 -19.68 -21.12 -5.93
N GLN F 81 -18.40 -21.21 -5.57
CA GLN F 81 -17.81 -22.44 -4.98
C GLN F 81 -17.73 -23.60 -5.98
N THR F 82 -17.92 -23.41 -7.28
CA THR F 82 -17.80 -24.52 -8.25
C THR F 82 -17.14 -24.03 -9.57
N GLU F 83 -16.98 -24.92 -10.53
CA GLU F 83 -16.15 -24.71 -11.76
C GLU F 83 -16.94 -23.91 -12.80
N LEU F 84 -18.19 -24.29 -12.99
CA LEU F 84 -19.14 -23.76 -14.00
C LEU F 84 -20.22 -22.89 -13.34
N PHE F 85 -20.60 -21.81 -14.00
CA PHE F 85 -21.72 -20.94 -13.64
C PHE F 85 -22.74 -20.95 -14.79
N VAL F 86 -23.99 -21.27 -14.45
CA VAL F 86 -25.15 -21.27 -15.37
C VAL F 86 -26.13 -20.20 -14.89
N PRO F 87 -26.33 -19.08 -15.61
CA PRO F 87 -27.35 -18.12 -15.24
C PRO F 87 -28.72 -18.81 -15.17
N SER F 88 -29.48 -18.50 -14.14
CA SER F 88 -30.86 -19.02 -13.89
C SER F 88 -31.86 -17.85 -13.92
N LEU F 89 -33.12 -18.12 -13.56
CA LEU F 89 -34.23 -17.14 -13.49
C LEU F 89 -33.85 -15.98 -12.56
N ASN F 90 -34.03 -14.72 -13.00
CA ASN F 90 -33.99 -13.55 -12.08
C ASN F 90 -35.30 -13.47 -11.31
N VAL F 91 -35.35 -13.85 -10.04
CA VAL F 91 -36.60 -13.80 -9.24
C VAL F 91 -36.79 -12.36 -8.77
N ASP F 92 -37.98 -11.79 -9.00
CA ASP F 92 -38.32 -10.38 -8.67
C ASP F 92 -37.28 -9.44 -9.34
N GLY F 93 -36.85 -9.75 -10.58
CA GLY F 93 -35.87 -8.97 -11.34
C GLY F 93 -34.53 -8.82 -10.64
N GLN F 94 -34.24 -9.62 -9.63
CA GLN F 94 -32.94 -9.57 -8.91
C GLN F 94 -31.86 -10.22 -9.76
N PRO F 95 -30.75 -9.50 -10.07
CA PRO F 95 -29.64 -10.11 -10.80
C PRO F 95 -28.96 -11.22 -9.99
N ILE F 96 -28.41 -12.22 -10.69
CA ILE F 96 -27.74 -13.40 -10.10
C ILE F 96 -26.28 -13.00 -9.84
N PHE F 97 -25.80 -13.23 -8.63
CA PHE F 97 -24.40 -13.01 -8.25
C PHE F 97 -23.57 -14.21 -8.71
N ALA F 98 -22.53 -13.93 -9.50
CA ALA F 98 -21.41 -14.88 -9.75
C ALA F 98 -20.20 -14.43 -8.94
N ASN F 99 -20.02 -15.02 -7.76
CA ASN F 99 -18.86 -14.71 -6.87
C ASN F 99 -17.69 -15.58 -7.32
N ILE F 100 -16.69 -14.90 -7.85
CA ILE F 100 -15.46 -15.51 -8.40
C ILE F 100 -14.40 -15.41 -7.30
N THR F 101 -13.83 -16.55 -6.91
CA THR F 101 -12.89 -16.66 -5.77
C THR F 101 -11.73 -17.53 -6.19
N LEU F 102 -10.62 -17.40 -5.47
CA LEU F 102 -9.54 -18.41 -5.53
C LEU F 102 -10.13 -19.72 -5.04
N PRO F 103 -9.79 -20.85 -5.66
CA PRO F 103 -9.89 -22.14 -4.98
C PRO F 103 -8.82 -22.23 -3.89
N VAL F 104 -8.93 -23.25 -3.03
CA VAL F 104 -7.77 -23.73 -2.25
C VAL F 104 -6.93 -24.58 -3.20
N TYR F 105 -5.94 -24.02 -3.87
CA TYR F 105 -4.99 -24.82 -4.67
C TYR F 105 -4.31 -25.85 -3.76
N THR F 106 -3.94 -27.04 -4.28
CA THR F 106 -2.98 -27.95 -3.61
C THR F 106 -1.73 -27.12 -3.37
N LEU F 107 -0.97 -27.47 -2.34
CA LEU F 107 0.32 -26.79 -2.10
C LEU F 107 1.21 -26.97 -3.35
N LYS F 108 1.19 -28.16 -3.94
CA LYS F 108 1.99 -28.40 -5.18
C LYS F 108 1.55 -27.42 -6.29
N GLU F 109 0.27 -27.32 -6.56
CA GLU F 109 -0.17 -26.45 -7.67
C GLU F 109 0.22 -25.01 -7.34
N ARG F 110 0.07 -24.59 -6.09
CA ARG F 110 0.45 -23.22 -5.70
C ARG F 110 1.95 -22.99 -5.91
N CYS F 111 2.82 -23.94 -5.54
CA CYS F 111 4.26 -23.85 -5.81
C CYS F 111 4.53 -23.77 -7.32
N LEU F 112 3.91 -24.60 -8.13
CA LEU F 112 4.12 -24.57 -9.59
C LEU F 112 3.75 -23.17 -10.08
N GLN F 113 2.67 -22.56 -9.56
CA GLN F 113 2.26 -21.20 -9.99
C GLN F 113 3.40 -20.24 -9.71
N VAL F 114 3.98 -20.29 -8.51
CA VAL F 114 5.01 -19.29 -8.15
C VAL F 114 6.25 -19.53 -9.00
N VAL F 115 6.63 -20.79 -9.24
CA VAL F 115 7.85 -21.08 -10.03
C VAL F 115 7.61 -20.65 -11.48
N ARG F 116 6.45 -20.95 -12.07
CA ARG F 116 6.10 -20.45 -13.44
C ARG F 116 6.17 -18.92 -13.47
N SER F 117 5.76 -18.23 -12.40
CA SER F 117 5.77 -16.75 -12.37
C SER F 117 7.21 -16.20 -12.38
N LEU F 118 8.20 -16.97 -11.94
CA LEU F 118 9.60 -16.48 -11.75
C LEU F 118 10.53 -16.96 -12.87
N VAL F 119 10.18 -18.02 -13.61
CA VAL F 119 11.11 -18.70 -14.53
C VAL F 119 10.48 -18.72 -15.92
N LYS F 120 11.21 -18.17 -16.89
CA LYS F 120 10.84 -18.17 -18.34
C LYS F 120 10.81 -19.64 -18.74
N PRO F 121 9.78 -20.09 -19.49
CA PRO F 121 9.62 -21.50 -19.83
C PRO F 121 10.83 -22.15 -20.53
N GLU F 122 11.68 -21.39 -21.21
CA GLU F 122 12.97 -21.85 -21.81
C GLU F 122 13.91 -22.35 -20.71
N ASN F 123 13.72 -21.90 -19.46
CA ASN F 123 14.66 -22.12 -18.33
C ASN F 123 14.15 -23.21 -17.37
N TYR F 124 12.93 -23.74 -17.56
CA TYR F 124 12.37 -24.77 -16.65
C TYR F 124 13.39 -25.93 -16.56
N ARG F 125 13.88 -26.33 -17.74
CA ARG F 125 14.86 -27.42 -17.95
C ARG F 125 16.16 -27.14 -17.16
N ARG F 126 16.47 -25.88 -16.80
CA ARG F 126 17.71 -25.46 -16.11
C ARG F 126 17.55 -25.52 -14.58
N LEU F 127 16.34 -25.73 -14.04
CA LEU F 127 16.13 -25.76 -12.57
C LEU F 127 16.69 -27.06 -11.99
N ASP F 128 17.24 -27.04 -10.78
CA ASP F 128 17.80 -28.29 -10.20
C ASP F 128 16.70 -29.02 -9.42
N ILE F 129 15.86 -29.75 -10.13
CA ILE F 129 14.72 -30.55 -9.58
C ILE F 129 14.60 -31.84 -10.41
N VAL F 130 13.90 -32.84 -9.91
CA VAL F 130 13.59 -34.10 -10.66
C VAL F 130 12.88 -33.78 -11.98
N ARG F 131 13.14 -34.57 -13.01
CA ARG F 131 12.58 -34.44 -14.39
C ARG F 131 11.04 -34.42 -14.36
N SER F 132 10.38 -35.24 -13.53
CA SER F 132 8.89 -35.29 -13.47
C SER F 132 8.34 -33.90 -13.12
N LEU F 133 9.05 -33.10 -12.32
CA LEU F 133 8.62 -31.73 -11.94
C LEU F 133 8.73 -30.76 -13.12
N TYR F 134 9.68 -30.96 -14.04
CA TYR F 134 9.78 -30.13 -15.27
C TYR F 134 8.51 -30.30 -16.05
N GLU F 135 8.05 -31.55 -16.16
CA GLU F 135 6.87 -31.88 -16.98
C GLU F 135 5.65 -31.24 -16.32
N ASP F 136 5.62 -31.20 -14.98
CA ASP F 136 4.49 -30.58 -14.23
C ASP F 136 4.52 -29.06 -14.47
N LEU F 137 5.69 -28.41 -14.47
CA LEU F 137 5.80 -26.96 -14.81
C LEU F 137 5.28 -26.71 -16.22
N GLU F 138 5.72 -27.54 -17.16
CA GLU F 138 5.41 -27.36 -18.61
C GLU F 138 3.92 -27.61 -18.84
N ASP F 139 3.23 -28.42 -18.04
CA ASP F 139 1.78 -28.67 -18.23
C ASP F 139 0.96 -27.47 -17.68
N HIS F 140 1.04 -26.32 -18.33
CA HIS F 140 0.35 -25.04 -17.98
C HIS F 140 -1.16 -25.29 -17.87
N PRO F 141 -1.88 -24.65 -16.92
CA PRO F 141 -3.35 -24.70 -16.93
C PRO F 141 -3.85 -24.22 -18.30
N ASN F 142 -4.95 -24.76 -18.76
CA ASN F 142 -5.40 -24.65 -20.16
C ASN F 142 -6.91 -24.96 -20.12
N VAL F 143 -7.75 -24.05 -20.61
CA VAL F 143 -9.21 -24.25 -20.63
C VAL F 143 -9.57 -25.51 -21.44
N GLN F 144 -8.97 -25.68 -22.62
CA GLN F 144 -9.33 -26.82 -23.52
C GLN F 144 -9.05 -28.14 -22.77
N LYS F 145 -7.92 -28.25 -22.06
CA LYS F 145 -7.59 -29.41 -21.17
C LYS F 145 -8.72 -29.63 -20.16
N ASP F 146 -9.14 -28.57 -19.46
CA ASP F 146 -10.17 -28.68 -18.39
C ASP F 146 -11.51 -29.10 -18.98
N LEU F 147 -11.90 -28.56 -20.12
CA LEU F 147 -13.15 -28.96 -20.80
C LEU F 147 -13.08 -30.47 -21.11
N GLU F 148 -11.91 -30.98 -21.54
CA GLU F 148 -11.72 -32.43 -21.78
C GLU F 148 -11.93 -33.20 -20.47
N ARG F 149 -11.29 -32.76 -19.37
CA ARG F 149 -11.42 -33.40 -18.04
C ARG F 149 -12.90 -33.40 -17.62
N LEU F 150 -13.58 -32.25 -17.69
CA LEU F 150 -14.97 -32.06 -17.21
C LEU F 150 -15.91 -32.96 -18.01
N THR F 151 -15.71 -33.14 -19.32
CA THR F 151 -16.58 -34.02 -20.17
C THR F 151 -16.42 -35.47 -19.73
N GLN F 152 -15.22 -35.92 -19.33
CA GLN F 152 -14.97 -37.30 -18.80
C GLN F 152 -15.69 -37.48 -17.46
N GLU F 153 -16.43 -38.59 -17.30
CA GLU F 153 -17.43 -38.77 -16.20
C GLU F 153 -17.68 -40.27 -15.95
N MET G 1 -40.97 20.93 7.03
CA MET G 1 -40.10 21.05 5.87
C MET G 1 -38.89 20.14 6.08
N ASP G 2 -38.64 19.18 5.18
CA ASP G 2 -37.46 18.30 5.29
C ASP G 2 -36.22 19.10 4.89
N VAL G 3 -35.13 18.90 5.62
CA VAL G 3 -33.79 19.35 5.19
C VAL G 3 -32.90 18.10 5.01
N PHE G 4 -32.01 18.16 4.03
CA PHE G 4 -31.19 17.00 3.59
C PHE G 4 -29.73 17.35 3.91
N LEU G 5 -29.11 16.49 4.72
CA LEU G 5 -27.79 16.73 5.37
C LEU G 5 -26.78 15.64 5.03
N MET G 6 -25.50 16.04 5.05
CA MET G 6 -24.28 15.23 5.12
C MET G 6 -23.63 15.58 6.46
N ILE G 7 -23.57 14.64 7.38
CA ILE G 7 -22.87 14.80 8.68
C ILE G 7 -21.49 14.17 8.51
N ARG G 8 -20.43 14.97 8.65
CA ARG G 8 -19.08 14.60 8.15
C ARG G 8 -18.04 14.73 9.28
N ARG G 9 -17.19 13.72 9.37
CA ARG G 9 -16.06 13.61 10.33
C ARG G 9 -14.98 12.74 9.68
N HIS G 10 -13.79 13.30 9.53
CA HIS G 10 -12.59 12.61 8.98
C HIS G 10 -12.99 12.07 7.61
N LYS G 11 -13.08 10.73 7.46
CA LYS G 11 -13.44 10.05 6.20
C LYS G 11 -14.82 9.41 6.31
N THR G 12 -15.64 9.87 7.22
CA THR G 12 -17.02 9.37 7.45
C THR G 12 -18.01 10.45 6.99
N THR G 13 -19.04 10.06 6.26
CA THR G 13 -20.15 10.97 5.84
C THR G 13 -21.47 10.22 6.05
N ILE G 14 -22.36 10.77 6.86
CA ILE G 14 -23.76 10.26 7.00
C ILE G 14 -24.69 11.11 6.12
N PHE G 15 -25.44 10.46 5.23
CA PHE G 15 -26.61 11.07 4.54
C PHE G 15 -27.86 10.79 5.36
N THR G 16 -28.53 11.85 5.82
CA THR G 16 -29.84 11.70 6.49
C THR G 16 -30.64 12.97 6.25
N ASP G 17 -31.93 12.94 6.56
CA ASP G 17 -32.83 14.11 6.50
C ASP G 17 -33.38 14.33 7.90
N ALA G 18 -33.94 15.52 8.15
CA ALA G 18 -34.64 15.87 9.40
C ALA G 18 -35.62 17.01 9.09
N LYS G 19 -36.46 17.35 10.05
CA LYS G 19 -37.39 18.49 9.90
C LYS G 19 -36.62 19.78 10.20
N GLU G 20 -36.96 20.87 9.51
CA GLU G 20 -36.44 22.23 9.78
C GLU G 20 -36.69 22.58 11.25
N SER G 21 -37.79 22.09 11.82
CA SER G 21 -38.21 22.37 13.21
C SER G 21 -37.51 21.43 14.20
N SER G 22 -36.80 20.40 13.75
CA SER G 22 -36.14 19.46 14.68
C SER G 22 -34.88 20.15 15.23
N THR G 23 -34.35 19.67 16.37
CA THR G 23 -33.29 20.38 17.11
C THR G 23 -31.95 19.70 16.84
N VAL G 24 -30.89 20.45 17.12
CA VAL G 24 -29.49 19.96 17.09
C VAL G 24 -29.36 18.69 17.97
N PHE G 25 -29.99 18.68 19.14
CA PHE G 25 -29.90 17.52 20.07
C PHE G 25 -30.51 16.29 19.39
N GLU G 26 -31.65 16.47 18.71
CA GLU G 26 -32.38 15.34 18.05
C GLU G 26 -31.50 14.77 16.93
N LEU G 27 -30.70 15.63 16.29
CA LEU G 27 -29.72 15.23 15.26
C LEU G 27 -28.59 14.42 15.91
N LYS G 28 -28.13 14.80 17.11
CA LYS G 28 -27.12 14.01 17.88
C LYS G 28 -27.68 12.60 18.20
N ARG G 29 -28.98 12.50 18.50
CA ARG G 29 -29.63 11.17 18.74
C ARG G 29 -29.56 10.34 17.44
N ILE G 30 -29.83 10.96 16.30
CA ILE G 30 -29.67 10.24 15.00
C ILE G 30 -28.23 9.73 14.89
N VAL G 31 -27.24 10.57 15.14
CA VAL G 31 -25.81 10.18 14.99
C VAL G 31 -25.48 9.04 15.96
N GLU G 32 -26.07 9.07 17.14
CA GLU G 32 -25.82 8.01 18.16
C GLU G 32 -26.26 6.64 17.64
N GLY G 33 -27.47 6.57 17.05
CA GLY G 33 -28.04 5.39 16.41
C GLY G 33 -27.04 4.77 15.46
N ILE G 34 -26.28 5.59 14.75
CA ILE G 34 -25.41 5.14 13.64
C ILE G 34 -23.99 4.90 14.16
N LEU G 35 -23.37 5.86 14.84
CA LEU G 35 -21.94 5.74 15.17
C LEU G 35 -21.72 5.36 16.65
N LYS G 36 -22.81 5.12 17.41
CA LYS G 36 -22.80 4.51 18.78
C LYS G 36 -22.03 5.41 19.75
N ARG G 37 -22.22 6.72 19.67
CA ARG G 37 -21.58 7.72 20.56
C ARG G 37 -22.68 8.62 21.09
N PRO G 38 -22.83 8.77 22.44
CA PRO G 38 -23.94 9.55 23.00
C PRO G 38 -23.81 11.03 22.66
N PRO G 39 -24.93 11.78 22.72
CA PRO G 39 -24.91 13.22 22.45
C PRO G 39 -23.79 14.00 23.16
N ASP G 40 -23.50 13.70 24.43
CA ASP G 40 -22.53 14.46 25.25
C ASP G 40 -21.10 14.21 24.74
N GLU G 41 -20.85 13.22 23.88
CA GLU G 41 -19.50 12.97 23.30
C GLU G 41 -19.46 13.48 21.85
N GLN G 42 -20.43 14.32 21.46
CA GLN G 42 -20.53 14.85 20.07
C GLN G 42 -20.57 16.37 20.10
N ARG G 43 -19.86 16.99 19.17
CA ARG G 43 -20.12 18.42 18.78
C ARG G 43 -20.52 18.47 17.31
N LEU G 44 -21.53 19.28 17.00
CA LEU G 44 -22.03 19.51 15.62
C LEU G 44 -21.77 20.96 15.27
N TYR G 45 -21.31 21.20 14.04
CA TYR G 45 -20.87 22.52 13.52
C TYR G 45 -21.59 22.85 12.22
N LYS G 46 -21.87 24.13 12.02
CA LYS G 46 -22.09 24.69 10.67
C LYS G 46 -20.86 25.53 10.34
N ASP G 47 -20.10 25.11 9.34
CA ASP G 47 -18.76 25.67 9.08
C ASP G 47 -17.97 25.61 10.41
N ASP G 48 -17.49 26.74 10.93
CA ASP G 48 -16.59 26.78 12.12
C ASP G 48 -17.42 26.97 13.38
N GLN G 49 -18.75 27.09 13.26
CA GLN G 49 -19.63 27.54 14.37
C GLN G 49 -20.22 26.33 15.09
N LEU G 50 -19.95 26.19 16.39
CA LEU G 50 -20.54 25.16 17.25
C LEU G 50 -22.04 25.44 17.36
N LEU G 51 -22.87 24.41 17.19
CA LEU G 51 -24.35 24.56 17.23
C LEU G 51 -24.84 24.18 18.63
N ASP G 52 -25.82 24.93 19.13
CA ASP G 52 -26.48 24.78 20.46
C ASP G 52 -27.56 23.70 20.36
N ASP G 53 -27.55 22.76 21.30
CA ASP G 53 -28.48 21.61 21.37
C ASP G 53 -29.93 22.08 21.18
N GLY G 54 -30.34 23.19 21.80
CA GLY G 54 -31.75 23.60 21.85
C GLY G 54 -32.21 24.28 20.57
N LYS G 55 -31.29 24.62 19.67
CA LYS G 55 -31.66 25.37 18.44
C LYS G 55 -32.27 24.40 17.41
N THR G 56 -33.19 24.91 16.61
CA THR G 56 -33.74 24.16 15.44
C THR G 56 -32.73 24.27 14.29
N LEU G 57 -32.81 23.32 13.37
CA LEU G 57 -31.97 23.26 12.17
C LEU G 57 -32.25 24.53 11.35
N GLY G 58 -33.52 24.93 11.28
CA GLY G 58 -33.97 26.17 10.61
C GLY G 58 -33.23 27.36 11.15
N GLU G 59 -33.21 27.49 12.48
CA GLU G 59 -32.57 28.63 13.17
C GLU G 59 -31.06 28.60 12.93
N CYS G 60 -30.48 27.41 12.73
CA CYS G 60 -29.05 27.25 12.43
C CYS G 60 -28.76 27.51 10.95
N GLY G 61 -29.77 27.71 10.11
CA GLY G 61 -29.60 28.10 8.70
C GLY G 61 -29.67 26.94 7.74
N PHE G 62 -30.12 25.76 8.20
CA PHE G 62 -30.46 24.61 7.35
C PHE G 62 -31.92 24.77 7.00
N THR G 63 -32.16 25.19 5.77
CA THR G 63 -33.51 25.40 5.20
C THR G 63 -33.66 24.51 3.99
N SER G 64 -34.89 24.23 3.63
CA SER G 64 -35.20 23.46 2.42
C SER G 64 -34.52 24.11 1.21
N GLN G 65 -34.33 25.43 1.18
CA GLN G 65 -33.69 26.08 0.01
C GLN G 65 -32.19 25.71 -0.03
N THR G 66 -31.52 25.52 1.10
CA THR G 66 -30.04 25.35 1.16
C THR G 66 -29.67 23.91 1.45
N ALA G 67 -30.62 23.03 1.73
CA ALA G 67 -30.33 21.66 2.20
C ALA G 67 -31.21 20.71 1.42
N ARG G 68 -30.87 20.55 0.14
CA ARG G 68 -31.70 19.86 -0.87
C ARG G 68 -31.24 18.41 -1.02
N PRO G 69 -32.15 17.50 -1.41
CA PRO G 69 -31.80 16.09 -1.56
C PRO G 69 -30.58 15.88 -2.47
N GLN G 70 -30.52 16.61 -3.57
CA GLN G 70 -29.48 16.49 -4.61
C GLN G 70 -28.29 17.39 -4.31
N ALA G 71 -28.33 18.19 -3.25
CA ALA G 71 -27.23 19.11 -2.84
C ALA G 71 -27.35 19.36 -1.34
N PRO G 72 -27.09 18.33 -0.51
CA PRO G 72 -27.35 18.41 0.91
C PRO G 72 -26.38 19.34 1.62
N ALA G 73 -26.79 19.89 2.76
CA ALA G 73 -25.96 20.81 3.55
C ALA G 73 -25.06 19.99 4.47
N THR G 74 -23.85 20.47 4.73
CA THR G 74 -22.83 19.78 5.54
C THR G 74 -22.94 20.24 6.99
N VAL G 75 -23.12 19.26 7.87
CA VAL G 75 -22.91 19.37 9.33
C VAL G 75 -21.57 18.72 9.69
N GLY G 76 -20.67 19.49 10.30
CA GLY G 76 -19.42 18.97 10.89
C GLY G 76 -19.70 18.24 12.20
N LEU G 77 -18.95 17.17 12.45
CA LEU G 77 -19.03 16.34 13.67
C LEU G 77 -17.61 16.16 14.25
N ALA G 78 -17.48 16.39 15.55
CA ALA G 78 -16.27 16.12 16.36
C ALA G 78 -16.67 15.28 17.58
N PHE G 79 -15.85 14.28 17.90
CA PHE G 79 -16.02 13.34 19.04
C PHE G 79 -15.15 13.77 20.24
N ARG G 80 -15.66 13.56 21.44
CA ARG G 80 -14.87 13.59 22.70
C ARG G 80 -14.19 12.23 22.81
N ALA G 81 -12.87 12.20 22.72
CA ALA G 81 -12.05 10.99 22.97
C ALA G 81 -11.50 11.15 24.38
N ASP G 82 -11.97 10.29 25.30
CA ASP G 82 -11.55 10.28 26.73
C ASP G 82 -11.85 11.67 27.33
N ASP G 83 -10.82 12.43 27.72
CA ASP G 83 -10.97 13.70 28.49
C ASP G 83 -11.66 14.74 27.58
N THR G 84 -11.09 15.05 26.39
CA THR G 84 -11.33 16.33 25.66
C THR G 84 -11.82 16.04 24.23
N PHE G 85 -12.37 17.07 23.58
CA PHE G 85 -12.88 17.01 22.20
C PHE G 85 -11.71 17.17 21.22
N GLU G 86 -11.66 16.31 20.19
CA GLU G 86 -10.77 16.50 19.02
C GLU G 86 -11.23 17.78 18.31
N ALA G 87 -10.33 18.40 17.54
CA ALA G 87 -10.64 19.45 16.56
C ALA G 87 -11.58 18.89 15.48
N LEU G 88 -12.55 19.69 15.02
CA LEU G 88 -13.32 19.42 13.80
C LEU G 88 -12.34 19.17 12.63
N CYS G 89 -12.32 17.97 12.05
CA CYS G 89 -11.50 17.69 10.84
C CYS G 89 -12.38 16.94 9.83
N ILE G 90 -12.47 17.45 8.61
CA ILE G 90 -13.23 16.81 7.50
C ILE G 90 -12.27 16.58 6.34
N GLU G 91 -12.04 15.32 5.97
CA GLU G 91 -11.19 15.01 4.79
C GLU G 91 -11.97 15.40 3.55
N PRO G 92 -11.40 16.20 2.64
CA PRO G 92 -12.03 16.45 1.34
C PRO G 92 -12.18 15.14 0.54
N PHE G 93 -13.17 15.07 -0.33
CA PHE G 93 -13.35 14.03 -1.38
C PHE G 93 -12.16 14.10 -2.34
N SER G 94 -11.90 13.00 -3.05
CA SER G 94 -10.87 12.92 -4.12
C SER G 94 -11.06 14.07 -5.12
N SER G 95 -9.99 14.41 -5.83
CA SER G 95 -10.00 15.41 -6.92
C SER G 95 -10.41 14.74 -8.23
N PRO G 96 -11.37 15.33 -8.96
CA PRO G 96 -11.66 14.85 -10.30
C PRO G 96 -10.43 15.07 -11.17
N PRO G 97 -10.22 14.24 -12.20
CA PRO G 97 -9.13 14.52 -13.16
C PRO G 97 -9.44 15.76 -14.01
N GLU G 98 -8.45 16.21 -14.75
CA GLU G 98 -8.64 17.22 -15.84
C GLU G 98 -9.72 16.72 -16.80
N LEU G 99 -10.57 17.60 -17.29
CA LEU G 99 -11.47 17.28 -18.43
C LEU G 99 -10.61 16.75 -19.57
N PRO G 100 -10.96 15.62 -20.21
CA PRO G 100 -10.29 15.21 -21.44
C PRO G 100 -10.45 16.32 -22.50
N ASP G 101 -9.56 16.34 -23.51
CA ASP G 101 -9.55 17.35 -24.59
C ASP G 101 -10.94 17.43 -25.24
N VAL G 102 -11.54 16.27 -25.53
CA VAL G 102 -12.83 16.15 -26.28
C VAL G 102 -14.03 16.65 -25.45
N MET G 103 -13.84 17.01 -24.17
CA MET G 103 -14.91 17.59 -23.31
C MET G 103 -14.62 19.07 -23.05
N LYS G 104 -13.46 19.57 -23.49
CA LYS G 104 -13.00 20.95 -23.21
C LYS G 104 -13.79 21.86 -24.16
N MET H 1 -34.17 2.86 11.86
CA MET H 1 -33.86 2.89 10.41
C MET H 1 -32.55 2.15 10.13
N MET H 2 -32.60 1.14 9.28
CA MET H 2 -31.38 0.41 8.87
C MET H 2 -30.57 1.37 8.01
N TYR H 3 -29.28 1.45 8.28
CA TYR H 3 -28.24 2.13 7.47
C TYR H 3 -27.30 1.07 6.89
N VAL H 4 -26.56 1.42 5.85
CA VAL H 4 -25.48 0.59 5.23
C VAL H 4 -24.31 1.51 4.92
N LYS H 5 -23.12 0.93 4.85
CA LYS H 5 -21.89 1.73 4.64
C LYS H 5 -21.37 1.43 3.24
N LEU H 6 -21.14 2.44 2.45
CA LEU H 6 -20.55 2.28 1.10
C LEU H 6 -19.18 2.94 1.15
N ILE H 7 -18.13 2.20 0.82
CA ILE H 7 -16.74 2.71 0.95
C ILE H 7 -16.14 2.94 -0.43
N SER H 8 -15.65 4.14 -0.69
CA SER H 8 -15.04 4.52 -2.00
C SER H 8 -13.65 3.89 -2.11
N SER H 9 -13.04 4.00 -3.29
CA SER H 9 -11.71 3.44 -3.63
C SER H 9 -10.65 4.13 -2.76
N ASP H 10 -10.82 5.42 -2.45
CA ASP H 10 -9.87 6.21 -1.61
C ASP H 10 -10.24 6.12 -0.10
N GLY H 11 -11.08 5.16 0.35
CA GLY H 11 -11.38 4.92 1.78
C GLY H 11 -12.43 5.84 2.41
N HIS H 12 -13.13 6.72 1.68
CA HIS H 12 -14.23 7.51 2.31
C HIS H 12 -15.40 6.56 2.59
N GLU H 13 -15.98 6.66 3.79
CA GLU H 13 -17.12 5.84 4.22
C GLU H 13 -18.41 6.67 4.20
N PHE H 14 -19.36 6.29 3.35
CA PHE H 14 -20.68 6.93 3.19
C PHE H 14 -21.74 6.06 3.84
N ILE H 15 -22.43 6.55 4.84
CA ILE H 15 -23.49 5.80 5.54
C ILE H 15 -24.85 6.38 5.08
N VAL H 16 -25.68 5.55 4.47
CA VAL H 16 -26.98 5.96 3.86
C VAL H 16 -28.06 5.00 4.38
N LYS H 17 -29.31 5.45 4.40
CA LYS H 17 -30.45 4.54 4.71
C LYS H 17 -30.39 3.34 3.74
N ARG H 18 -30.61 2.15 4.27
CA ARG H 18 -30.73 0.89 3.49
C ARG H 18 -31.76 1.06 2.37
N GLU H 19 -32.97 1.55 2.71
CA GLU H 19 -34.05 1.76 1.71
C GLU H 19 -33.48 2.61 0.54
N HIS H 20 -32.64 3.59 0.81
CA HIS H 20 -32.05 4.50 -0.21
C HIS H 20 -31.04 3.70 -1.03
N ALA H 21 -30.20 2.91 -0.40
CA ALA H 21 -29.16 2.10 -1.08
C ALA H 21 -29.84 1.09 -2.03
N LEU H 22 -31.03 0.62 -1.68
CA LEU H 22 -31.79 -0.33 -2.52
C LEU H 22 -32.28 0.32 -3.83
N THR H 23 -32.26 1.63 -3.98
CA THR H 23 -32.41 2.29 -5.29
C THR H 23 -31.47 1.62 -6.31
N SER H 24 -30.29 1.15 -5.90
CA SER H 24 -29.33 0.47 -6.81
C SER H 24 -29.67 -1.00 -6.82
N GLY H 25 -29.99 -1.53 -8.00
CA GLY H 25 -30.25 -2.98 -8.18
C GLY H 25 -29.02 -3.77 -7.78
N THR H 26 -27.82 -3.31 -8.15
CA THR H 26 -26.56 -4.02 -7.83
C THR H 26 -26.39 -4.10 -6.32
N ILE H 27 -26.58 -2.99 -5.61
CA ILE H 27 -26.39 -2.96 -4.13
C ILE H 27 -27.48 -3.82 -3.49
N LYS H 28 -28.71 -3.74 -3.99
CA LYS H 28 -29.85 -4.54 -3.48
C LYS H 28 -29.49 -6.02 -3.52
N ALA H 29 -28.86 -6.49 -4.60
CA ALA H 29 -28.46 -7.91 -4.79
C ALA H 29 -27.37 -8.25 -3.80
N MET H 30 -26.41 -7.36 -3.56
CA MET H 30 -25.30 -7.63 -2.62
C MET H 30 -25.85 -7.81 -1.19
N LEU H 31 -26.92 -7.12 -0.84
CA LEU H 31 -27.46 -7.12 0.53
C LEU H 31 -28.48 -8.25 0.71
N SER H 32 -29.31 -8.54 -0.30
CA SER H 32 -30.33 -9.62 -0.29
C SER H 32 -29.66 -11.00 -0.49
N GLY H 33 -28.65 -11.10 -1.35
CA GLY H 33 -27.65 -12.19 -1.32
C GLY H 33 -26.63 -11.92 -0.23
N ASN H 43 -23.13 -5.29 6.55
CA ASN H 43 -23.86 -4.07 6.12
C ASN H 43 -22.87 -3.01 5.60
N GLU H 44 -21.85 -3.48 4.92
CA GLU H 44 -20.73 -2.70 4.34
C GLU H 44 -20.51 -3.16 2.91
N VAL H 45 -20.13 -2.26 2.02
CA VAL H 45 -19.84 -2.57 0.61
C VAL H 45 -18.63 -1.74 0.21
N ASN H 46 -17.63 -2.36 -0.40
CA ASN H 46 -16.41 -1.67 -0.87
C ASN H 46 -16.49 -1.48 -2.37
N PHE H 47 -16.11 -0.34 -2.90
CA PHE H 47 -16.07 -0.10 -4.36
C PHE H 47 -14.63 0.25 -4.67
N ARG H 48 -13.82 -0.74 -5.01
CA ARG H 48 -12.39 -0.50 -5.32
C ARG H 48 -12.24 0.44 -6.51
N GLU H 49 -13.27 0.62 -7.33
CA GLU H 49 -13.15 1.38 -8.60
C GLU H 49 -13.96 2.67 -8.55
N ILE H 50 -14.64 3.01 -7.47
CA ILE H 50 -15.43 4.27 -7.45
C ILE H 50 -14.82 5.19 -6.40
N PRO H 51 -14.18 6.31 -6.83
CA PRO H 51 -13.62 7.28 -5.90
C PRO H 51 -14.71 8.17 -5.23
N SER H 52 -14.30 8.88 -4.19
CA SER H 52 -15.22 9.58 -3.25
C SER H 52 -15.96 10.71 -3.95
N HIS H 53 -15.31 11.42 -4.86
CA HIS H 53 -15.97 12.52 -5.62
C HIS H 53 -17.08 11.95 -6.53
N VAL H 54 -17.08 10.66 -6.85
CA VAL H 54 -18.17 10.01 -7.61
C VAL H 54 -19.18 9.40 -6.62
N LEU H 55 -18.70 8.67 -5.62
CA LEU H 55 -19.63 7.91 -4.75
C LEU H 55 -20.48 8.87 -3.92
N SER H 56 -19.94 10.02 -3.51
CA SER H 56 -20.73 11.02 -2.74
C SER H 56 -21.96 11.42 -3.58
N LYS H 57 -21.75 11.66 -4.87
CA LYS H 57 -22.84 12.06 -5.81
C LYS H 57 -23.84 10.94 -5.99
N VAL H 58 -23.38 9.70 -6.09
CA VAL H 58 -24.31 8.54 -6.14
C VAL H 58 -25.24 8.59 -4.93
N CYS H 59 -24.72 8.85 -3.75
CA CYS H 59 -25.56 8.89 -2.52
C CYS H 59 -26.58 10.06 -2.62
N MET H 60 -26.16 11.18 -3.16
CA MET H 60 -27.08 12.32 -3.34
C MET H 60 -28.20 11.85 -4.30
N TYR H 61 -27.87 11.08 -5.33
CA TYR H 61 -28.83 10.59 -6.32
C TYR H 61 -29.88 9.73 -5.62
N PHE H 62 -29.44 8.80 -4.75
CA PHE H 62 -30.38 7.96 -3.97
C PHE H 62 -31.38 8.86 -3.23
N THR H 63 -30.87 9.89 -2.55
CA THR H 63 -31.74 10.79 -1.74
C THR H 63 -32.77 11.46 -2.68
N TYR H 64 -32.28 12.01 -3.80
CA TYR H 64 -33.08 12.72 -4.82
C TYR H 64 -34.18 11.80 -5.35
N LYS H 65 -33.78 10.59 -5.72
CA LYS H 65 -34.74 9.63 -6.33
C LYS H 65 -35.84 9.25 -5.33
N VAL H 66 -35.50 8.93 -4.08
CA VAL H 66 -36.54 8.52 -3.09
C VAL H 66 -37.44 9.73 -2.80
N ARG H 67 -36.88 10.93 -2.73
CA ARG H 67 -37.70 12.12 -2.42
C ARG H 67 -38.69 12.37 -3.58
N TYR H 68 -38.25 12.29 -4.83
CA TYR H 68 -39.02 12.87 -5.95
C TYR H 68 -39.79 11.81 -6.77
N THR H 69 -39.53 10.52 -6.58
CA THR H 69 -40.30 9.43 -7.24
C THR H 69 -41.73 9.46 -6.68
N ASN H 70 -42.75 9.44 -7.53
CA ASN H 70 -44.19 9.44 -7.12
C ASN H 70 -44.46 10.69 -6.26
N SER H 71 -44.16 11.87 -6.80
CA SER H 71 -44.32 13.20 -6.14
C SER H 71 -45.02 14.15 -7.12
N SER H 72 -46.02 14.93 -6.66
CA SER H 72 -46.68 16.00 -7.45
C SER H 72 -45.80 17.25 -7.49
N THR H 73 -45.07 17.50 -6.40
CA THR H 73 -44.14 18.66 -6.22
C THR H 73 -43.15 18.67 -7.39
N GLU H 74 -43.05 19.79 -8.12
CA GLU H 74 -42.21 19.97 -9.32
C GLU H 74 -40.79 19.45 -9.03
N ILE H 75 -40.23 18.68 -9.95
CA ILE H 75 -38.94 17.96 -9.78
C ILE H 75 -37.85 18.85 -10.33
N PRO H 76 -36.77 19.14 -9.57
CA PRO H 76 -35.63 19.91 -10.09
C PRO H 76 -34.59 18.97 -10.74
N GLU H 77 -33.69 19.57 -11.52
CA GLU H 77 -32.61 18.89 -12.28
C GLU H 77 -31.63 18.26 -11.27
N PHE H 78 -31.25 17.00 -11.44
CA PHE H 78 -30.08 16.43 -10.76
C PHE H 78 -28.81 17.01 -11.38
N PRO H 79 -28.02 17.82 -10.64
CA PRO H 79 -26.86 18.51 -11.22
C PRO H 79 -25.65 17.54 -11.22
N ILE H 80 -24.84 17.61 -12.24
CA ILE H 80 -23.59 16.84 -12.44
C ILE H 80 -22.52 17.79 -13.01
N ALA H 81 -21.43 17.99 -12.27
CA ALA H 81 -20.27 18.80 -12.73
C ALA H 81 -19.65 18.11 -13.94
N PRO H 82 -19.31 18.88 -15.00
CA PRO H 82 -18.68 18.30 -16.17
C PRO H 82 -17.53 17.34 -15.77
N GLU H 83 -16.75 17.75 -14.76
CA GLU H 83 -15.48 17.10 -14.37
C GLU H 83 -15.75 15.69 -13.87
N ILE H 84 -16.94 15.38 -13.39
CA ILE H 84 -17.19 14.04 -12.76
C ILE H 84 -18.10 13.20 -13.67
N ALA H 85 -18.62 13.74 -14.76
CA ALA H 85 -19.69 13.08 -15.55
C ALA H 85 -19.22 11.69 -16.05
N LEU H 86 -18.01 11.62 -16.56
CA LEU H 86 -17.48 10.39 -17.20
C LEU H 86 -17.42 9.28 -16.14
N GLU H 87 -16.86 9.59 -14.97
CA GLU H 87 -16.68 8.55 -13.92
C GLU H 87 -18.04 8.21 -13.32
N LEU H 88 -18.89 9.19 -13.19
CA LEU H 88 -20.27 8.97 -12.65
C LEU H 88 -21.05 8.05 -13.59
N LEU H 89 -20.88 8.23 -14.90
CA LEU H 89 -21.48 7.35 -15.92
C LEU H 89 -21.03 5.90 -15.69
N MET H 90 -19.74 5.67 -15.51
CA MET H 90 -19.23 4.28 -15.32
C MET H 90 -19.81 3.74 -14.01
N ALA H 91 -19.89 4.54 -12.95
CA ALA H 91 -20.43 4.04 -11.67
C ALA H 91 -21.94 3.71 -11.83
N ALA H 92 -22.69 4.57 -12.52
CA ALA H 92 -24.15 4.42 -12.68
C ALA H 92 -24.42 3.12 -13.43
N ASN H 93 -23.58 2.85 -14.43
CA ASN H 93 -23.65 1.62 -15.27
C ASN H 93 -23.50 0.39 -14.37
N PHE H 94 -22.51 0.35 -13.47
CA PHE H 94 -22.26 -0.80 -12.58
C PHE H 94 -23.42 -0.94 -11.58
N LEU H 95 -23.89 0.19 -11.03
CA LEU H 95 -24.87 0.20 -9.90
C LEU H 95 -26.30 -0.03 -10.42
N ASP H 96 -26.55 0.14 -11.73
CA ASP H 96 -27.93 -0.03 -12.27
C ASP H 96 -28.88 0.90 -11.49
N CYS H 97 -28.57 2.19 -11.45
CA CYS H 97 -29.58 3.18 -10.95
C CYS H 97 -29.64 4.36 -11.93
N PRO I 10 -51.02 3.88 -38.35
CA PRO I 10 -50.38 3.55 -37.05
C PRO I 10 -51.33 3.63 -35.85
N VAL I 11 -51.12 2.79 -34.82
CA VAL I 11 -52.02 2.74 -33.62
C VAL I 11 -51.94 4.10 -32.91
N LEU I 12 -50.74 4.69 -32.72
CA LEU I 12 -50.58 6.00 -32.03
C LEU I 12 -50.71 7.13 -33.05
N ARG I 13 -51.87 7.74 -33.10
CA ARG I 13 -52.18 8.85 -34.01
C ARG I 13 -53.35 9.64 -33.40
N SER I 14 -53.48 10.89 -33.76
CA SER I 14 -54.64 11.70 -33.33
C SER I 14 -55.87 11.14 -34.04
N VAL I 15 -56.98 11.14 -33.30
CA VAL I 15 -58.35 10.96 -33.85
C VAL I 15 -58.82 12.30 -34.44
N ASN I 16 -59.32 12.30 -35.67
CA ASN I 16 -59.83 13.55 -36.32
C ASN I 16 -61.28 13.81 -35.84
N SER I 17 -61.45 14.19 -34.59
CA SER I 17 -62.74 14.44 -33.91
C SER I 17 -63.37 15.72 -34.44
N ARG I 18 -62.57 16.74 -34.80
CA ARG I 18 -63.04 18.12 -35.08
C ARG I 18 -63.81 18.67 -33.89
N GLU I 19 -63.47 18.25 -32.68
CA GLU I 19 -64.11 18.79 -31.47
C GLU I 19 -63.09 19.66 -30.75
N PRO I 20 -63.14 20.99 -30.84
CA PRO I 20 -62.17 21.83 -30.18
C PRO I 20 -62.03 21.48 -28.68
N SER I 21 -60.81 21.55 -28.17
CA SER I 21 -60.48 21.35 -26.74
C SER I 21 -59.38 22.37 -26.40
N GLN I 22 -59.66 23.24 -25.44
CA GLN I 22 -58.71 24.29 -24.97
C GLN I 22 -57.76 23.63 -23.96
N VAL I 23 -56.48 23.92 -24.06
CA VAL I 23 -55.44 23.26 -23.22
C VAL I 23 -54.48 24.31 -22.70
N ILE I 24 -54.05 24.20 -21.44
CA ILE I 24 -52.89 24.98 -20.95
C ILE I 24 -51.64 24.10 -20.93
N PHE I 25 -50.66 24.44 -21.76
CA PHE I 25 -49.32 23.82 -21.74
C PHE I 25 -48.58 24.55 -20.63
N ASN I 27 -45.23 24.53 -18.44
CA ASN I 27 -43.89 23.99 -18.40
C ASN I 27 -43.32 24.16 -16.99
N ARG I 28 -43.51 23.16 -16.13
CA ARG I 28 -42.96 23.14 -14.76
C ARG I 28 -41.63 22.38 -14.74
N SER I 29 -40.76 22.61 -15.70
CA SER I 29 -39.45 21.94 -15.87
C SER I 29 -38.45 23.05 -16.08
N PRO I 30 -37.15 22.79 -15.86
CA PRO I 30 -36.11 23.76 -16.18
C PRO I 30 -35.66 23.67 -17.64
N ARG I 31 -36.31 22.84 -18.45
CA ARG I 31 -35.95 22.68 -19.88
C ARG I 31 -36.80 23.59 -20.75
N VAL I 32 -36.25 24.01 -21.88
CA VAL I 32 -37.02 24.50 -23.05
C VAL I 32 -37.78 23.30 -23.60
N VAL I 33 -39.09 23.42 -23.65
CA VAL I 33 -40.01 22.30 -24.03
C VAL I 33 -40.43 22.46 -25.50
N LEU I 34 -40.36 21.34 -26.22
CA LEU I 34 -40.91 21.14 -27.57
C LEU I 34 -42.16 20.32 -27.41
N PRO I 35 -43.36 20.92 -27.61
CA PRO I 35 -44.59 20.14 -27.72
C PRO I 35 -44.61 19.47 -29.10
N VAL I 36 -45.04 18.21 -29.14
CA VAL I 36 -45.12 17.41 -30.38
C VAL I 36 -46.52 16.83 -30.51
N TRP I 37 -47.18 17.13 -31.61
CA TRP I 37 -48.52 16.62 -31.96
C TRP I 37 -48.34 15.41 -32.86
N LEU I 38 -48.95 14.28 -32.53
CA LEU I 38 -49.02 13.14 -33.47
C LEU I 38 -50.16 13.38 -34.48
N ASN I 39 -49.86 13.59 -35.73
CA ASN I 39 -50.89 13.97 -36.73
C ASN I 39 -51.72 12.72 -37.05
N PHE I 40 -52.61 12.85 -38.04
CA PHE I 40 -53.63 11.81 -38.32
C PHE I 40 -52.98 10.58 -38.95
N ASP I 41 -51.77 10.73 -39.50
CA ASP I 41 -50.92 9.60 -39.99
C ASP I 41 -49.97 9.07 -38.92
N GLY I 42 -49.91 9.63 -37.72
CA GLY I 42 -48.96 9.19 -36.70
C GLY I 42 -47.62 9.90 -36.82
N GLU I 43 -47.46 10.85 -37.72
CA GLU I 43 -46.20 11.61 -37.84
C GLU I 43 -46.12 12.65 -36.73
N PRO I 44 -44.98 12.73 -36.04
CA PRO I 44 -44.75 13.78 -35.06
C PRO I 44 -44.63 15.15 -35.70
N GLN I 45 -45.40 16.11 -35.22
CA GLN I 45 -45.37 17.50 -35.71
C GLN I 45 -44.97 18.42 -34.57
N PRO I 46 -43.81 19.05 -34.64
CA PRO I 46 -43.37 20.00 -33.62
C PRO I 46 -44.13 21.33 -33.67
N TYR I 47 -44.38 21.88 -32.48
CA TYR I 47 -45.10 23.15 -32.26
C TYR I 47 -44.11 24.07 -31.57
N PRO I 48 -44.39 25.37 -31.50
CA PRO I 48 -43.46 26.33 -30.92
C PRO I 48 -43.04 25.99 -29.48
N THR I 49 -41.80 26.28 -29.15
CA THR I 49 -41.17 25.86 -27.88
C THR I 49 -41.68 26.76 -26.74
N LEU I 50 -41.65 26.23 -25.53
CA LEU I 50 -42.01 26.97 -24.30
C LEU I 50 -40.78 27.10 -23.43
N PRO I 51 -40.40 28.33 -23.08
CA PRO I 51 -39.33 28.54 -22.09
C PRO I 51 -39.67 27.91 -20.74
N PRO I 52 -38.64 27.60 -19.92
CA PRO I 52 -38.84 27.08 -18.58
C PRO I 52 -39.77 27.94 -17.70
N GLY I 53 -40.68 27.30 -16.99
CA GLY I 53 -41.56 28.01 -16.02
C GLY I 53 -42.64 28.86 -16.68
N THR I 54 -42.90 28.71 -17.98
CA THR I 54 -43.95 29.45 -18.72
C THR I 54 -45.11 28.52 -19.10
N GLY I 55 -46.25 29.14 -19.35
CA GLY I 55 -47.51 28.49 -19.71
C GLY I 55 -48.09 29.14 -20.93
N ARG I 56 -48.84 28.40 -21.73
CA ARG I 56 -49.46 28.92 -22.96
C ARG I 56 -50.82 28.25 -23.11
N ARG I 57 -51.84 29.04 -23.37
CA ARG I 57 -53.19 28.59 -23.73
C ARG I 57 -53.17 28.20 -25.20
N ILE I 58 -53.55 26.97 -25.55
CA ILE I 58 -53.49 26.53 -26.96
C ILE I 58 -54.81 25.86 -27.33
N HIS I 59 -55.16 25.91 -28.62
CA HIS I 59 -56.36 25.31 -29.22
C HIS I 59 -55.98 23.96 -29.82
N SER I 60 -56.53 22.90 -29.27
CA SER I 60 -56.34 21.52 -29.78
C SER I 60 -57.73 20.91 -29.99
N TYR I 61 -57.84 19.59 -29.95
CA TYR I 61 -59.08 18.84 -30.27
C TYR I 61 -59.12 17.57 -29.43
N ARG I 62 -60.32 17.12 -29.10
CA ARG I 62 -60.56 15.88 -28.33
C ARG I 62 -59.91 14.72 -29.11
N GLY I 63 -59.18 13.86 -28.43
CA GLY I 63 -58.66 12.64 -29.08
C GLY I 63 -57.36 12.93 -29.79
N HIS I 64 -56.83 14.16 -29.73
CA HIS I 64 -55.50 14.47 -30.30
C HIS I 64 -54.42 13.96 -29.32
N LEU I 65 -53.29 13.47 -29.84
CA LEU I 65 -52.19 12.94 -29.01
C LEU I 65 -51.04 13.95 -29.04
N TRP I 66 -50.49 14.22 -27.87
CA TRP I 66 -49.32 15.12 -27.66
C TRP I 66 -48.28 14.43 -26.79
N LEU I 67 -47.02 14.75 -27.01
CA LEU I 67 -45.93 14.39 -26.09
C LEU I 67 -44.97 15.58 -26.06
N PHE I 68 -44.04 15.59 -25.10
CA PHE I 68 -43.25 16.79 -24.77
C PHE I 68 -41.80 16.36 -24.59
N ARG I 69 -40.90 17.10 -25.22
CA ARG I 69 -39.46 16.81 -25.20
C ARG I 69 -38.70 18.07 -24.85
N ASP I 70 -37.47 17.90 -24.45
CA ASP I 70 -36.47 18.98 -24.42
C ASP I 70 -36.20 19.41 -25.85
N ALA I 71 -36.37 20.70 -26.15
CA ALA I 71 -36.28 21.23 -27.53
C ALA I 71 -34.86 21.01 -28.08
N GLY I 72 -33.84 21.09 -27.24
CA GLY I 72 -32.44 21.00 -27.69
C GLY I 72 -31.93 19.55 -27.80
N THR I 73 -32.31 18.66 -26.90
CA THR I 73 -31.69 17.32 -26.79
C THR I 73 -32.67 16.19 -27.12
N HIS I 74 -33.96 16.49 -27.13
CA HIS I 74 -35.06 15.51 -27.31
C HIS I 74 -35.18 14.55 -26.13
N ASP I 75 -34.50 14.79 -25.00
CA ASP I 75 -34.77 14.08 -23.72
C ASP I 75 -36.30 14.06 -23.49
N GLY I 76 -36.84 12.93 -23.04
CA GLY I 76 -38.28 12.74 -22.76
C GLY I 76 -38.71 13.51 -21.52
N LEU I 77 -39.89 14.14 -21.56
CA LEU I 77 -40.52 14.78 -20.39
C LEU I 77 -41.86 14.11 -20.11
N LEU I 78 -42.41 14.29 -18.92
CA LEU I 78 -43.73 13.77 -18.56
C LEU I 78 -44.76 14.87 -18.71
N VAL I 79 -46.01 14.48 -18.96
CA VAL I 79 -47.14 15.43 -18.97
C VAL I 79 -48.24 14.79 -18.13
N ASN I 80 -48.69 15.49 -17.08
CA ASN I 80 -49.59 14.90 -16.07
C ASN I 80 -49.04 13.53 -15.66
N GLN I 81 -47.73 13.46 -15.39
CA GLN I 81 -47.04 12.28 -14.81
C GLN I 81 -47.05 11.10 -15.78
N THR I 82 -47.33 11.26 -17.06
CA THR I 82 -47.27 10.15 -18.03
C THR I 82 -46.67 10.63 -19.36
N GLU I 83 -46.60 9.75 -20.36
CA GLU I 83 -45.85 10.00 -21.61
C GLU I 83 -46.69 10.80 -22.61
N LEU I 84 -47.96 10.44 -22.74
CA LEU I 84 -48.92 10.97 -23.73
C LEU I 84 -49.98 11.82 -23.03
N PHE I 85 -50.41 12.89 -23.69
CA PHE I 85 -51.51 13.77 -23.29
C PHE I 85 -52.55 13.78 -24.42
N VAL I 86 -53.79 13.47 -24.05
CA VAL I 86 -54.98 13.51 -24.92
C VAL I 86 -55.93 14.57 -24.38
N PRO I 87 -56.15 15.69 -25.09
CA PRO I 87 -57.19 16.65 -24.69
C PRO I 87 -58.53 15.92 -24.61
N SER I 88 -59.29 16.22 -23.58
CA SER I 88 -60.66 15.70 -23.38
C SER I 88 -61.67 16.87 -23.47
N LEU I 89 -62.94 16.60 -23.25
CA LEU I 89 -64.02 17.63 -23.30
C LEU I 89 -63.73 18.71 -22.24
N ASN I 90 -63.81 19.99 -22.59
CA ASN I 90 -63.82 21.12 -21.60
C ASN I 90 -65.21 21.22 -20.94
N VAL I 91 -65.26 21.07 -19.63
CA VAL I 91 -66.51 21.28 -18.85
C VAL I 91 -66.54 22.74 -18.35
N ASP I 92 -67.63 23.45 -18.65
CA ASP I 92 -67.88 24.85 -18.19
C ASP I 92 -66.75 25.75 -18.69
N GLY I 93 -66.30 25.53 -19.93
CA GLY I 93 -65.21 26.31 -20.54
C GLY I 93 -63.90 26.27 -19.76
N GLN I 94 -63.72 25.31 -18.84
CA GLN I 94 -62.44 25.17 -18.10
C GLN I 94 -61.39 24.55 -19.02
N PRO I 95 -60.22 25.18 -19.23
CA PRO I 95 -59.18 24.56 -20.04
C PRO I 95 -58.59 23.35 -19.31
N ILE I 96 -58.05 22.39 -20.05
CA ILE I 96 -57.41 21.16 -19.51
C ILE I 96 -55.95 21.50 -19.28
N PHE I 97 -55.45 21.22 -18.09
CA PHE I 97 -54.03 21.46 -17.75
C PHE I 97 -53.19 20.30 -18.23
N ALA I 98 -52.16 20.61 -19.03
CA ALA I 98 -51.04 19.71 -19.35
C ALA I 98 -49.79 20.20 -18.59
N ASN I 99 -49.56 19.64 -17.40
CA ASN I 99 -48.38 19.93 -16.56
C ASN I 99 -47.21 19.08 -17.06
N ILE I 100 -46.23 19.77 -17.59
CA ILE I 100 -44.99 19.19 -18.16
C ILE I 100 -43.92 19.27 -17.08
N THR I 101 -43.35 18.14 -16.71
CA THR I 101 -42.33 18.01 -15.63
C THR I 101 -41.17 17.17 -16.12
N LEU I 102 -40.01 17.39 -15.53
CA LEU I 102 -38.88 16.44 -15.63
C LEU I 102 -39.35 15.15 -15.02
N PRO I 103 -39.03 14.00 -15.64
CA PRO I 103 -39.09 12.74 -14.92
C PRO I 103 -37.89 12.67 -13.95
N VAL I 104 -37.95 11.70 -13.06
CA VAL I 104 -36.76 11.25 -12.32
C VAL I 104 -35.94 10.38 -13.30
N TYR I 105 -34.98 10.97 -14.01
CA TYR I 105 -34.11 10.17 -14.88
C TYR I 105 -33.33 9.19 -14.03
N THR I 106 -33.00 8.01 -14.57
CA THR I 106 -31.99 7.12 -13.96
C THR I 106 -30.72 7.95 -13.89
N LEU I 107 -29.87 7.66 -12.92
CA LEU I 107 -28.57 8.36 -12.82
C LEU I 107 -27.82 8.12 -14.13
N LYS I 108 -27.87 6.89 -14.68
CA LYS I 108 -27.17 6.59 -15.95
C LYS I 108 -27.70 7.51 -17.06
N GLU I 109 -29.01 7.61 -17.22
CA GLU I 109 -29.54 8.44 -18.32
C GLU I 109 -29.11 9.88 -18.11
N ARG I 110 -29.15 10.35 -16.87
CA ARG I 110 -28.75 11.75 -16.60
C ARG I 110 -27.27 11.95 -16.92
N CYS I 111 -26.37 11.02 -16.55
CA CYS I 111 -24.95 11.09 -16.94
C CYS I 111 -24.81 11.14 -18.47
N LEU I 112 -25.47 10.26 -19.20
CA LEU I 112 -25.39 10.27 -20.68
C LEU I 112 -25.81 11.66 -21.18
N GLN I 113 -26.86 12.28 -20.60
CA GLN I 113 -27.31 13.62 -21.04
C GLN I 113 -26.15 14.60 -20.89
N VAL I 114 -25.48 14.60 -19.75
CA VAL I 114 -24.43 15.62 -19.49
C VAL I 114 -23.23 15.33 -20.43
N VAL I 115 -22.86 14.06 -20.64
CA VAL I 115 -21.72 13.76 -21.53
C VAL I 115 -22.08 14.15 -22.97
N ARG I 116 -23.27 13.83 -23.46
CA ARG I 116 -23.73 14.29 -24.81
C ARG I 116 -23.68 15.82 -24.91
N SER I 117 -23.97 16.54 -23.82
CA SER I 117 -23.97 18.03 -23.83
C SER I 117 -22.53 18.57 -23.97
N LEU I 118 -21.51 17.78 -23.61
CA LEU I 118 -20.10 18.26 -23.57
C LEU I 118 -19.29 17.75 -24.76
N VAL I 119 -19.70 16.66 -25.40
CA VAL I 119 -18.84 15.94 -26.38
C VAL I 119 -19.55 15.89 -27.73
N LYS I 120 -18.87 16.41 -28.77
CA LYS I 120 -19.30 16.34 -30.20
C LYS I 120 -19.39 14.84 -30.52
N PRO I 121 -20.48 14.41 -31.18
CA PRO I 121 -20.69 12.97 -31.43
C PRO I 121 -19.56 12.27 -32.23
N GLU I 122 -18.73 13.00 -32.99
CA GLU I 122 -17.50 12.48 -33.66
C GLU I 122 -16.51 11.95 -32.62
N ASN I 123 -16.59 12.47 -31.38
CA ASN I 123 -15.56 12.26 -30.32
C ASN I 123 -16.03 11.25 -29.27
N TYR I 124 -17.26 10.75 -29.32
CA TYR I 124 -17.77 9.74 -28.36
C TYR I 124 -16.76 8.57 -28.29
N ARG I 125 -16.33 8.11 -29.46
CA ARG I 125 -15.39 6.99 -29.66
C ARG I 125 -14.03 7.30 -29.01
N ARG I 126 -13.69 8.57 -28.76
CA ARG I 126 -12.39 9.00 -28.15
C ARG I 126 -12.48 9.07 -26.60
N LEU I 127 -13.62 8.82 -26.00
CA LEU I 127 -13.74 8.84 -24.51
C LEU I 127 -13.11 7.59 -23.93
N ASP I 128 -12.52 7.69 -22.74
CA ASP I 128 -11.87 6.51 -22.10
C ASP I 128 -12.91 5.76 -21.27
N ILE I 129 -13.79 5.00 -21.93
CA ILE I 129 -14.92 4.27 -21.27
C ILE I 129 -15.11 2.94 -22.01
N VAL I 130 -15.77 1.96 -21.38
CA VAL I 130 -16.13 0.66 -22.01
C VAL I 130 -16.98 0.91 -23.26
N ARG I 131 -16.80 0.05 -24.26
CA ARG I 131 -17.44 0.08 -25.60
C ARG I 131 -18.97 0.15 -25.49
N SER I 132 -19.60 -0.59 -24.58
CA SER I 132 -21.08 -0.62 -24.44
C SER I 132 -21.59 0.80 -24.18
N LEU I 133 -20.83 1.62 -23.45
CA LEU I 133 -21.25 3.00 -23.11
C LEU I 133 -21.15 3.93 -24.35
N TYR I 134 -20.27 3.66 -25.32
CA TYR I 134 -20.25 4.42 -26.59
C TYR I 134 -21.59 4.28 -27.29
N GLU I 135 -22.11 3.07 -27.30
CA GLU I 135 -23.37 2.72 -28.01
C GLU I 135 -24.51 3.41 -27.27
N ASP I 136 -24.42 3.49 -25.92
CA ASP I 136 -25.44 4.18 -25.10
C ASP I 136 -25.42 5.68 -25.42
N LEU I 137 -24.24 6.30 -25.55
CA LEU I 137 -24.14 7.74 -25.92
C LEU I 137 -24.75 7.95 -27.28
N GLU I 138 -24.40 7.10 -28.24
CA GLU I 138 -24.83 7.25 -29.66
C GLU I 138 -26.34 7.06 -29.76
N ASP I 139 -26.98 6.29 -28.89
CA ASP I 139 -28.46 6.08 -28.94
C ASP I 139 -29.20 7.32 -28.37
N HIS I 140 -29.11 8.47 -29.05
CA HIS I 140 -29.79 9.77 -28.73
C HIS I 140 -31.28 9.56 -28.51
N PRO I 141 -31.92 10.22 -27.52
CA PRO I 141 -33.37 10.17 -27.40
C PRO I 141 -33.99 10.63 -28.72
N ASN I 142 -35.11 10.05 -29.09
CA ASN I 142 -35.62 10.14 -30.49
C ASN I 142 -37.11 9.90 -30.38
N VAL I 143 -37.96 10.83 -30.80
CA VAL I 143 -39.43 10.63 -30.72
C VAL I 143 -39.84 9.38 -31.50
N GLN I 144 -39.31 9.21 -32.73
CA GLN I 144 -39.73 8.08 -33.61
C GLN I 144 -39.45 6.76 -32.85
N LYS I 145 -38.27 6.62 -32.24
CA LYS I 145 -37.86 5.44 -31.41
C LYS I 145 -38.90 5.25 -30.27
N ASP I 146 -39.25 6.31 -29.55
CA ASP I 146 -40.17 6.18 -28.38
C ASP I 146 -41.56 5.77 -28.83
N LEU I 147 -42.05 6.33 -29.93
CA LEU I 147 -43.35 5.90 -30.49
C LEU I 147 -43.30 4.40 -30.82
N GLU I 148 -42.18 3.91 -31.37
CA GLU I 148 -41.98 2.44 -31.64
C GLU I 148 -42.09 1.69 -30.30
N ARG I 149 -41.39 2.13 -29.25
CA ARG I 149 -41.38 1.47 -27.92
C ARG I 149 -42.81 1.44 -27.37
N LEU I 150 -43.51 2.59 -27.40
CA LEU I 150 -44.87 2.74 -26.83
C LEU I 150 -45.85 1.81 -27.56
N THR I 151 -45.74 1.65 -28.88
CA THR I 151 -46.61 0.75 -29.70
C THR I 151 -46.41 -0.71 -29.24
N GLN I 152 -45.19 -1.12 -28.94
CA GLN I 152 -44.87 -2.51 -28.49
C GLN I 152 -45.46 -2.75 -27.09
N GLU I 153 -45.32 -1.77 -26.19
CA GLU I 153 -45.88 -1.84 -24.81
C GLU I 153 -47.42 -1.87 -24.89
N ARG I 154 -48.06 -1.22 -25.87
CA ARG I 154 -49.55 -1.23 -26.08
C ARG I 154 -50.04 -2.67 -26.38
N ILE I 155 -49.33 -3.46 -27.20
CA ILE I 155 -49.76 -4.85 -27.57
C ILE I 155 -49.52 -5.79 -26.38
N ALA I 156 -48.28 -5.81 -25.84
CA ALA I 156 -47.80 -6.63 -24.70
C ALA I 156 -48.22 -5.98 -23.37
N MET J 1 -8.74 5.36 23.99
CA MET J 1 -7.49 4.85 24.50
C MET J 1 -6.37 5.35 23.58
N ASP J 2 -5.39 6.06 24.14
CA ASP J 2 -4.13 6.38 23.45
C ASP J 2 -3.29 5.13 23.27
N VAL J 3 -2.70 4.94 22.10
CA VAL J 3 -1.64 3.93 21.85
C VAL J 3 -0.37 4.68 21.42
N PHE J 4 0.78 4.16 21.79
CA PHE J 4 2.11 4.81 21.71
C PHE J 4 2.97 3.97 20.75
N LEU J 5 3.39 4.63 19.66
CA LEU J 5 4.07 4.01 18.50
C LEU J 5 5.44 4.62 18.23
N MET J 6 6.29 3.80 17.62
CA MET J 6 7.52 4.11 16.85
C MET J 6 7.23 3.69 15.41
N ILE J 7 7.21 4.63 14.49
CA ILE J 7 7.08 4.35 13.04
C ILE J 7 8.50 4.43 12.50
N ARG J 8 8.97 3.33 11.91
CA ARG J 8 10.41 3.11 11.65
C ARG J 8 10.61 2.77 10.17
N ARG J 9 11.56 3.47 9.56
CA ARG J 9 12.05 3.19 8.18
C ARG J 9 13.54 3.53 8.16
N HIS J 10 14.34 2.56 7.74
CA HIS J 10 15.80 2.69 7.55
C HIS J 10 16.33 3.18 8.90
N LYS J 11 16.88 4.41 8.94
CA LYS J 11 17.46 5.02 10.15
C LYS J 11 16.57 6.11 10.75
N THR J 12 15.30 6.13 10.38
CA THR J 12 14.29 7.12 10.85
C THR J 12 13.33 6.44 11.82
N THR J 13 13.07 7.08 12.94
CA THR J 13 12.07 6.60 13.93
C THR J 13 11.22 7.80 14.34
N ILE J 14 9.91 7.73 14.09
CA ILE J 14 8.94 8.71 14.59
C ILE J 14 8.29 8.16 15.85
N PHE J 15 8.32 8.96 16.93
CA PHE J 15 7.51 8.71 18.16
C PHE J 15 6.21 9.51 18.02
N THR J 16 5.08 8.83 18.06
CA THR J 16 3.77 9.50 18.05
C THR J 16 2.78 8.61 18.82
N ASP J 17 1.67 9.20 19.20
CA ASP J 17 0.53 8.49 19.83
C ASP J 17 -0.68 8.72 18.93
N ALA J 18 -1.70 7.90 19.07
CA ALA J 18 -2.97 7.98 18.31
C ALA J 18 -4.03 7.22 19.12
N LYS J 19 -5.28 7.36 18.74
CA LYS J 19 -6.39 6.62 19.39
C LYS J 19 -6.37 5.16 18.88
N GLU J 20 -6.73 4.22 19.72
CA GLU J 20 -6.94 2.80 19.34
C GLU J 20 -7.98 2.73 18.20
N SER J 21 -8.94 3.64 18.20
CA SER J 21 -10.06 3.68 17.23
C SER J 21 -9.62 4.45 15.98
N SER J 22 -8.46 5.08 15.96
CA SER J 22 -8.01 5.85 14.77
C SER J 22 -7.50 4.83 13.74
N THR J 23 -7.35 5.23 12.50
CA THR J 23 -7.14 4.32 11.37
C THR J 23 -5.68 4.38 10.93
N VAL J 24 -5.28 3.35 10.19
CA VAL J 24 -3.97 3.26 9.50
C VAL J 24 -3.78 4.47 8.58
N PHE J 25 -4.84 4.90 7.88
CA PHE J 25 -4.78 6.07 6.99
C PHE J 25 -4.41 7.31 7.82
N GLU J 26 -5.01 7.47 9.01
CA GLU J 26 -4.77 8.69 9.86
C GLU J 26 -3.31 8.71 10.29
N LEU J 27 -2.74 7.53 10.49
CA LEU J 27 -1.30 7.37 10.79
C LEU J 27 -0.44 7.78 9.59
N LYS J 28 -0.88 7.46 8.37
CA LYS J 28 -0.16 7.89 7.12
C LYS J 28 -0.21 9.41 7.00
N ARG J 29 -1.28 10.06 7.44
CA ARG J 29 -1.38 11.55 7.44
C ARG J 29 -0.35 12.10 8.41
N ILE J 30 -0.20 11.49 9.58
CA ILE J 30 0.85 11.91 10.54
C ILE J 30 2.20 11.83 9.81
N VAL J 31 2.50 10.71 9.17
CA VAL J 31 3.83 10.51 8.52
C VAL J 31 4.02 11.55 7.42
N GLU J 32 2.95 11.89 6.70
CA GLU J 32 3.03 12.87 5.58
C GLU J 32 3.50 14.22 6.12
N GLY J 33 2.88 14.68 7.21
CA GLY J 33 3.19 15.97 7.85
C GLY J 33 4.67 16.03 8.19
N ILE J 34 5.29 14.91 8.53
CA ILE J 34 6.69 14.89 9.02
C ILE J 34 7.64 14.63 7.84
N LEU J 35 7.43 13.58 7.05
CA LEU J 35 8.44 13.17 6.05
C LEU J 35 8.03 13.58 4.64
N LYS J 36 6.90 14.28 4.47
CA LYS J 36 6.46 14.98 3.24
C LYS J 36 6.27 13.99 2.09
N ARG J 37 5.63 12.85 2.36
CA ARG J 37 5.27 11.84 1.35
C ARG J 37 3.80 11.52 1.55
N PRO J 38 2.94 11.64 0.51
CA PRO J 38 1.50 11.43 0.67
C PRO J 38 1.20 9.97 1.04
N PRO J 39 0.02 9.74 1.65
CA PRO J 39 -0.42 8.38 1.99
C PRO J 39 -0.23 7.35 0.87
N ASP J 40 -0.52 7.67 -0.38
CA ASP J 40 -0.50 6.63 -1.45
C ASP J 40 0.96 6.21 -1.76
N GLU J 41 1.97 6.95 -1.27
CA GLU J 41 3.40 6.59 -1.50
C GLU J 41 3.99 5.95 -0.24
N GLN J 42 3.11 5.49 0.66
CA GLN J 42 3.50 4.86 1.95
C GLN J 42 2.87 3.49 2.05
N ARG J 43 3.64 2.52 2.57
CA ARG J 43 3.07 1.28 3.14
C ARG J 43 3.45 1.22 4.63
N LEU J 44 2.49 0.81 5.46
CA LEU J 44 2.71 0.60 6.92
C LEU J 44 2.52 -0.87 7.20
N TYR J 45 3.37 -1.42 8.08
CA TYR J 45 3.47 -2.86 8.42
C TYR J 45 3.37 -3.04 9.93
N LYS J 46 2.78 -4.15 10.36
CA LYS J 46 3.04 -4.73 11.71
C LYS J 46 3.85 -6.00 11.47
N ASP J 47 5.07 -6.01 11.95
CA ASP J 47 6.06 -7.06 11.59
C ASP J 47 6.10 -7.07 10.06
N ASP J 48 5.90 -8.23 9.42
CA ASP J 48 6.05 -8.37 7.94
C ASP J 48 4.71 -8.18 7.25
N GLN J 49 3.64 -7.85 7.99
CA GLN J 49 2.26 -7.86 7.48
C GLN J 49 1.84 -6.44 7.07
N LEU J 50 1.45 -6.26 5.80
CA LEU J 50 0.97 -4.96 5.29
C LEU J 50 -0.36 -4.62 5.97
N LEU J 51 -0.56 -3.38 6.41
CA LEU J 51 -1.79 -2.95 7.11
C LEU J 51 -2.72 -2.23 6.13
N ASP J 52 -4.03 -2.41 6.26
CA ASP J 52 -5.09 -1.81 5.41
C ASP J 52 -5.47 -0.43 5.95
N ASP J 53 -5.52 0.57 5.09
CA ASP J 53 -5.86 1.98 5.40
C ASP J 53 -7.09 2.06 6.30
N GLY J 54 -8.12 1.27 6.04
CA GLY J 54 -9.44 1.43 6.68
C GLY J 54 -9.46 0.79 8.06
N LYS J 55 -8.44 0.02 8.41
CA LYS J 55 -8.42 -0.69 9.73
C LYS J 55 -8.07 0.27 10.85
N THR J 56 -8.65 0.02 12.03
CA THR J 56 -8.27 0.75 13.26
C THR J 56 -6.93 0.15 13.77
N LEU J 57 -6.25 0.97 14.57
CA LEU J 57 -4.97 0.54 15.20
C LEU J 57 -5.28 -0.64 16.11
N GLY J 58 -6.40 -0.59 16.82
CA GLY J 58 -6.91 -1.67 17.69
C GLY J 58 -7.02 -2.96 16.91
N GLU J 59 -7.64 -2.91 15.72
CA GLU J 59 -7.83 -4.12 14.88
C GLU J 59 -6.47 -4.62 14.39
N CYS J 60 -5.49 -3.74 14.24
CA CYS J 60 -4.11 -4.14 13.88
C CYS J 60 -3.31 -4.65 15.08
N GLY J 61 -3.87 -4.60 16.30
CA GLY J 61 -3.27 -5.17 17.52
C GLY J 61 -2.46 -4.15 18.31
N PHE J 62 -2.64 -2.86 18.02
CA PHE J 62 -2.06 -1.75 18.81
C PHE J 62 -3.12 -1.39 19.84
N THR J 63 -2.87 -1.78 21.07
CA THR J 63 -3.75 -1.59 22.25
C THR J 63 -2.91 -0.96 23.37
N SER J 64 -3.58 -0.45 24.40
CA SER J 64 -2.97 0.02 25.65
C SER J 64 -2.04 -1.06 26.22
N GLN J 65 -2.31 -2.35 26.04
CA GLN J 65 -1.42 -3.40 26.63
C GLN J 65 -0.11 -3.43 25.85
N THR J 66 -0.16 -3.24 24.52
CA THR J 66 0.99 -3.56 23.65
C THR J 66 1.72 -2.30 23.20
N ALA J 67 1.14 -1.13 23.39
CA ALA J 67 1.65 0.11 22.79
C ALA J 67 1.65 1.18 23.88
N ARG J 68 2.59 1.04 24.79
CA ARG J 68 2.70 1.82 26.06
C ARG J 68 3.70 2.95 25.87
N PRO J 69 3.53 4.07 26.59
CA PRO J 69 4.44 5.21 26.44
C PRO J 69 5.90 4.83 26.62
N GLN J 70 6.19 3.99 27.61
CA GLN J 70 7.55 3.57 28.01
C GLN J 70 8.00 2.35 27.24
N ALA J 71 7.14 1.76 26.41
CA ALA J 71 7.51 0.59 25.54
C ALA J 71 6.57 0.61 24.33
N PRO J 72 6.77 1.58 23.42
CA PRO J 72 5.85 1.78 22.30
C PRO J 72 5.97 0.64 21.28
N ALA J 73 4.89 0.42 20.53
CA ALA J 73 4.85 -0.64 19.50
C ALA J 73 5.46 -0.08 18.20
N THR J 74 6.11 -0.94 17.44
CA THR J 74 6.78 -0.58 16.18
C THR J 74 5.82 -0.80 15.00
N VAL J 75 5.66 0.25 14.22
CA VAL J 75 5.05 0.23 12.86
C VAL J 75 6.18 0.38 11.84
N GLY J 76 6.30 -0.58 10.92
CA GLY J 76 7.22 -0.47 9.77
C GLY J 76 6.63 0.45 8.70
N LEU J 77 7.52 1.19 8.03
CA LEU J 77 7.19 2.13 6.94
C LEU J 77 8.10 1.89 5.73
N ALA J 78 7.50 1.76 4.53
CA ALA J 78 8.19 1.70 3.21
C ALA J 78 7.57 2.78 2.29
N PHE J 79 8.43 3.42 1.52
CA PHE J 79 8.08 4.47 0.51
C PHE J 79 8.07 3.86 -0.89
N ARG J 80 7.20 4.39 -1.75
CA ARG J 80 7.28 4.21 -3.22
C ARG J 80 8.50 5.01 -3.72
N ALA J 81 9.42 4.35 -4.43
CA ALA J 81 10.62 4.93 -5.09
C ALA J 81 10.52 4.80 -6.62
N ASP J 82 10.24 5.90 -7.31
CA ASP J 82 9.97 5.91 -8.78
C ASP J 82 8.79 4.98 -9.09
N ASP J 83 9.03 3.87 -9.80
CA ASP J 83 7.92 2.99 -10.27
C ASP J 83 7.27 2.29 -9.06
N THR J 84 8.07 1.58 -8.25
CA THR J 84 7.60 0.51 -7.32
C THR J 84 7.98 0.83 -5.87
N PHE J 85 7.43 0.09 -4.91
CA PHE J 85 7.71 0.25 -3.46
C PHE J 85 9.02 -0.47 -3.13
N GLU J 86 9.88 0.19 -2.36
CA GLU J 86 11.06 -0.45 -1.73
C GLU J 86 10.54 -1.52 -0.76
N ALA J 87 11.36 -2.53 -0.50
CA ALA J 87 11.19 -3.52 0.57
C ALA J 87 11.24 -2.76 1.93
N LEU J 88 10.42 -3.20 2.88
CA LEU J 88 10.51 -2.79 4.29
C LEU J 88 11.92 -3.04 4.80
N ILE J 90 14.31 -1.85 8.26
CA ILE J 90 14.41 -1.13 9.54
C ILE J 90 15.80 -1.40 10.12
N GLU J 91 16.61 -0.36 10.23
CA GLU J 91 17.98 -0.54 10.78
C GLU J 91 17.84 -0.79 12.27
N PRO J 92 18.46 -1.83 12.82
CA PRO J 92 18.48 -2.03 14.27
C PRO J 92 19.22 -0.87 14.96
N PHE J 93 18.85 -0.58 16.20
CA PHE J 93 19.61 0.35 17.08
C PHE J 93 20.99 -0.28 17.35
N SER J 94 21.95 0.54 17.77
CA SER J 94 23.27 0.05 18.27
C SER J 94 23.08 -0.98 19.39
N SER J 95 24.08 -1.83 19.55
CA SER J 95 24.20 -2.87 20.59
C SER J 95 24.81 -2.25 21.86
N PRO J 96 24.19 -2.52 23.02
CA PRO J 96 24.80 -2.10 24.27
C PRO J 96 26.11 -2.86 24.43
N PRO J 97 27.08 -2.31 25.18
CA PRO J 97 28.26 -3.09 25.56
C PRO J 97 27.92 -4.23 26.53
N GLU J 98 28.89 -5.10 26.76
CA GLU J 98 28.86 -6.13 27.83
C GLU J 98 28.61 -5.43 29.16
N LEU J 99 27.79 -6.01 30.04
CA LEU J 99 27.73 -5.55 31.46
C LEU J 99 29.14 -5.54 32.02
N PRO J 100 29.59 -4.45 32.68
CA PRO J 100 30.83 -4.49 33.45
C PRO J 100 30.76 -5.59 34.51
N ASP J 101 31.91 -6.05 35.01
CA ASP J 101 32.00 -7.17 36.00
C ASP J 101 31.15 -6.82 37.21
N VAL J 102 31.28 -5.59 37.71
CA VAL J 102 30.64 -5.12 38.97
C VAL J 102 29.12 -4.97 38.82
N MET J 103 28.55 -5.16 37.62
CA MET J 103 27.08 -5.14 37.40
C MET J 103 26.55 -6.55 37.14
N LYS J 104 27.44 -7.54 37.03
CA LYS J 104 27.08 -8.95 36.73
C LYS J 104 26.40 -9.54 37.97
N MET K 1 1.23 19.90 14.68
CA MET K 1 2.12 19.63 15.82
C MET K 1 3.58 19.85 15.40
N MET K 2 4.28 20.71 16.12
CA MET K 2 5.74 20.89 15.90
C MET K 2 6.44 19.60 16.35
N TYR K 3 7.32 19.09 15.51
CA TYR K 3 8.26 17.98 15.75
C TYR K 3 9.69 18.55 15.72
N VAL K 4 10.63 17.82 16.32
CA VAL K 4 12.09 18.10 16.30
C VAL K 4 12.80 16.78 16.07
N LYS K 5 13.99 16.87 15.52
CA LYS K 5 14.77 15.67 15.16
C LYS K 5 15.96 15.59 16.11
N LEU K 6 16.13 14.46 16.76
CA LEU K 6 17.31 14.21 17.63
C LEU K 6 18.09 13.11 16.95
N ILE K 7 19.36 13.34 16.67
CA ILE K 7 20.20 12.38 15.91
C ILE K 7 21.22 11.73 16.82
N SER K 8 21.26 10.40 16.88
CA SER K 8 22.20 9.63 17.73
C SER K 8 23.60 9.67 17.12
N SER K 9 24.60 9.18 17.86
CA SER K 9 26.02 9.16 17.46
C SER K 9 26.19 8.26 16.21
N ASP K 10 25.40 7.20 16.10
CA ASP K 10 25.44 6.21 14.98
C ASP K 10 24.47 6.64 13.86
N GLY K 11 23.97 7.88 13.81
CA GLY K 11 23.16 8.43 12.71
C GLY K 11 21.68 8.04 12.70
N HIS K 12 21.12 7.40 13.73
CA HIS K 12 19.65 7.19 13.78
C HIS K 12 18.97 8.54 14.03
N GLU K 13 17.91 8.82 13.30
CA GLU K 13 17.13 10.08 13.47
C GLU K 13 15.81 9.76 14.20
N PHE K 14 15.63 10.38 15.36
CA PHE K 14 14.41 10.25 16.19
C PHE K 14 13.61 11.53 16.05
N ILE K 15 12.39 11.42 15.60
CA ILE K 15 11.47 12.58 15.42
C ILE K 15 10.42 12.50 16.51
N VAL K 16 10.37 13.51 17.38
CA VAL K 16 9.48 13.53 18.59
C VAL K 16 8.75 14.87 18.58
N LYS K 17 7.58 14.93 19.20
CA LYS K 17 6.89 16.21 19.42
C LYS K 17 7.84 17.18 20.14
N ARG K 18 7.86 18.42 19.71
CA ARG K 18 8.65 19.51 20.33
C ARG K 18 8.33 19.57 21.83
N GLU K 19 7.05 19.63 22.17
CA GLU K 19 6.61 19.69 23.60
C GLU K 19 7.23 18.52 24.40
N HIS K 20 7.37 17.34 23.82
CA HIS K 20 7.99 16.17 24.51
C HIS K 20 9.50 16.43 24.68
N ALA K 21 10.17 16.94 23.66
CA ALA K 21 11.63 17.18 23.68
C ALA K 21 11.97 18.23 24.72
N LEU K 22 11.05 19.17 24.95
CA LEU K 22 11.24 20.25 25.95
C LEU K 22 11.21 19.70 27.38
N THR K 23 10.81 18.45 27.61
CA THR K 23 11.06 17.77 28.90
C THR K 23 12.53 17.96 29.29
N SER K 24 13.44 17.99 28.33
CA SER K 24 14.89 18.16 28.62
C SER K 24 15.20 19.65 28.69
N GLY K 25 15.71 20.10 29.82
CA GLY K 25 16.16 21.49 29.98
C GLY K 25 17.27 21.78 28.96
N THR K 26 18.19 20.84 28.74
CA THR K 26 19.31 21.03 27.80
C THR K 26 18.74 21.25 26.38
N ILE K 27 17.81 20.41 25.96
CA ILE K 27 17.25 20.50 24.58
C ILE K 27 16.42 21.79 24.50
N LYS K 28 15.68 22.12 25.55
CA LYS K 28 14.87 23.36 25.61
C LYS K 28 15.74 24.57 25.33
N ALA K 29 16.96 24.63 25.88
CA ALA K 29 17.93 25.73 25.69
C ALA K 29 18.37 25.76 24.24
N MET K 30 18.64 24.60 23.65
CA MET K 30 19.14 24.53 22.27
C MET K 30 18.06 25.02 21.28
N LEU K 31 16.79 24.85 21.60
CA LEU K 31 15.68 25.22 20.68
C LEU K 31 15.26 26.67 20.94
N SER K 32 15.21 27.11 22.20
CA SER K 32 15.19 28.55 22.61
C SER K 32 16.63 29.08 22.55
N THR K 42 16.41 26.44 15.11
CA THR K 42 16.84 25.03 14.89
C THR K 42 15.69 24.05 15.19
N ASN K 43 15.54 23.01 14.37
CA ASN K 43 14.61 21.88 14.65
C ASN K 43 15.36 20.57 14.73
N GLU K 44 16.68 20.58 14.81
CA GLU K 44 17.54 19.37 14.71
C GLU K 44 18.62 19.48 15.78
N VAL K 45 18.98 18.38 16.43
CA VAL K 45 20.06 18.35 17.42
C VAL K 45 20.85 17.07 17.19
N ASN K 46 22.17 17.15 17.17
CA ASN K 46 23.05 15.96 17.06
C ASN K 46 23.61 15.63 18.43
N PHE K 47 23.69 14.36 18.78
CA PHE K 47 24.32 13.90 20.04
C PHE K 47 25.44 12.99 19.62
N ARG K 48 26.64 13.54 19.48
CA ARG K 48 27.78 12.74 18.97
C ARG K 48 28.16 11.69 20.02
N GLU K 49 27.68 11.79 21.25
CA GLU K 49 28.09 10.88 22.34
C GLU K 49 26.92 10.00 22.79
N ILE K 50 25.73 10.09 22.21
CA ILE K 50 24.61 9.22 22.66
C ILE K 50 24.25 8.31 21.51
N PRO K 51 24.50 6.99 21.65
CA PRO K 51 24.09 6.01 20.67
C PRO K 51 22.57 5.73 20.67
N SER K 52 22.10 5.09 19.62
CA SER K 52 20.68 4.90 19.29
C SER K 52 19.99 4.03 20.36
N HIS K 53 20.66 3.02 20.90
CA HIS K 53 20.06 2.17 21.97
C HIS K 53 19.83 2.99 23.26
N VAL K 54 20.50 4.15 23.43
CA VAL K 54 20.26 5.03 24.59
C VAL K 54 19.26 6.11 24.19
N LEU K 55 19.44 6.74 23.03
CA LEU K 55 18.59 7.89 22.67
C LEU K 55 17.15 7.43 22.44
N SER K 56 16.93 6.22 21.92
CA SER K 56 15.56 5.67 21.74
C SER K 56 14.87 5.64 23.11
N LYS K 57 15.57 5.22 24.16
CA LYS K 57 15.03 5.13 25.54
C LYS K 57 14.78 6.51 26.10
N VAL K 58 15.65 7.47 25.83
CA VAL K 58 15.38 8.86 26.23
C VAL K 58 14.03 9.31 25.65
N CYS K 59 13.78 9.04 24.38
CA CYS K 59 12.49 9.46 23.74
C CYS K 59 11.31 8.72 24.40
N MET K 60 11.48 7.47 24.75
CA MET K 60 10.41 6.74 25.46
C MET K 60 10.15 7.44 26.80
N TYR K 61 11.21 7.93 27.49
CA TYR K 61 11.06 8.57 28.79
C TYR K 61 10.27 9.85 28.58
N PHE K 62 10.59 10.66 27.58
CA PHE K 62 9.80 11.87 27.29
C PHE K 62 8.31 11.49 27.18
N THR K 63 7.99 10.46 26.41
CA THR K 63 6.56 10.09 26.17
C THR K 63 5.92 9.72 27.53
N TYR K 64 6.59 8.88 28.31
CA TYR K 64 6.19 8.42 29.66
C TYR K 64 5.92 9.62 30.57
N LYS K 65 6.86 10.52 30.63
CA LYS K 65 6.79 11.69 31.51
C LYS K 65 5.62 12.60 31.12
N VAL K 66 5.44 12.91 29.83
CA VAL K 66 4.32 13.80 29.45
C VAL K 66 2.99 13.05 29.73
N ARG K 67 2.93 11.76 29.47
CA ARG K 67 1.67 11.01 29.65
C ARG K 67 1.34 10.95 31.15
N TYR K 68 2.31 10.72 32.03
CA TYR K 68 1.99 10.40 33.45
C TYR K 68 2.16 11.57 34.41
N THR K 69 2.71 12.69 34.01
CA THR K 69 2.79 13.91 34.84
C THR K 69 1.37 14.44 35.11
N ASN K 70 1.02 14.73 36.36
CA ASN K 70 -0.33 15.23 36.75
C ASN K 70 -1.41 14.27 36.25
N SER K 71 -1.33 13.00 36.65
CA SER K 71 -2.24 11.92 36.23
C SER K 71 -2.70 11.15 37.46
N SER K 72 -4.00 10.93 37.64
CA SER K 72 -4.60 10.09 38.71
C SER K 72 -4.48 8.61 38.32
N THR K 73 -4.54 8.30 37.01
CA THR K 73 -4.31 6.94 36.44
C THR K 73 -2.98 6.39 36.96
N GLU K 74 -3.00 5.22 37.60
CA GLU K 74 -1.87 4.67 38.39
C GLU K 74 -0.64 4.63 37.48
N ILE K 75 0.50 5.06 37.97
CA ILE K 75 1.74 5.25 37.17
C ILE K 75 2.52 3.94 37.22
N PRO K 76 2.92 3.35 36.08
CA PRO K 76 3.77 2.19 36.06
C PRO K 76 5.26 2.60 36.10
N GLU K 77 6.11 1.61 36.32
CA GLU K 77 7.58 1.74 36.47
C GLU K 77 8.12 2.05 35.08
N PHE K 78 8.99 3.05 34.94
CA PHE K 78 9.83 3.19 33.73
C PHE K 78 10.91 2.10 33.78
N PRO K 79 10.89 1.14 32.86
CA PRO K 79 11.84 0.01 32.90
C PRO K 79 13.15 0.43 32.20
N ILE K 80 14.28 -0.02 32.75
CA ILE K 80 15.62 0.17 32.18
C ILE K 80 16.39 -1.16 32.26
N ALA K 81 16.78 -1.72 31.10
CA ALA K 81 17.61 -2.95 31.03
C ALA K 81 18.97 -2.68 31.66
N PRO K 82 19.47 -3.63 32.48
CA PRO K 82 20.79 -3.48 33.10
C PRO K 82 21.85 -3.01 32.09
N GLU K 83 21.79 -3.56 30.88
CA GLU K 83 22.83 -3.38 29.83
C GLU K 83 22.91 -1.91 29.41
N ILE K 84 21.84 -1.11 29.56
CA ILE K 84 21.91 0.28 29.05
C ILE K 84 21.97 1.27 30.21
N ALA K 85 21.88 0.83 31.45
CA ALA K 85 21.68 1.74 32.61
C ALA K 85 22.79 2.78 32.71
N LEU K 86 24.04 2.37 32.55
CA LEU K 86 25.18 3.30 32.77
C LEU K 86 25.13 4.39 31.70
N GLU K 87 24.91 4.03 30.44
CA GLU K 87 24.93 5.04 29.34
C GLU K 87 23.68 5.91 29.45
N LEU K 88 22.57 5.31 29.88
CA LEU K 88 21.32 6.10 30.05
C LEU K 88 21.54 7.13 31.17
N LEU K 89 22.22 6.72 32.24
CA LEU K 89 22.55 7.64 33.34
C LEU K 89 23.40 8.83 32.81
N MET K 90 24.41 8.57 31.99
CA MET K 90 25.25 9.67 31.42
C MET K 90 24.37 10.57 30.55
N ALA K 91 23.47 10.01 29.74
CA ALA K 91 22.62 10.83 28.87
C ALA K 91 21.67 11.66 29.72
N ALA K 92 21.08 11.07 30.77
CA ALA K 92 20.08 11.77 31.60
C ALA K 92 20.77 12.96 32.26
N ASN K 93 21.99 12.73 32.70
CA ASN K 93 22.85 13.77 33.34
C ASN K 93 23.07 14.96 32.39
N PHE K 94 23.43 14.70 31.13
CA PHE K 94 23.66 15.78 30.13
C PHE K 94 22.33 16.52 29.84
N LEU K 95 21.23 15.75 29.67
CA LEU K 95 19.94 16.29 29.17
C LEU K 95 19.15 16.96 30.30
N ASP K 96 19.53 16.71 31.56
CA ASP K 96 18.83 17.30 32.73
C ASP K 96 17.33 16.95 32.62
N CYS K 97 17.03 15.66 32.56
CA CYS K 97 15.59 15.22 32.65
C CYS K 97 15.53 13.99 33.58
N VAL L 11 10.14 20.00 64.53
CA VAL L 11 9.17 20.92 63.79
C VAL L 11 8.22 20.03 62.98
N LEU L 12 8.69 19.08 62.16
CA LEU L 12 7.83 18.06 61.49
C LEU L 12 7.60 16.90 62.46
N ARG L 13 6.43 16.86 63.11
CA ARG L 13 6.15 15.82 64.11
C ARG L 13 4.64 15.64 64.18
N SER L 14 4.21 14.49 64.64
CA SER L 14 2.77 14.27 64.88
C SER L 14 2.36 15.16 66.07
N VAL L 15 1.15 15.66 65.97
CA VAL L 15 0.40 16.29 67.09
C VAL L 15 -0.24 15.16 67.91
N ASN L 16 -0.11 15.20 69.23
CA ASN L 16 -0.70 14.18 70.12
C ASN L 16 -2.18 14.53 70.41
N SER L 17 -3.04 14.36 69.42
CA SER L 17 -4.49 14.71 69.46
C SER L 17 -5.25 13.70 70.34
N ARG L 18 -4.85 12.44 70.35
CA ARG L 18 -5.60 11.29 70.91
C ARG L 18 -6.98 11.20 70.25
N GLU L 19 -7.15 11.69 69.04
CA GLU L 19 -8.46 11.64 68.34
C GLU L 19 -8.36 10.61 67.23
N PRO L 20 -8.92 9.39 67.40
CA PRO L 20 -8.79 8.35 66.38
C PRO L 20 -9.23 8.84 65.00
N SER L 21 -8.53 8.37 63.98
CA SER L 21 -8.85 8.57 62.55
C SER L 21 -8.56 7.24 61.85
N GLN L 22 -9.56 6.72 61.17
CA GLN L 22 -9.48 5.47 60.39
C GLN L 22 -8.92 5.80 59.00
N VAL L 23 -7.99 5.02 58.52
CA VAL L 23 -7.25 5.32 57.26
C VAL L 23 -7.14 4.03 56.46
N ILE L 24 -7.27 4.09 55.14
CA ILE L 24 -6.87 2.97 54.25
C ILE L 24 -5.52 3.35 53.63
N PHE L 25 -4.48 2.56 53.91
CA PHE L 25 -3.21 2.62 53.17
C PHE L 25 -3.41 1.78 51.92
N ASN L 27 -1.79 0.76 48.41
CA ASN L 27 -0.55 0.74 47.66
C ASN L 27 -0.82 0.54 46.15
N ARG L 28 -0.97 1.62 45.42
CA ARG L 28 -1.16 1.60 43.96
C ARG L 28 0.18 1.84 43.24
N SER L 29 1.23 1.19 43.71
CA SER L 29 2.61 1.26 43.15
C SER L 29 3.03 -0.19 42.93
N PRO L 30 4.06 -0.41 42.13
CA PRO L 30 4.63 -1.75 41.99
C PRO L 30 5.70 -2.06 43.04
N ARG L 31 5.89 -1.18 44.01
CA ARG L 31 6.92 -1.35 45.06
C ARG L 31 6.30 -1.93 46.32
N VAL L 32 7.10 -2.64 47.10
CA VAL L 32 6.86 -2.94 48.54
C VAL L 32 6.97 -1.62 49.29
N VAL L 33 5.91 -1.25 49.98
CA VAL L 33 5.79 0.08 50.63
C VAL L 33 6.07 -0.05 52.12
N LEU L 34 6.91 0.84 52.62
CA LEU L 34 7.17 1.04 54.06
C LEU L 34 6.43 2.30 54.47
N PRO L 35 5.36 2.20 55.29
CA PRO L 35 4.76 3.37 55.90
C PRO L 35 5.69 3.81 57.05
N VAL L 36 5.85 5.10 57.20
CA VAL L 36 6.70 5.72 58.25
C VAL L 36 5.86 6.75 58.98
N TRP L 37 5.71 6.58 60.30
CA TRP L 37 5.02 7.54 61.17
C TRP L 37 6.06 8.49 61.76
N LEU L 38 5.85 9.79 61.66
CA LEU L 38 6.67 10.76 62.43
C LEU L 38 6.16 10.84 63.87
N ASN L 39 6.93 10.39 64.84
CA ASN L 39 6.44 10.34 66.24
C ASN L 39 6.43 11.75 66.79
N PHE L 40 6.13 11.88 68.07
CA PHE L 40 5.86 13.17 68.73
C PHE L 40 7.16 13.96 68.88
N ASP L 41 8.32 13.30 68.78
CA ASP L 41 9.65 13.96 68.71
C ASP L 41 10.10 14.23 67.26
N GLY L 42 9.39 13.79 66.23
CA GLY L 42 9.84 13.96 64.85
C GLY L 42 10.69 12.81 64.38
N GLU L 43 10.84 11.76 65.16
CA GLU L 43 11.60 10.56 64.76
C GLU L 43 10.73 9.67 63.89
N PRO L 44 11.28 9.20 62.76
CA PRO L 44 10.60 8.28 61.89
C PRO L 44 10.43 6.91 62.53
N GLN L 45 9.21 6.41 62.57
CA GLN L 45 8.91 5.05 63.10
C GLN L 45 8.33 4.21 61.96
N PRO L 46 9.03 3.18 61.52
CA PRO L 46 8.51 2.29 60.47
C PRO L 46 7.39 1.36 60.98
N TYR L 47 6.43 1.09 60.11
CA TYR L 47 5.26 0.24 60.34
C TYR L 47 5.34 -0.89 59.33
N PRO L 48 4.51 -1.94 59.49
CA PRO L 48 4.59 -3.11 58.63
C PRO L 48 4.38 -2.79 57.16
N THR L 49 5.08 -3.52 56.30
CA THR L 49 5.21 -3.16 54.86
C THR L 49 3.94 -3.63 54.15
N LEU L 50 3.66 -3.04 53.01
CA LEU L 50 2.51 -3.42 52.15
C LEU L 50 3.05 -3.93 50.83
N PRO L 51 2.72 -5.16 50.43
CA PRO L 51 3.03 -5.62 49.08
C PRO L 51 2.38 -4.75 48.01
N PRO L 52 2.92 -4.78 46.78
CA PRO L 52 2.32 -4.09 45.63
C PRO L 52 0.85 -4.41 45.39
N GLY L 53 0.04 -3.38 45.16
CA GLY L 53 -1.39 -3.53 44.79
C GLY L 53 -2.26 -4.00 45.96
N THR L 54 -1.78 -3.91 47.20
CA THR L 54 -2.57 -4.29 48.42
C THR L 54 -2.98 -3.03 49.20
N GLY L 55 -3.98 -3.19 50.03
CA GLY L 55 -4.45 -2.13 50.94
C GLY L 55 -4.60 -2.66 52.35
N ARG L 56 -4.63 -1.77 53.34
CA ARG L 56 -4.77 -2.15 54.74
C ARG L 56 -5.54 -1.04 55.44
N ARG L 57 -6.55 -1.42 56.20
CA ARG L 57 -7.28 -0.51 57.08
C ARG L 57 -6.46 -0.35 58.36
N ILE L 58 -6.13 0.86 58.76
CA ILE L 58 -5.26 1.06 59.94
C ILE L 58 -5.86 2.17 60.81
N HIS L 59 -5.55 2.13 62.10
CA HIS L 59 -6.01 3.08 63.13
C HIS L 59 -4.89 4.07 63.38
N SER L 60 -5.14 5.33 63.05
CA SER L 60 -4.21 6.43 63.31
C SER L 60 -4.99 7.51 64.06
N TYR L 61 -4.55 8.74 63.98
CA TYR L 61 -5.07 9.86 64.82
C TYR L 61 -4.96 11.15 64.02
N ARG L 62 -5.89 12.06 64.27
CA ARG L 62 -5.92 13.39 63.64
C ARG L 62 -4.59 14.07 63.94
N GLY L 63 -3.97 14.65 62.92
CA GLY L 63 -2.78 15.48 63.14
C GLY L 63 -1.54 14.62 63.17
N HIS L 64 -1.65 13.30 62.92
CA HIS L 64 -0.44 12.45 62.84
C HIS L 64 0.16 12.61 61.43
N LEU L 65 1.48 12.53 61.30
CA LEU L 65 2.17 12.69 60.00
C LEU L 65 2.72 11.34 59.55
N TRP L 66 2.51 11.01 58.29
CA TRP L 66 2.97 9.76 57.63
C TRP L 66 3.69 10.10 56.33
N LEU L 67 4.66 9.29 55.98
CA LEU L 67 5.25 9.30 54.65
C LEU L 67 5.50 7.84 54.26
N PHE L 68 5.77 7.60 52.97
CA PHE L 68 5.79 6.25 52.41
C PHE L 68 7.02 6.15 51.53
N ARG L 69 7.72 5.05 51.68
CA ARG L 69 8.98 4.77 50.96
C ARG L 69 8.91 3.36 50.40
N ASP L 70 9.78 3.10 49.45
CA ASP L 70 10.11 1.72 49.03
C ASP L 70 10.82 1.03 50.19
N ALA L 71 10.29 -0.11 50.61
CA ALA L 71 10.81 -0.83 51.81
C ALA L 71 12.27 -1.29 51.58
N GLY L 72 12.64 -1.61 50.35
CA GLY L 72 13.99 -2.13 50.05
C GLY L 72 15.02 -1.03 49.82
N THR L 73 14.68 0.08 49.17
CA THR L 73 15.69 1.06 48.67
C THR L 73 15.49 2.41 49.35
N HIS L 74 14.35 2.64 49.97
CA HIS L 74 13.96 3.93 50.60
C HIS L 74 13.68 5.00 49.56
N ASP L 75 13.58 4.67 48.28
CA ASP L 75 13.04 5.60 47.23
C ASP L 75 11.77 6.26 47.77
N GLY L 76 11.61 7.56 47.56
CA GLY L 76 10.44 8.39 47.92
C GLY L 76 9.21 7.99 47.11
N LEU L 77 8.04 7.90 47.76
CA LEU L 77 6.74 7.64 47.09
C LEU L 77 5.78 8.77 47.42
N LEU L 78 4.75 8.97 46.61
CA LEU L 78 3.73 10.00 46.86
C LEU L 78 2.51 9.35 47.56
N VAL L 79 1.82 10.15 48.36
CA VAL L 79 0.58 9.73 49.01
C VAL L 79 -0.44 10.84 48.76
N ASN L 80 -1.57 10.52 48.12
CA ASN L 80 -2.50 11.55 47.62
C ASN L 80 -1.68 12.63 46.87
N GLN L 81 -0.74 12.24 46.02
CA GLN L 81 0.02 13.13 45.10
C GLN L 81 0.90 14.11 45.89
N THR L 82 1.21 13.85 47.14
CA THR L 82 2.12 14.72 47.92
C THR L 82 3.01 13.84 48.80
N GLU L 83 3.87 14.47 49.57
CA GLU L 83 4.95 13.79 50.31
C GLU L 83 4.40 13.25 51.64
N LEU L 84 3.59 14.05 52.31
CA LEU L 84 3.09 13.85 53.69
C LEU L 84 1.59 13.58 53.66
N PHE L 85 1.13 12.67 54.50
CA PHE L 85 -0.30 12.34 54.74
C PHE L 85 -0.61 12.59 56.22
N VAL L 86 -1.63 13.40 56.47
CA VAL L 86 -2.17 13.73 57.81
C VAL L 86 -3.60 13.20 57.88
N PRO L 87 -3.88 12.17 58.68
CA PRO L 87 -5.27 11.76 58.92
C PRO L 87 -6.10 12.94 59.46
N SER L 88 -7.29 13.08 58.93
CA SER L 88 -8.29 14.11 59.35
C SER L 88 -9.53 13.44 59.98
N LEU L 89 -10.53 14.23 60.38
CA LEU L 89 -11.79 13.73 61.00
C LEU L 89 -12.55 12.83 59.98
N ASN L 90 -12.99 11.64 60.38
CA ASN L 90 -13.80 10.72 59.53
C ASN L 90 -15.26 11.16 59.50
N VAL L 91 -15.79 11.43 58.32
CA VAL L 91 -17.21 11.82 58.14
C VAL L 91 -18.07 10.56 57.84
N ASP L 92 -19.11 10.36 58.64
CA ASP L 92 -20.09 9.25 58.51
C ASP L 92 -19.36 7.90 58.53
N GLY L 93 -18.37 7.75 59.42
CA GLY L 93 -17.60 6.50 59.58
C GLY L 93 -16.85 6.11 58.33
N GLN L 94 -16.69 7.00 57.35
CA GLN L 94 -15.94 6.69 56.10
C GLN L 94 -14.45 6.83 56.42
N PRO L 95 -13.65 5.80 56.13
CA PRO L 95 -12.20 5.90 56.30
C PRO L 95 -11.59 6.86 55.26
N ILE L 96 -10.46 7.46 55.59
CA ILE L 96 -9.71 8.39 54.69
C ILE L 96 -8.78 7.51 53.86
N PHE L 97 -8.80 7.68 52.54
CA PHE L 97 -7.89 6.93 51.64
C PHE L 97 -6.56 7.65 51.57
N ALA L 98 -5.50 6.89 51.82
CA ALA L 98 -4.11 7.27 51.52
C ALA L 98 -3.62 6.49 50.31
N ASN L 99 -3.73 7.08 49.13
CA ASN L 99 -3.34 6.40 47.85
C ASN L 99 -1.84 6.66 47.64
N ILE L 100 -1.09 5.60 47.72
CA ILE L 100 0.38 5.58 47.61
C ILE L 100 0.72 5.19 46.16
N THR L 101 1.45 6.05 45.45
CA THR L 101 1.83 5.88 44.03
C THR L 101 3.33 6.10 43.85
N LEU L 102 3.85 5.52 42.75
CA LEU L 102 5.13 5.98 42.18
C LEU L 102 5.00 7.42 41.79
N PRO L 103 6.00 8.27 42.08
CA PRO L 103 6.17 9.51 41.35
C PRO L 103 6.69 9.21 39.92
N VAL L 104 6.57 10.20 39.06
CA VAL L 104 7.38 10.28 37.82
C VAL L 104 8.80 10.67 38.22
N TYR L 105 9.68 9.71 38.46
CA TYR L 105 11.08 10.02 38.79
C TYR L 105 11.69 10.72 37.58
N THR L 106 12.66 11.63 37.80
CA THR L 106 13.49 12.15 36.68
C THR L 106 14.13 10.90 36.08
N LEU L 107 14.49 10.96 34.82
CA LEU L 107 15.24 9.87 34.18
C LEU L 107 16.54 9.62 34.97
N LYS L 108 17.22 10.66 35.38
CA LYS L 108 18.48 10.50 36.16
C LYS L 108 18.18 9.74 37.46
N GLU L 109 17.15 10.14 38.23
CA GLU L 109 16.91 9.44 39.50
C GLU L 109 16.59 7.97 39.19
N ARG L 110 15.79 7.72 38.16
CA ARG L 110 15.43 6.32 37.82
C ARG L 110 16.68 5.52 37.44
N CYS L 111 17.60 6.05 36.62
CA CYS L 111 18.84 5.37 36.28
C CYS L 111 19.68 5.12 37.55
N LEU L 112 19.81 6.10 38.45
CA LEU L 112 20.55 5.87 39.70
C LEU L 112 19.94 4.70 40.45
N GLN L 113 18.59 4.59 40.48
CA GLN L 113 17.91 3.48 41.21
C GLN L 113 18.38 2.16 40.62
N VAL L 114 18.38 2.05 39.31
CA VAL L 114 18.67 0.75 38.64
C VAL L 114 20.16 0.44 38.86
N VAL L 115 21.05 1.43 38.75
CA VAL L 115 22.50 1.16 38.95
C VAL L 115 22.73 0.76 40.41
N ARG L 116 22.13 1.44 41.39
CA ARG L 116 22.23 1.02 42.82
C ARG L 116 21.72 -0.42 43.00
N SER L 117 20.69 -0.82 42.26
CA SER L 117 20.11 -2.18 42.40
C SER L 117 21.11 -3.25 41.87
N LEU L 118 22.07 -2.87 41.01
CA LEU L 118 22.95 -3.84 40.30
C LEU L 118 24.36 -3.83 40.90
N VAL L 119 24.76 -2.77 41.58
CA VAL L 119 26.19 -2.54 41.94
C VAL L 119 26.25 -2.39 43.46
N LYS L 120 27.04 -3.24 44.11
CA LYS L 120 27.34 -3.17 45.55
C LYS L 120 28.04 -1.84 45.77
N PRO L 121 27.65 -1.11 46.84
CA PRO L 121 28.19 0.24 47.05
C PRO L 121 29.73 0.34 47.15
N GLU L 122 30.43 -0.76 47.49
CA GLU L 122 31.93 -0.84 47.47
C GLU L 122 32.44 -0.61 46.04
N ASN L 123 31.62 -0.87 45.02
CA ASN L 123 32.02 -0.94 43.58
C ASN L 123 31.63 0.33 42.82
N TYR L 124 30.87 1.26 43.43
CA TYR L 124 30.40 2.49 42.73
C TYR L 124 31.59 3.22 42.07
N ARG L 125 32.65 3.34 42.86
CA ARG L 125 33.88 4.07 42.46
C ARG L 125 34.60 3.29 41.35
N ARG L 126 34.27 2.02 41.07
CA ARG L 126 34.86 1.23 39.93
C ARG L 126 34.06 1.41 38.61
N LEU L 127 32.93 2.11 38.59
CA LEU L 127 32.14 2.29 37.33
C LEU L 127 32.83 3.31 36.42
N ASP L 128 32.75 3.14 35.10
CA ASP L 128 33.40 4.09 34.18
C ASP L 128 32.42 5.24 33.88
N ILE L 129 32.33 6.20 34.81
CA ILE L 129 31.46 7.41 34.73
C ILE L 129 32.22 8.58 35.37
N VAL L 130 31.79 9.81 35.09
CA VAL L 130 32.32 11.04 35.74
C VAL L 130 32.15 10.94 37.28
N ARG L 131 33.09 11.54 37.99
CA ARG L 131 33.20 11.46 39.46
C ARG L 131 31.96 12.05 40.15
N SER L 132 31.35 13.09 39.62
CA SER L 132 30.12 13.70 40.18
C SER L 132 29.03 12.62 40.32
N LEU L 133 28.95 11.67 39.38
CA LEU L 133 27.88 10.63 39.36
C LEU L 133 28.19 9.59 40.45
N TYR L 134 29.45 9.37 40.85
CA TYR L 134 29.77 8.51 42.03
C TYR L 134 29.07 9.05 43.28
N GLU L 135 29.14 10.36 43.45
CA GLU L 135 28.58 11.06 44.63
C GLU L 135 27.05 10.97 44.54
N ASP L 136 26.48 11.03 43.33
CA ASP L 136 25.02 10.89 43.14
C ASP L 136 24.60 9.46 43.51
N LEU L 137 25.37 8.44 43.12
CA LEU L 137 25.04 7.03 43.50
C LEU L 137 25.09 6.90 45.02
N GLU L 138 26.12 7.46 45.65
CA GLU L 138 26.36 7.31 47.10
C GLU L 138 25.30 8.06 47.88
N ASP L 139 24.70 9.12 47.36
CA ASP L 139 23.65 9.88 48.09
C ASP L 139 22.28 9.13 48.03
N HIS L 140 22.21 7.91 48.61
CA HIS L 140 21.02 7.03 48.75
C HIS L 140 19.82 7.82 49.28
N PRO L 141 18.59 7.59 48.79
CA PRO L 141 17.41 8.17 49.40
C PRO L 141 17.37 7.77 50.88
N ASN L 142 16.89 8.64 51.73
CA ASN L 142 17.15 8.60 53.19
C ASN L 142 16.03 9.44 53.77
N VAL L 143 15.16 8.87 54.61
CA VAL L 143 14.04 9.61 55.23
C VAL L 143 14.61 10.79 56.01
N GLN L 144 15.68 10.59 56.80
CA GLN L 144 16.21 11.68 57.69
C GLN L 144 16.61 12.88 56.80
N LYS L 145 17.31 12.65 55.68
CA LYS L 145 17.68 13.72 54.69
C LYS L 145 16.39 14.43 54.19
N ASP L 146 15.35 13.68 53.82
CA ASP L 146 14.13 14.30 53.24
C ASP L 146 13.39 15.12 54.29
N LEU L 147 13.33 14.63 55.53
CA LEU L 147 12.72 15.42 56.64
C LEU L 147 13.49 16.73 56.79
N GLU L 148 14.82 16.69 56.67
CA GLU L 148 15.66 17.94 56.72
C GLU L 148 15.23 18.86 55.59
N ARG L 149 15.10 18.36 54.36
CA ARG L 149 14.73 19.18 53.16
C ARG L 149 13.34 19.78 53.40
N LEU L 150 12.35 18.97 53.83
CA LEU L 150 10.94 19.41 54.01
C LEU L 150 10.88 20.51 55.07
N THR L 151 11.66 20.41 56.16
CA THR L 151 11.72 21.43 57.24
C THR L 151 12.24 22.76 56.67
N GLN L 152 13.22 22.73 55.76
CA GLN L 152 13.82 23.95 55.13
C GLN L 152 12.78 24.61 54.21
N GLU L 153 12.03 23.81 53.43
CA GLU L 153 10.97 24.31 52.53
C GLU L 153 9.85 24.94 53.37
N ARG L 154 9.55 24.42 54.57
CA ARG L 154 8.54 25.00 55.52
C ARG L 154 8.92 26.43 55.96
N ILE L 155 10.20 26.69 56.25
CA ILE L 155 10.75 28.00 56.77
C ILE L 155 10.61 29.08 55.68
N ALA L 156 11.15 28.84 54.48
CA ALA L 156 11.11 29.78 53.32
C ALA L 156 9.73 29.77 52.63
#